data_8OW6
#
_entry.id   8OW6
#
_cell.length_a   90.610
_cell.length_b   90.610
_cell.length_c   155.610
_cell.angle_alpha   90.000
_cell.angle_beta   90.000
_cell.angle_gamma   120.000
#
_symmetry.space_group_name_H-M   'P 3 1 2'
#
loop_
_entity.id
_entity.type
_entity.pdbx_description
1 polymer 'Peridinin-chl a protein'
2 polymer 'Peridinin-chl a protein'
3 non-polymer 'CHLOROPHYLL A'
4 non-polymer PERIDININ
5 non-polymer '[(2~{S})-3-[(2~{R},3~{R},4~{S},5~{R},6~{R})-6-[[(2~{S},3~{R},4~{S},5~{R},6~{R})-6-(hydroxymethyl)-3,4,5-tris(oxidanyl)oxan-2-yl]oxymethyl]-3,4,5-tris(oxidanyl)oxan-2-yl]oxy-2-[(6~{Z},9~{Z},12~{Z},15~{Z})-octadeca-6,9,12,15-tetraenoyl]oxy-propyl] (6~{Z},9~{Z},12~{Z},15~{Z})-octadeca-6,9,12,15-tetraenoate'
6 non-polymer 'POTASSIUM ION'
7 non-polymer 'PHOSPHATE ION'
8 non-polymer 'CHLORIDE ION'
9 water water
#
loop_
_entity_poly.entity_id
_entity_poly.type
_entity_poly.pdbx_seq_one_letter_code
_entity_poly.pdbx_strand_id
1 'polypeptide(L)'
;DKIDDAAKKLSEASYPFLKEIDWSSDVYGKL(HYP)TANPFQVLKAVDKMIVMGAAMDSAALKAGAEAHHKAIGSIDAKG
VTTLADYEAVNAAIGHMVASAGESKTMDVYNAFAGFNLGKDVGPYMMSKVNAADASAAYKAFLEFKDAVKASQ
;
A,C
2 'polypeptide(L)'
;DKIDDAAKKLSAASYPFLKEIDWSSDVYAKL(HYP)TAGPFDVLKAIDKMIVMGAAMDGAALKAGAEAHHKALGSIDAKG
VTSLADYTAINAAIGHMVASAGESKTMDVYNAFDSFSLGKDVGPYMMSKVSANDASKAYKAFLEFKDAVKASQ
;
B,D
#
loop_
_chem_comp.id
_chem_comp.type
_chem_comp.name
_chem_comp.formula
CL non-polymer 'CHLORIDE ION' 'Cl -1'
CLA non-polymer 'CHLOROPHYLL A' 'C55 H72 Mg N4 O5'
K non-polymer 'POTASSIUM ION' 'K 1'
PID non-polymer PERIDININ 'C39 H50 O7'
PO4 non-polymer 'PHOSPHATE ION' 'O4 P -3'
W4O non-polymer '[(2~{S})-3-[(2~{R},3~{R},4~{S},5~{R},6~{R})-6-[[(2~{S},3~{R},4~{S},5~{R},6~{R})-6-(hydroxymethyl)-3,4,5-tris(oxidanyl)oxan-2-yl]oxymethyl]-3,4,5-tris(oxidanyl)oxan-2-yl]oxy-2-[(6~{Z},9~{Z},12~{Z},15~{Z})-octadeca-6,9,12,15-tetraenoyl]oxy-propyl] (6~{Z},9~{Z},12~{Z},15~{Z})-octadeca-6,9,12,15-tetraenoate' 'C51 H80 O15'
#
# COMPACT_ATOMS: atom_id res chain seq x y z
N ASP A 1 20.59 -5.14 -17.51
CA ASP A 1 19.98 -6.45 -17.95
C ASP A 1 19.66 -6.42 -19.44
N LYS A 2 18.92 -7.39 -19.92
CA LYS A 2 18.65 -7.45 -21.34
C LYS A 2 17.68 -6.37 -21.80
N ILE A 3 16.74 -5.97 -20.95
CA ILE A 3 15.92 -4.82 -21.26
C ILE A 3 16.76 -3.55 -21.34
N ASP A 4 17.69 -3.38 -20.40
CA ASP A 4 18.59 -2.23 -20.47
C ASP A 4 19.37 -2.24 -21.79
N ASP A 5 19.92 -3.39 -22.15
CA ASP A 5 20.67 -3.48 -23.40
C ASP A 5 19.79 -3.14 -24.59
N ALA A 6 18.57 -3.67 -24.60
CA ALA A 6 17.68 -3.40 -25.71
C ALA A 6 17.27 -1.94 -25.74
N ALA A 7 17.11 -1.32 -24.57
CA ALA A 7 16.78 0.10 -24.52
C ALA A 7 17.86 0.96 -25.18
N LYS A 8 19.12 0.66 -24.97
CA LYS A 8 20.17 1.39 -25.64
C LYS A 8 19.97 1.33 -27.16
N LYS A 9 19.70 0.13 -27.67
CA LYS A 9 19.55 -0.04 -29.11
C LYS A 9 18.32 0.69 -29.61
N LEU A 10 17.22 0.57 -28.90
CA LEU A 10 16.01 1.25 -29.32
C LEU A 10 16.23 2.75 -29.36
N SER A 11 16.88 3.28 -28.32
CA SER A 11 17.03 4.72 -28.19
C SER A 11 17.89 5.27 -29.33
N GLU A 12 19.01 4.62 -29.61
CA GLU A 12 19.90 5.11 -30.64
C GLU A 12 19.25 5.04 -32.03
N ALA A 13 18.43 4.05 -32.29
CA ALA A 13 17.81 3.90 -33.60
C ALA A 13 16.62 4.83 -33.78
N SER A 14 15.95 5.19 -32.68
CA SER A 14 14.72 5.97 -32.74
C SER A 14 14.91 7.44 -32.39
N TYR A 15 16.10 7.84 -31.95
CA TYR A 15 16.33 9.23 -31.60
C TYR A 15 16.15 10.19 -32.76
N PRO A 16 16.56 9.88 -33.99
CA PRO A 16 16.28 10.82 -35.09
C PRO A 16 14.81 11.21 -35.20
N PHE A 17 13.92 10.22 -35.13
CA PHE A 17 12.47 10.45 -35.10
C PHE A 17 12.09 11.35 -33.92
N LEU A 18 12.57 11.04 -32.73
CA LEU A 18 12.20 11.83 -31.56
C LEU A 18 12.58 13.29 -31.74
N LYS A 19 13.75 13.56 -32.32
CA LYS A 19 14.22 14.92 -32.53
C LYS A 19 13.41 15.67 -33.57
N GLU A 20 12.69 14.97 -34.44
CA GLU A 20 11.96 15.61 -35.52
C GLU A 20 10.57 16.04 -35.13
N ILE A 21 10.03 15.48 -34.07
CA ILE A 21 8.67 15.77 -33.67
C ILE A 21 8.60 17.19 -33.15
N ASP A 22 7.55 17.92 -33.52
CA ASP A 22 7.33 19.28 -33.03
C ASP A 22 6.71 19.22 -31.63
N TRP A 23 7.55 19.30 -30.60
CA TRP A 23 7.10 19.12 -29.23
C TRP A 23 6.34 20.32 -28.71
N SER A 24 6.34 21.42 -29.44
CA SER A 24 5.62 22.63 -29.05
C SER A 24 4.19 22.68 -29.59
N SER A 25 3.77 21.75 -30.42
CA SER A 25 2.48 21.84 -31.03
C SER A 25 1.37 21.44 -30.07
N ASP A 26 0.22 22.08 -30.22
CA ASP A 26 -0.95 21.80 -29.38
C ASP A 26 -1.77 20.65 -29.91
N VAL A 27 -1.35 20.05 -31.01
CA VAL A 27 -2.15 19.06 -31.68
C VAL A 27 -2.40 17.83 -30.80
N TYR A 28 -1.44 17.49 -29.93
CA TYR A 28 -1.47 16.24 -29.20
C TYR A 28 -2.53 16.20 -28.11
N GLY A 29 -3.11 17.36 -27.79
CA GLY A 29 -4.09 17.42 -26.74
C GLY A 29 -5.42 16.80 -27.08
N LYS A 30 -5.73 16.66 -28.37
CA LYS A 30 -7.00 16.18 -28.85
C LYS A 30 -6.79 15.09 -29.88
N LEU A 31 -7.64 14.07 -29.85
CA LEU A 31 -7.77 13.11 -30.92
C LEU A 31 -9.07 13.44 -31.67
N HYP A 32 -8.96 14.16 -32.78
CA HYP A 32 -10.18 14.77 -33.40
C HYP A 32 -11.18 13.77 -34.02
O HYP A 32 -12.34 14.11 -34.21
CB HYP A 32 -9.65 15.70 -34.46
CG HYP A 32 -8.30 16.09 -33.94
CD HYP A 32 -7.84 14.73 -33.52
OD1 HYP A 32 -8.29 17.00 -32.94
HA HYP A 32 -10.70 15.23 -32.72
HB2 HYP A 32 -10.20 16.50 -34.60
HB3 HYP A 32 -9.56 15.29 -35.34
HG HYP A 32 -7.70 16.54 -34.56
HD22 HYP A 32 -7.61 14.19 -34.29
HD23 HYP A 32 -7.03 14.78 -32.98
HD1 HYP A 32 -7.48 17.14 -32.69
N THR A 33 -10.70 12.57 -34.25
CA THR A 33 -11.47 11.56 -34.94
C THR A 33 -12.33 10.74 -33.99
N ALA A 34 -12.23 11.03 -32.70
CA ALA A 34 -12.94 10.27 -31.68
C ALA A 34 -13.65 11.21 -30.72
N ASN A 35 -14.79 10.77 -30.18
CA ASN A 35 -15.38 11.61 -29.16
C ASN A 35 -14.72 11.30 -27.82
N PRO A 36 -14.86 12.18 -26.85
CA PRO A 36 -14.12 12.00 -25.59
C PRO A 36 -14.45 10.70 -24.89
N PHE A 37 -15.70 10.21 -24.97
CA PHE A 37 -16.04 8.96 -24.31
C PHE A 37 -15.34 7.77 -24.97
N GLN A 38 -15.04 7.87 -26.26
CA GLN A 38 -14.24 6.84 -26.92
C GLN A 38 -12.80 6.90 -26.44
N VAL A 39 -12.27 8.11 -26.26
CA VAL A 39 -10.91 8.24 -25.78
C VAL A 39 -10.81 7.70 -24.35
N LEU A 40 -11.84 7.90 -23.56
CA LEU A 40 -11.82 7.42 -22.20
C LEU A 40 -11.72 5.90 -22.10
N LYS A 41 -12.23 5.17 -23.10
CA LYS A 41 -12.11 3.73 -23.08
C LYS A 41 -10.65 3.30 -23.15
N ALA A 42 -9.86 3.98 -23.96
CA ALA A 42 -8.43 3.72 -24.03
C ALA A 42 -7.70 4.21 -22.79
N VAL A 43 -8.13 5.36 -22.25
CA VAL A 43 -7.54 5.84 -21.00
C VAL A 43 -7.79 4.82 -19.90
N ASP A 44 -8.99 4.26 -19.85
CA ASP A 44 -9.27 3.24 -18.86
C ASP A 44 -8.24 2.12 -18.93
N LYS A 45 -8.00 1.60 -20.13
CA LYS A 45 -7.07 0.49 -20.28
C LYS A 45 -5.66 0.88 -19.84
N MET A 46 -5.26 2.13 -20.09
CA MET A 46 -3.92 2.55 -19.66
C MET A 46 -3.87 2.71 -18.13
N ILE A 47 -4.94 3.17 -17.52
CA ILE A 47 -4.98 3.22 -16.07
C ILE A 47 -4.89 1.82 -15.49
N VAL A 48 -5.59 0.86 -16.07
CA VAL A 48 -5.55 -0.52 -15.61
C VAL A 48 -4.16 -1.09 -15.77
N MET A 49 -3.52 -0.80 -16.88
CA MET A 49 -2.16 -1.24 -17.10
C MET A 49 -1.22 -0.64 -16.07
N GLY A 50 -1.37 0.65 -15.79
CA GLY A 50 -0.50 1.31 -14.84
C GLY A 50 -0.67 0.77 -13.44
N ALA A 51 -1.91 0.47 -13.06
CA ALA A 51 -2.17 -0.13 -11.76
C ALA A 51 -1.56 -1.52 -11.64
N ALA A 52 -1.32 -2.19 -12.75
CA ALA A 52 -0.68 -3.48 -12.79
C ALA A 52 0.84 -3.39 -12.74
N MET A 53 1.42 -2.21 -12.82
CA MET A 53 2.86 -2.07 -12.86
C MET A 53 3.47 -2.13 -11.46
N ASP A 54 4.70 -2.62 -11.39
CA ASP A 54 5.45 -2.59 -10.15
C ASP A 54 5.70 -1.15 -9.72
N SER A 55 5.43 -0.85 -8.46
CA SER A 55 5.69 0.48 -7.96
C SER A 55 7.14 0.88 -8.16
N ALA A 56 8.06 -0.05 -7.98
CA ALA A 56 9.46 0.27 -8.15
C ALA A 56 9.77 0.68 -9.58
N ALA A 57 9.14 0.02 -10.55
CA ALA A 57 9.35 0.36 -11.94
C ALA A 57 8.72 1.69 -12.29
N LEU A 58 7.51 1.94 -11.77
CA LEU A 58 6.84 3.20 -12.00
C LEU A 58 7.65 4.36 -11.46
N LYS A 59 8.18 4.21 -10.24
CA LYS A 59 8.95 5.29 -9.64
C LYS A 59 10.21 5.57 -10.44
N ALA A 60 10.87 4.52 -10.93
CA ALA A 60 12.03 4.69 -11.79
C ALA A 60 11.65 5.40 -13.08
N GLY A 61 10.51 5.04 -13.65
CA GLY A 61 10.04 5.73 -14.84
C GLY A 61 9.75 7.19 -14.61
N ALA A 62 9.14 7.51 -13.47
CA ALA A 62 8.87 8.90 -13.14
C ALA A 62 10.14 9.69 -12.98
N GLU A 63 11.11 9.16 -12.24
CA GLU A 63 12.38 9.84 -12.06
C GLU A 63 13.09 10.04 -13.39
N ALA A 64 13.05 9.05 -14.26
CA ALA A 64 13.71 9.18 -15.57
C ALA A 64 13.09 10.31 -16.39
N HIS A 65 11.76 10.48 -16.36
CA HIS A 65 11.15 11.58 -17.08
C HIS A 65 11.44 12.92 -16.42
N HIS A 66 11.51 12.95 -15.10
CA HIS A 66 11.92 14.16 -14.40
C HIS A 66 13.30 14.62 -14.84
N LYS A 67 14.26 13.70 -14.89
CA LYS A 67 15.57 14.05 -15.39
C LYS A 67 15.51 14.48 -16.84
N ALA A 68 14.73 13.80 -17.66
CA ALA A 68 14.69 14.10 -19.08
C ALA A 68 14.16 15.51 -19.31
N ILE A 69 13.17 15.93 -18.54
CA ILE A 69 12.70 17.29 -18.65
C ILE A 69 13.84 18.27 -18.35
N GLY A 70 14.72 17.91 -17.44
CA GLY A 70 15.81 18.80 -17.08
C GLY A 70 16.83 19.03 -18.17
N SER A 71 16.93 18.15 -19.15
CA SER A 71 17.96 18.22 -20.17
C SER A 71 17.43 18.57 -21.57
N ILE A 72 16.22 19.10 -21.68
CA ILE A 72 15.65 19.42 -22.99
C ILE A 72 16.39 20.58 -23.61
N ASP A 73 16.48 20.56 -24.94
CA ASP A 73 17.05 21.67 -25.71
C ASP A 73 15.98 22.71 -26.01
N ALA A 74 16.33 23.71 -26.83
CA ALA A 74 15.41 24.79 -27.13
C ALA A 74 14.16 24.31 -27.84
N LYS A 75 14.22 23.15 -28.49
CA LYS A 75 13.09 22.58 -29.21
C LYS A 75 12.30 21.60 -28.36
N GLY A 76 12.65 21.41 -27.10
CA GLY A 76 11.95 20.48 -26.26
C GLY A 76 12.45 19.05 -26.25
N VAL A 77 13.58 18.77 -26.89
CA VAL A 77 14.03 17.40 -27.06
C VAL A 77 15.08 17.09 -26.01
N THR A 78 14.83 16.05 -25.22
CA THR A 78 15.76 15.58 -24.21
C THR A 78 16.96 14.92 -24.88
N THR A 79 17.97 14.64 -24.06
CA THR A 79 19.17 14.06 -24.60
C THR A 79 18.99 12.57 -24.87
N LEU A 80 19.81 12.05 -25.75
CA LEU A 80 19.84 10.63 -25.99
C LEU A 80 20.04 9.85 -24.71
N ALA A 81 20.94 10.29 -23.85
CA ALA A 81 21.22 9.54 -22.63
C ALA A 81 19.99 9.46 -21.73
N ASP A 82 19.26 10.57 -21.61
CA ASP A 82 18.06 10.57 -20.80
C ASP A 82 16.91 9.88 -21.49
N TYR A 83 16.86 9.95 -22.82
CA TYR A 83 15.93 9.12 -23.60
C TYR A 83 16.16 7.63 -23.35
N GLU A 84 17.41 7.18 -23.28
CA GLU A 84 17.68 5.78 -23.05
C GLU A 84 17.20 5.35 -21.69
N ALA A 85 17.38 6.19 -20.67
CA ALA A 85 16.93 5.86 -19.32
C ALA A 85 15.41 5.78 -19.27
N VAL A 86 14.75 6.64 -20.02
CA VAL A 86 13.29 6.58 -20.13
C VAL A 86 12.85 5.27 -20.75
N ASN A 87 13.47 4.89 -21.86
CA ASN A 87 13.08 3.66 -22.53
C ASN A 87 13.38 2.44 -21.67
N ALA A 88 14.52 2.40 -21.01
CA ALA A 88 14.81 1.29 -20.11
C ALA A 88 13.77 1.18 -19.01
N ALA A 89 13.38 2.31 -18.43
CA ALA A 89 12.38 2.31 -17.37
C ALA A 89 11.02 1.86 -17.89
N ILE A 90 10.59 2.41 -19.00
CA ILE A 90 9.31 1.99 -19.58
C ILE A 90 9.32 0.51 -19.92
N GLY A 91 10.43 0.00 -20.46
CA GLY A 91 10.54 -1.43 -20.71
C GLY A 91 10.31 -2.25 -19.44
N HIS A 92 10.92 -1.83 -18.34
CA HIS A 92 10.69 -2.53 -17.08
C HIS A 92 9.26 -2.34 -16.57
N MET A 93 8.68 -1.17 -16.78
CA MET A 93 7.27 -0.98 -16.45
C MET A 93 6.36 -1.91 -17.23
N VAL A 94 6.53 -1.94 -18.56
CA VAL A 94 5.69 -2.79 -19.41
C VAL A 94 5.89 -4.26 -19.06
N ALA A 95 7.14 -4.67 -18.80
CA ALA A 95 7.41 -6.03 -18.38
C ALA A 95 6.55 -6.40 -17.17
N SER A 96 6.56 -5.53 -16.15
CA SER A 96 5.84 -5.82 -14.91
C SER A 96 4.32 -5.83 -15.10
N ALA A 97 3.78 -5.07 -16.05
CA ALA A 97 2.34 -5.06 -16.27
C ALA A 97 1.85 -6.34 -16.92
N GLY A 98 2.70 -7.04 -17.67
CA GLY A 98 2.28 -8.23 -18.37
C GLY A 98 1.71 -7.93 -19.73
N GLU A 99 1.58 -9.02 -20.52
CA GLU A 99 1.21 -8.90 -21.92
C GLU A 99 -0.27 -8.58 -22.11
N SER A 100 -1.14 -9.26 -21.37
N SER A 100 -1.16 -9.25 -21.38
CA SER A 100 -2.58 -9.10 -21.56
CA SER A 100 -2.57 -9.07 -21.65
C SER A 100 -3.00 -7.65 -21.40
C SER A 100 -3.02 -7.62 -21.41
N LYS A 101 -2.58 -7.01 -20.32
CA LYS A 101 -2.99 -5.63 -20.04
C LYS A 101 -2.34 -4.63 -21.01
N THR A 102 -1.13 -4.91 -21.47
CA THR A 102 -0.51 -4.09 -22.50
C THR A 102 -1.22 -4.25 -23.84
N MET A 103 -1.57 -5.49 -24.23
CA MET A 103 -2.31 -5.67 -25.47
C MET A 103 -3.69 -5.06 -25.38
N ASP A 104 -4.29 -5.00 -24.20
CA ASP A 104 -5.58 -4.33 -24.06
C ASP A 104 -5.51 -2.86 -24.45
N VAL A 105 -4.36 -2.22 -24.24
CA VAL A 105 -4.20 -0.83 -24.66
C VAL A 105 -4.13 -0.73 -26.17
N TYR A 106 -3.27 -1.53 -26.81
CA TYR A 106 -3.25 -1.59 -28.27
C TYR A 106 -4.66 -1.81 -28.81
N ASN A 107 -5.38 -2.79 -28.26
CA ASN A 107 -6.69 -3.14 -28.78
C ASN A 107 -7.66 -1.96 -28.65
N ALA A 108 -7.56 -1.20 -27.57
CA ALA A 108 -8.42 -0.03 -27.41
C ALA A 108 -8.08 1.05 -28.43
N PHE A 109 -6.79 1.25 -28.71
CA PHE A 109 -6.41 2.23 -29.71
C PHE A 109 -6.70 1.78 -31.13
N ALA A 110 -6.74 0.47 -31.35
CA ALA A 110 -7.10 -0.06 -32.65
C ALA A 110 -8.50 0.40 -33.05
N GLY A 111 -9.36 0.66 -32.10
CA GLY A 111 -10.70 1.14 -32.35
C GLY A 111 -10.80 2.54 -32.90
N PHE A 112 -9.68 3.23 -33.07
CA PHE A 112 -9.65 4.54 -33.68
C PHE A 112 -9.21 4.52 -35.13
N ASN A 113 -8.68 3.40 -35.62
CA ASN A 113 -8.10 3.29 -36.95
C ASN A 113 -7.22 4.50 -37.25
N LEU A 114 -6.20 4.66 -36.41
CA LEU A 114 -5.27 5.77 -36.54
C LEU A 114 -4.48 5.69 -37.83
N GLY A 115 -4.35 4.50 -38.40
CA GLY A 115 -3.58 4.33 -39.62
C GLY A 115 -4.16 5.05 -40.80
N LYS A 116 -5.43 5.43 -40.72
CA LYS A 116 -6.10 6.11 -41.81
C LYS A 116 -5.74 7.59 -41.84
N ASP A 117 -5.59 8.21 -40.69
CA ASP A 117 -5.46 9.65 -40.63
C ASP A 117 -4.32 10.09 -39.72
N VAL A 118 -4.46 9.88 -38.41
CA VAL A 118 -3.53 10.40 -37.42
C VAL A 118 -2.11 9.91 -37.69
N GLY A 119 -1.96 8.62 -37.96
CA GLY A 119 -0.65 8.07 -38.19
C GLY A 119 0.06 8.71 -39.36
N PRO A 120 -0.58 8.69 -40.55
CA PRO A 120 0.04 9.31 -41.72
C PRO A 120 0.25 10.80 -41.58
N TYR A 121 -0.65 11.50 -40.89
CA TYR A 121 -0.45 12.92 -40.63
C TYR A 121 0.79 13.16 -39.79
N MET A 122 0.95 12.40 -38.71
CA MET A 122 2.13 12.54 -37.87
C MET A 122 3.39 12.18 -38.65
N MET A 123 3.36 11.10 -39.39
CA MET A 123 4.52 10.73 -40.19
C MET A 123 4.88 11.80 -41.21
N SER A 124 3.90 12.47 -41.78
CA SER A 124 4.16 13.46 -42.80
C SER A 124 4.92 14.66 -42.27
N LYS A 125 4.99 14.83 -40.97
CA LYS A 125 5.66 15.96 -40.35
C LYS A 125 7.08 15.63 -39.91
N VAL A 126 7.51 14.40 -40.05
CA VAL A 126 8.84 13.98 -39.70
C VAL A 126 9.46 13.33 -40.93
N ASN A 127 10.66 12.78 -40.77
CA ASN A 127 11.32 12.01 -41.84
C ASN A 127 10.75 10.62 -41.85
N ALA A 128 10.17 10.20 -42.96
CA ALA A 128 9.48 8.91 -42.98
C ALA A 128 10.43 7.76 -42.71
N ALA A 129 11.63 7.81 -43.30
CA ALA A 129 12.58 6.73 -43.06
C ALA A 129 12.95 6.65 -41.57
N ASP A 130 13.08 7.80 -40.90
CA ASP A 130 13.40 7.80 -39.49
C ASP A 130 12.26 7.24 -38.66
N ALA A 131 11.02 7.56 -39.03
CA ALA A 131 9.86 6.96 -38.37
C ALA A 131 9.82 5.44 -38.56
N SER A 132 10.09 4.97 -39.78
CA SER A 132 10.13 3.54 -40.05
C SER A 132 11.22 2.86 -39.25
N ALA A 133 12.40 3.48 -39.14
CA ALA A 133 13.49 2.90 -38.38
C ALA A 133 13.18 2.84 -36.88
N ALA A 134 12.46 3.80 -36.37
CA ALA A 134 12.01 3.76 -34.98
C ALA A 134 11.07 2.60 -34.75
N TYR A 135 10.17 2.36 -35.70
CA TYR A 135 9.24 1.26 -35.57
C TYR A 135 9.93 -0.09 -35.69
N LYS A 136 10.86 -0.24 -36.65
CA LYS A 136 11.65 -1.45 -36.71
C LYS A 136 12.36 -1.68 -35.38
N ALA A 137 12.94 -0.63 -34.81
CA ALA A 137 13.63 -0.74 -33.52
C ALA A 137 12.67 -1.11 -32.39
N PHE A 138 11.47 -0.54 -32.40
CA PHE A 138 10.46 -0.89 -31.41
C PHE A 138 10.11 -2.36 -31.48
N LEU A 139 9.98 -2.90 -32.68
CA LEU A 139 9.63 -4.32 -32.82
C LEU A 139 10.69 -5.23 -32.23
N GLU A 140 11.97 -4.85 -32.33
CA GLU A 140 13.01 -5.63 -31.68
C GLU A 140 12.99 -5.44 -30.17
N PHE A 141 12.83 -4.21 -29.72
CA PHE A 141 12.79 -3.93 -28.29
C PHE A 141 11.71 -4.74 -27.59
N LYS A 142 10.50 -4.75 -28.14
CA LYS A 142 9.38 -5.41 -27.48
C LYS A 142 9.64 -6.89 -27.26
N ASP A 143 10.58 -7.47 -28.00
CA ASP A 143 10.94 -8.87 -27.83
C ASP A 143 11.69 -9.10 -26.52
N ALA A 144 12.57 -8.17 -26.14
CA ALA A 144 13.25 -8.25 -24.85
C ALA A 144 12.27 -8.05 -23.68
N VAL A 145 11.28 -7.18 -23.87
CA VAL A 145 10.26 -6.97 -22.84
C VAL A 145 9.46 -8.26 -22.66
N LYS A 146 9.02 -8.85 -23.77
CA LYS A 146 8.26 -10.08 -23.74
C LYS A 146 9.08 -11.22 -23.16
N ALA A 147 10.38 -11.26 -23.48
CA ALA A 147 11.25 -12.28 -22.89
C ALA A 147 11.24 -12.18 -21.38
N SER A 148 11.22 -10.97 -20.84
CA SER A 148 11.20 -10.79 -19.39
C SER A 148 9.87 -11.27 -18.80
N GLN A 149 8.78 -11.12 -19.52
CA GLN A 149 7.46 -11.52 -19.06
C GLN A 149 7.33 -13.03 -19.06
N ASP B 1 -10.86 5.34 7.91
CA ASP B 1 -10.00 6.23 8.73
C ASP B 1 -10.45 7.68 8.56
N LYS B 2 -9.68 8.60 9.10
CA LYS B 2 -10.09 10.01 9.06
C LYS B 2 -10.15 10.53 7.62
N ILE B 3 -9.22 10.10 6.76
CA ILE B 3 -9.28 10.55 5.38
C ILE B 3 -10.52 9.97 4.69
N ASP B 4 -10.86 8.71 4.99
CA ASP B 4 -12.05 8.12 4.42
C ASP B 4 -13.29 8.92 4.78
N ASP B 5 -13.42 9.28 6.05
CA ASP B 5 -14.58 10.03 6.50
C ASP B 5 -14.61 11.42 5.88
N ALA B 6 -13.46 12.09 5.81
CA ALA B 6 -13.42 13.41 5.19
C ALA B 6 -13.75 13.34 3.69
N ALA B 7 -13.36 12.26 3.03
CA ALA B 7 -13.69 12.07 1.61
C ALA B 7 -15.20 11.90 1.40
N LYS B 8 -15.88 11.20 2.32
CA LYS B 8 -17.31 11.03 2.18
C LYS B 8 -18.00 12.39 2.20
N LYS B 9 -17.55 13.25 3.11
CA LYS B 9 -18.11 14.60 3.25
C LYS B 9 -17.75 15.47 2.07
N LEU B 10 -16.47 15.49 1.69
CA LEU B 10 -16.05 16.31 0.56
C LEU B 10 -16.81 15.92 -0.70
N SER B 11 -16.93 14.62 -0.95
CA SER B 11 -17.55 14.16 -2.19
C SER B 11 -19.02 14.55 -2.26
N ALA B 12 -19.76 14.34 -1.16
CA ALA B 12 -21.17 14.73 -1.16
C ALA B 12 -21.33 16.22 -1.39
N ALA B 13 -20.45 17.04 -0.79
CA ALA B 13 -20.57 18.48 -0.89
C ALA B 13 -20.14 19.04 -2.23
N SER B 14 -19.26 18.35 -2.94
CA SER B 14 -18.73 18.82 -4.21
C SER B 14 -19.31 18.10 -5.41
N TYR B 15 -20.18 17.11 -5.19
CA TYR B 15 -20.79 16.40 -6.32
C TYR B 15 -21.64 17.32 -7.19
N PRO B 16 -22.36 18.31 -6.64
CA PRO B 16 -23.07 19.25 -7.52
C PRO B 16 -22.15 19.96 -8.50
N PHE B 17 -21.04 20.50 -8.03
CA PHE B 17 -20.02 21.07 -8.91
C PHE B 17 -19.54 20.04 -9.95
N LEU B 18 -19.21 18.84 -9.50
CA LEU B 18 -18.72 17.82 -10.41
C LEU B 18 -19.72 17.54 -11.51
N LYS B 19 -21.00 17.41 -11.13
N LYS B 19 -21.00 17.42 -11.14
CA LYS B 19 -22.05 17.14 -12.11
CA LYS B 19 -22.03 17.12 -12.13
C LYS B 19 -22.20 18.27 -13.12
C LYS B 19 -22.21 18.26 -13.12
N GLU B 20 -21.91 19.49 -12.72
CA GLU B 20 -22.16 20.66 -13.57
C GLU B 20 -21.12 20.87 -14.65
N ILE B 21 -19.92 20.34 -14.48
CA ILE B 21 -18.84 20.53 -15.44
C ILE B 21 -19.19 19.82 -16.74
N ASP B 22 -18.81 20.42 -17.87
CA ASP B 22 -19.01 19.80 -19.18
C ASP B 22 -17.82 18.90 -19.47
N TRP B 23 -17.99 17.62 -19.19
CA TRP B 23 -16.92 16.65 -19.35
C TRP B 23 -16.67 16.30 -20.80
N SER B 24 -17.52 16.73 -21.72
N SER B 24 -17.54 16.74 -21.71
CA SER B 24 -17.36 16.46 -23.13
CA SER B 24 -17.40 16.49 -23.13
C SER B 24 -16.62 17.56 -23.85
C SER B 24 -16.61 17.56 -23.84
N SER B 25 -16.28 18.64 -23.17
CA SER B 25 -15.59 19.77 -23.79
C SER B 25 -14.12 19.44 -24.01
N ASP B 26 -13.54 19.99 -25.08
N ASP B 26 -13.57 20.01 -25.08
CA ASP B 26 -12.12 19.82 -25.33
CA ASP B 26 -12.16 19.89 -25.43
C ASP B 26 -11.30 20.98 -24.80
C ASP B 26 -11.30 20.95 -24.77
N VAL B 27 -11.90 21.89 -24.04
CA VAL B 27 -11.15 23.04 -23.53
C VAL B 27 -10.00 22.62 -22.63
N TYR B 28 -10.14 21.51 -21.91
CA TYR B 28 -9.15 21.05 -20.95
C TYR B 28 -7.86 20.55 -21.60
N ALA B 29 -7.86 20.36 -22.91
CA ALA B 29 -6.70 19.86 -23.59
C ALA B 29 -5.57 20.87 -23.67
N LYS B 30 -5.87 22.16 -23.54
CA LYS B 30 -4.88 23.20 -23.69
C LYS B 30 -5.05 24.26 -22.62
N LEU B 31 -3.94 24.75 -22.11
CA LEU B 31 -3.91 25.93 -21.27
C LEU B 31 -3.41 27.11 -22.13
N HYP B 32 -4.31 27.99 -22.51
CA HYP B 32 -3.95 28.97 -23.56
C HYP B 32 -2.97 30.07 -23.10
O HYP B 32 -2.39 30.76 -23.93
CB HYP B 32 -5.26 29.63 -23.98
CG HYP B 32 -6.27 28.52 -23.82
CD HYP B 32 -5.80 28.06 -22.44
OD1 HYP B 32 -6.26 27.57 -24.78
HA HYP B 32 -3.51 28.53 -24.30
HB2 HYP B 32 -5.26 29.95 -24.89
HB3 HYP B 32 -5.51 30.39 -23.42
HG HYP B 32 -7.20 28.76 -23.87
HD22 HYP B 32 -6.10 28.67 -21.75
HD23 HYP B 32 -6.19 27.20 -22.21
HD1 HYP B 32 -6.78 26.93 -24.56
N THR B 33 -2.80 30.19 -21.79
CA THR B 33 -2.11 31.31 -21.21
C THR B 33 -0.69 30.96 -20.86
N ALA B 34 -0.27 29.77 -21.20
CA ALA B 34 1.10 29.34 -20.97
C ALA B 34 1.59 28.56 -22.18
N GLY B 35 2.85 28.74 -22.51
CA GLY B 35 3.47 27.94 -23.51
C GLY B 35 3.61 26.51 -23.08
N PRO B 36 3.69 25.61 -24.04
CA PRO B 36 3.76 24.18 -23.69
C PRO B 36 4.96 23.79 -22.84
N PHE B 37 6.10 24.44 -23.02
CA PHE B 37 7.26 24.16 -22.19
C PHE B 37 7.11 24.77 -20.81
N ASP B 38 6.27 25.77 -20.64
CA ASP B 38 5.92 26.25 -19.30
C ASP B 38 4.98 25.28 -18.59
N VAL B 39 4.03 24.71 -19.34
CA VAL B 39 3.18 23.67 -18.77
C VAL B 39 4.01 22.45 -18.40
N LEU B 40 4.95 22.06 -19.27
CA LEU B 40 5.82 20.93 -18.97
C LEU B 40 6.55 21.12 -17.67
N LYS B 41 6.89 22.35 -17.34
CA LYS B 41 7.61 22.65 -16.10
C LYS B 41 6.74 22.40 -14.88
N ALA B 42 5.42 22.62 -14.98
CA ALA B 42 4.53 22.30 -13.89
C ALA B 42 4.28 20.81 -13.84
N ILE B 43 4.15 20.18 -14.99
CA ILE B 43 4.03 18.73 -15.03
C ILE B 43 5.23 18.07 -14.35
N ASP B 44 6.42 18.66 -14.48
CA ASP B 44 7.58 18.12 -13.78
C ASP B 44 7.29 18.01 -12.29
N LYS B 45 6.66 19.01 -11.71
CA LYS B 45 6.39 18.97 -10.29
C LYS B 45 5.40 17.88 -9.95
N MET B 46 4.43 17.62 -10.81
CA MET B 46 3.47 16.55 -10.56
C MET B 46 4.11 15.19 -10.72
N ILE B 47 5.05 15.05 -11.68
CA ILE B 47 5.80 13.80 -11.81
C ILE B 47 6.60 13.51 -10.54
N VAL B 48 7.30 14.53 -10.04
CA VAL B 48 8.06 14.40 -8.80
C VAL B 48 7.14 14.00 -7.63
N MET B 49 6.01 14.69 -7.49
CA MET B 49 5.07 14.37 -6.43
C MET B 49 4.54 12.94 -6.56
N GLY B 50 4.21 12.52 -7.78
CA GLY B 50 3.72 11.17 -7.97
C GLY B 50 4.78 10.11 -7.68
N ALA B 51 6.03 10.41 -7.97
CA ALA B 51 7.10 9.50 -7.62
C ALA B 51 7.24 9.35 -6.11
N ALA B 52 6.78 10.34 -5.35
CA ALA B 52 6.88 10.32 -3.90
C ALA B 52 5.72 9.59 -3.23
N MET B 53 4.67 9.27 -3.98
CA MET B 53 3.53 8.63 -3.39
C MET B 53 3.83 7.16 -3.12
N ASP B 54 3.24 6.67 -2.06
CA ASP B 54 3.31 5.24 -1.76
C ASP B 54 2.72 4.47 -2.93
N GLY B 55 3.39 3.40 -3.30
CA GLY B 55 2.99 2.65 -4.48
C GLY B 55 1.62 2.07 -4.38
N ALA B 56 1.26 1.58 -3.20
CA ALA B 56 -0.03 0.97 -3.00
C ALA B 56 -1.15 2.00 -2.98
N ALA B 57 -0.88 3.19 -2.45
CA ALA B 57 -1.83 4.29 -2.53
C ALA B 57 -2.10 4.69 -3.97
N LEU B 58 -1.03 4.83 -4.77
CA LEU B 58 -1.22 5.15 -6.17
C LEU B 58 -2.03 4.07 -6.88
N LYS B 59 -1.71 2.81 -6.62
CA LYS B 59 -2.43 1.70 -7.20
C LYS B 59 -3.91 1.75 -6.84
N ALA B 60 -4.22 1.99 -5.57
CA ALA B 60 -5.61 2.13 -5.16
C ALA B 60 -6.29 3.30 -5.89
N GLY B 61 -5.55 4.37 -6.14
CA GLY B 61 -6.10 5.47 -6.90
C GLY B 61 -6.45 5.07 -8.31
N ALA B 62 -5.58 4.29 -8.94
CA ALA B 62 -5.90 3.89 -10.29
C ALA B 62 -7.09 2.94 -10.35
N GLU B 63 -7.16 2.00 -9.43
CA GLU B 63 -8.29 1.10 -9.42
CA GLU B 63 -8.29 1.08 -9.38
C GLU B 63 -9.60 1.84 -9.14
N ALA B 64 -9.55 2.91 -8.34
CA ALA B 64 -10.75 3.67 -8.08
C ALA B 64 -11.22 4.41 -9.33
N HIS B 65 -10.28 4.91 -10.13
CA HIS B 65 -10.66 5.59 -11.36
C HIS B 65 -11.20 4.62 -12.39
N HIS B 66 -10.61 3.43 -12.48
CA HIS B 66 -11.13 2.42 -13.40
C HIS B 66 -12.58 2.07 -13.05
N LYS B 67 -12.88 1.89 -11.79
CA LYS B 67 -14.27 1.63 -11.40
C LYS B 67 -15.14 2.82 -11.75
N ALA B 68 -14.67 4.03 -11.47
CA ALA B 68 -15.46 5.22 -11.75
C ALA B 68 -15.79 5.34 -13.22
N LEU B 69 -14.85 4.93 -14.08
CA LEU B 69 -15.09 4.98 -15.52
C LEU B 69 -16.18 4.03 -15.96
N GLY B 70 -16.40 2.97 -15.21
CA GLY B 70 -17.46 2.05 -15.55
C GLY B 70 -18.83 2.47 -15.11
N SER B 71 -18.96 3.56 -14.39
CA SER B 71 -20.25 4.00 -13.88
C SER B 71 -20.69 5.36 -14.41
N ILE B 72 -20.01 5.91 -15.41
CA ILE B 72 -20.35 7.24 -15.88
C ILE B 72 -21.73 7.23 -16.54
N ASP B 73 -22.46 8.31 -16.35
CA ASP B 73 -23.75 8.51 -16.98
C ASP B 73 -23.54 9.07 -18.38
N ALA B 74 -24.62 9.45 -19.05
CA ALA B 74 -24.55 9.90 -20.42
C ALA B 74 -23.78 11.20 -20.58
N LYS B 75 -23.69 12.00 -19.53
CA LYS B 75 -22.92 13.23 -19.56
C LYS B 75 -21.48 13.04 -19.08
N GLY B 76 -21.09 11.83 -18.77
CA GLY B 76 -19.74 11.54 -18.31
C GLY B 76 -19.50 11.62 -16.83
N VAL B 77 -20.55 11.77 -16.02
CA VAL B 77 -20.38 11.96 -14.59
C VAL B 77 -20.46 10.61 -13.89
N THR B 78 -19.41 10.24 -13.18
CA THR B 78 -19.36 9.00 -12.40
C THR B 78 -20.32 9.11 -11.22
N SER B 79 -20.57 7.98 -10.59
CA SER B 79 -21.47 7.93 -9.47
C SER B 79 -20.83 8.51 -8.22
N LEU B 80 -21.66 8.94 -7.29
CA LEU B 80 -21.13 9.54 -6.06
C LEU B 80 -20.31 8.54 -5.28
N ALA B 81 -20.71 7.26 -5.28
CA ALA B 81 -19.93 6.25 -4.58
C ALA B 81 -18.53 6.16 -5.16
N ASP B 82 -18.43 6.21 -6.47
CA ASP B 82 -17.13 6.07 -7.11
C ASP B 82 -16.30 7.32 -6.97
N TYR B 83 -16.93 8.47 -7.07
CA TYR B 83 -16.24 9.73 -6.79
C TYR B 83 -15.70 9.74 -5.37
N THR B 84 -16.47 9.20 -4.43
CA THR B 84 -16.02 9.18 -3.04
C THR B 84 -14.76 8.34 -2.91
N ALA B 85 -14.74 7.18 -3.56
CA ALA B 85 -13.57 6.32 -3.50
C ALA B 85 -12.38 6.99 -4.14
N ILE B 86 -12.61 7.76 -5.20
CA ILE B 86 -11.54 8.52 -5.84
C ILE B 86 -10.93 9.50 -4.85
N ASN B 87 -11.78 10.27 -4.17
CA ASN B 87 -11.28 11.28 -3.25
C ASN B 87 -10.58 10.66 -2.05
N ALA B 88 -11.09 9.56 -1.51
CA ALA B 88 -10.37 8.88 -0.45
C ALA B 88 -8.99 8.41 -0.90
N ALA B 89 -8.91 7.83 -2.10
CA ALA B 89 -7.63 7.37 -2.62
C ALA B 89 -6.68 8.53 -2.87
N ILE B 90 -7.15 9.60 -3.49
CA ILE B 90 -6.30 10.75 -3.74
C ILE B 90 -5.81 11.34 -2.43
N GLY B 91 -6.67 11.39 -1.42
CA GLY B 91 -6.25 11.90 -0.14
C GLY B 91 -5.10 11.12 0.47
N HIS B 92 -5.17 9.79 0.42
CA HIS B 92 -4.06 8.98 0.89
C HIS B 92 -2.82 9.15 0.03
N MET B 93 -3.00 9.26 -1.29
CA MET B 93 -1.86 9.54 -2.15
C MET B 93 -1.16 10.83 -1.78
N VAL B 94 -1.92 11.91 -1.66
CA VAL B 94 -1.33 13.19 -1.30
C VAL B 94 -0.63 13.08 0.04
N ALA B 95 -1.27 12.47 1.02
CA ALA B 95 -0.69 12.37 2.34
C ALA B 95 0.67 11.66 2.28
N SER B 96 0.79 10.63 1.44
CA SER B 96 2.05 9.92 1.31
C SER B 96 3.10 10.73 0.59
N ALA B 97 2.71 11.62 -0.32
CA ALA B 97 3.68 12.45 -1.04
C ALA B 97 4.26 13.54 -0.15
N GLY B 98 3.49 14.01 0.83
CA GLY B 98 3.98 15.00 1.75
C GLY B 98 3.68 16.40 1.31
N GLU B 99 3.86 17.34 2.24
CA GLU B 99 3.38 18.71 2.05
C GLU B 99 4.26 19.50 1.10
N SER B 100 5.57 19.38 1.20
CA SER B 100 6.43 20.23 0.40
C SER B 100 6.27 19.95 -1.08
N LYS B 101 6.25 18.68 -1.47
N LYS B 101 6.24 18.69 -1.48
CA LYS B 101 6.11 18.34 -2.88
CA LYS B 101 6.11 18.33 -2.87
C LYS B 101 4.72 18.66 -3.41
C LYS B 101 4.73 18.67 -3.39
N THR B 102 3.70 18.60 -2.55
CA THR B 102 2.37 19.01 -2.95
C THR B 102 2.30 20.53 -3.15
N MET B 103 2.89 21.30 -2.22
CA MET B 103 2.95 22.74 -2.39
C MET B 103 3.78 23.13 -3.60
N ASP B 104 4.79 22.35 -3.95
CA ASP B 104 5.56 22.70 -5.13
C ASP B 104 4.70 22.63 -6.38
N VAL B 105 3.73 21.71 -6.43
CA VAL B 105 2.79 21.68 -7.54
C VAL B 105 1.91 22.92 -7.51
N TYR B 106 1.37 23.25 -6.35
CA TYR B 106 0.58 24.48 -6.23
C TYR B 106 1.37 25.67 -6.74
N ASN B 107 2.61 25.83 -6.28
CA ASN B 107 3.40 26.99 -6.64
C ASN B 107 3.70 27.04 -8.13
N ALA B 108 3.88 25.89 -8.76
CA ALA B 108 4.04 25.85 -10.20
C ALA B 108 2.80 26.37 -10.92
N PHE B 109 1.62 25.91 -10.49
CA PHE B 109 0.40 26.40 -11.13
C PHE B 109 0.09 27.84 -10.75
N ASP B 110 0.59 28.31 -9.62
CA ASP B 110 0.42 29.69 -9.23
C ASP B 110 1.12 30.61 -10.21
N SER B 111 2.16 30.12 -10.86
N SER B 111 2.16 30.11 -10.86
CA SER B 111 2.85 30.94 -11.85
CA SER B 111 2.87 30.87 -11.88
C SER B 111 1.97 31.28 -13.03
C SER B 111 1.96 31.27 -13.02
N PHE B 112 0.88 30.53 -13.26
CA PHE B 112 0.00 30.77 -14.40
C PHE B 112 -1.10 31.79 -14.12
N SER B 113 -1.22 32.29 -12.90
CA SER B 113 -2.21 33.32 -12.55
C SER B 113 -3.60 32.95 -13.07
N LEU B 114 -3.99 31.72 -12.77
CA LEU B 114 -5.23 31.17 -13.28
C LEU B 114 -6.44 31.95 -12.79
N GLY B 115 -6.37 32.55 -11.62
CA GLY B 115 -7.47 33.36 -11.12
C GLY B 115 -7.82 34.56 -11.97
N LYS B 116 -6.98 34.95 -12.91
CA LYS B 116 -7.23 36.08 -13.77
C LYS B 116 -8.08 35.75 -14.99
N ASP B 117 -8.17 34.50 -15.39
CA ASP B 117 -8.83 34.19 -16.63
C ASP B 117 -9.48 32.81 -16.60
N VAL B 118 -8.67 31.78 -16.38
CA VAL B 118 -9.11 30.39 -16.47
C VAL B 118 -10.10 30.07 -15.36
N GLY B 119 -9.79 30.47 -14.14
CA GLY B 119 -10.68 30.17 -13.03
C GLY B 119 -12.04 30.78 -13.22
N PRO B 120 -12.08 32.08 -13.47
CA PRO B 120 -13.37 32.72 -13.74
C PRO B 120 -14.12 32.10 -14.90
N TYR B 121 -13.41 31.68 -15.94
CA TYR B 121 -14.07 31.10 -17.09
C TYR B 121 -14.68 29.75 -16.73
N MET B 122 -13.94 28.91 -16.03
CA MET B 122 -14.50 27.64 -15.62
C MET B 122 -15.68 27.83 -14.70
N MET B 123 -15.57 28.75 -13.75
CA MET B 123 -16.66 28.96 -12.81
C MET B 123 -17.89 29.54 -13.49
N SER B 124 -17.72 30.29 -14.58
CA SER B 124 -18.86 30.85 -15.29
C SER B 124 -19.71 29.80 -15.96
N LYS B 125 -19.17 28.62 -16.22
CA LYS B 125 -19.90 27.58 -16.93
C LYS B 125 -20.66 26.67 -15.98
N VAL B 126 -20.51 26.84 -14.67
CA VAL B 126 -21.20 26.06 -13.66
C VAL B 126 -21.94 27.02 -12.75
N SER B 127 -22.45 26.50 -11.63
CA SER B 127 -23.08 27.30 -10.62
C SER B 127 -21.99 27.78 -9.64
N ALA B 128 -21.82 29.09 -9.56
CA ALA B 128 -20.79 29.65 -8.71
C ALA B 128 -20.99 29.24 -7.27
N ASN B 129 -22.24 29.14 -6.83
CA ASN B 129 -22.52 28.68 -5.47
C ASN B 129 -21.98 27.28 -5.23
N ASP B 130 -22.19 26.39 -6.19
CA ASP B 130 -21.74 25.03 -6.03
C ASP B 130 -20.23 24.90 -6.15
N ALA B 131 -19.61 25.73 -6.97
CA ALA B 131 -18.15 25.74 -7.04
C ALA B 131 -17.56 26.18 -5.71
N SER B 132 -18.16 27.17 -5.09
CA SER B 132 -17.66 27.68 -3.82
C SER B 132 -17.90 26.67 -2.70
N LYS B 133 -19.03 25.97 -2.73
CA LYS B 133 -19.27 24.88 -1.80
C LYS B 133 -18.23 23.79 -1.97
N ALA B 134 -17.83 23.51 -3.20
CA ALA B 134 -16.79 22.52 -3.44
C ALA B 134 -15.46 23.00 -2.89
N TYR B 135 -15.13 24.26 -3.08
CA TYR B 135 -13.86 24.77 -2.60
C TYR B 135 -13.82 24.79 -1.10
N LYS B 136 -14.89 25.24 -0.45
N LYS B 136 -14.88 25.24 -0.46
CA LYS B 136 -14.91 25.25 1.01
CA LYS B 136 -14.89 25.25 1.00
C LYS B 136 -14.82 23.83 1.55
C LYS B 136 -14.79 23.83 1.53
N ALA B 137 -15.42 22.87 0.86
CA ALA B 137 -15.30 21.48 1.28
C ALA B 137 -13.87 20.99 1.11
N PHE B 138 -13.21 21.45 0.05
CA PHE B 138 -11.83 21.07 -0.19
C PHE B 138 -10.91 21.55 0.92
N LEU B 139 -11.16 22.79 1.39
CA LEU B 139 -10.38 23.34 2.50
C LEU B 139 -10.55 22.53 3.79
N GLU B 140 -11.75 22.03 4.04
CA GLU B 140 -11.90 21.15 5.19
C GLU B 140 -11.20 19.82 4.96
N PHE B 141 -11.33 19.24 3.77
CA PHE B 141 -10.75 17.95 3.47
C PHE B 141 -9.22 17.98 3.60
N LYS B 142 -8.59 19.05 3.12
CA LYS B 142 -7.13 19.13 3.17
C LYS B 142 -6.62 19.14 4.60
N ASP B 143 -7.45 19.54 5.56
CA ASP B 143 -7.04 19.51 6.95
C ASP B 143 -6.90 18.08 7.46
N ALA B 144 -7.79 17.18 7.03
CA ALA B 144 -7.65 15.78 7.41
C ALA B 144 -6.45 15.13 6.74
N VAL B 145 -6.14 15.54 5.50
CA VAL B 145 -4.99 14.98 4.79
C VAL B 145 -3.71 15.40 5.47
N LYS B 146 -3.57 16.70 5.76
CA LYS B 146 -2.40 17.20 6.46
C LYS B 146 -2.28 16.57 7.83
N ALA B 147 -3.39 16.38 8.52
CA ALA B 147 -3.36 15.77 9.84
C ALA B 147 -2.84 14.34 9.79
N SER B 148 -2.89 13.70 8.63
N SER B 148 -2.88 13.70 8.63
CA SER B 148 -2.42 12.34 8.48
CA SER B 148 -2.41 12.33 8.50
C SER B 148 -0.94 12.25 8.15
C SER B 148 -0.95 12.23 8.10
N GLN B 149 -0.30 13.36 7.78
CA GLN B 149 1.08 13.35 7.37
C GLN B 149 2.01 13.40 8.58
N ASP C 1 -13.63 10.99 21.00
CA ASP C 1 -14.94 10.56 20.44
C ASP C 1 -15.60 9.59 21.38
N LYS C 2 -16.65 8.94 20.95
CA LYS C 2 -17.40 8.12 21.86
C LYS C 2 -16.61 6.88 22.25
N ILE C 3 -15.81 6.37 21.35
CA ILE C 3 -14.95 5.24 21.64
C ILE C 3 -13.92 5.63 22.69
N ASP C 4 -13.30 6.80 22.51
CA ASP C 4 -12.37 7.28 23.51
C ASP C 4 -13.04 7.38 24.87
N ASP C 5 -14.24 7.92 24.90
CA ASP C 5 -14.95 8.10 26.15
C ASP C 5 -15.21 6.75 26.82
N ALA C 6 -15.68 5.77 26.04
CA ALA C 6 -15.99 4.47 26.57
C ALA C 6 -14.76 3.73 27.02
N ALA C 7 -13.60 4.02 26.41
CA ALA C 7 -12.38 3.34 26.79
C ALA C 7 -11.91 3.78 28.17
N LYS C 8 -12.22 5.01 28.55
CA LYS C 8 -11.97 5.44 29.92
C LYS C 8 -12.83 4.66 30.89
N LYS C 9 -14.12 4.53 30.61
CA LYS C 9 -14.99 3.76 31.50
C LYS C 9 -14.56 2.30 31.55
N LEU C 10 -14.14 1.74 30.41
CA LEU C 10 -13.64 0.37 30.40
C LEU C 10 -12.38 0.25 31.24
N SER C 11 -11.45 1.16 31.05
CA SER C 11 -10.16 1.01 31.71
C SER C 11 -10.30 1.10 33.23
N GLU C 12 -11.09 2.05 33.72
CA GLU C 12 -11.25 2.20 35.17
C GLU C 12 -11.92 0.99 35.79
N ALA C 13 -12.87 0.38 35.10
CA ALA C 13 -13.54 -0.76 35.66
C ALA C 13 -12.67 -2.02 35.61
N SER C 14 -11.78 -2.11 34.62
CA SER C 14 -11.04 -3.34 34.35
C SER C 14 -9.60 -3.31 34.85
N TYR C 15 -9.11 -2.18 35.31
CA TYR C 15 -7.72 -2.08 35.71
C TYR C 15 -7.38 -2.90 36.94
N PRO C 16 -8.27 -3.01 37.93
CA PRO C 16 -7.97 -3.94 39.05
C PRO C 16 -7.71 -5.37 38.57
N PHE C 17 -8.53 -5.86 37.63
CA PHE C 17 -8.32 -7.17 37.01
C PHE C 17 -6.98 -7.23 36.32
N LEU C 18 -6.66 -6.22 35.51
CA LEU C 18 -5.41 -6.23 34.77
C LEU C 18 -4.21 -6.31 35.72
N LYS C 19 -4.31 -5.66 36.87
CA LYS C 19 -3.20 -5.65 37.82
C LYS C 19 -3.04 -6.97 38.55
N GLU C 20 -4.08 -7.76 38.64
CA GLU C 20 -4.02 -9.00 39.40
C GLU C 20 -3.42 -10.12 38.59
N ILE C 21 -3.39 -9.99 37.27
CA ILE C 21 -2.88 -11.02 36.41
C ILE C 21 -1.37 -11.16 36.63
N ASP C 22 -0.89 -12.38 36.56
CA ASP C 22 0.54 -12.63 36.71
C ASP C 22 1.19 -12.55 35.33
N TRP C 23 1.71 -11.37 34.99
CA TRP C 23 2.28 -11.11 33.68
C TRP C 23 3.60 -11.81 33.47
N SER C 24 4.20 -12.39 34.51
CA SER C 24 5.46 -13.11 34.36
C SER C 24 5.27 -14.61 34.14
N SER C 25 4.04 -15.10 34.16
CA SER C 25 3.80 -16.53 33.99
C SER C 25 3.92 -16.94 32.53
N ASP C 26 4.49 -18.11 32.30
CA ASP C 26 4.61 -18.63 30.94
C ASP C 26 3.37 -19.40 30.49
N VAL C 27 2.33 -19.45 31.32
CA VAL C 27 1.14 -20.25 31.03
C VAL C 27 0.48 -19.83 29.72
N TYR C 28 0.64 -18.56 29.34
CA TYR C 28 -0.07 -17.94 28.22
C TYR C 28 0.47 -18.35 26.86
N GLY C 29 1.62 -18.98 26.79
CA GLY C 29 2.19 -19.39 25.54
C GLY C 29 1.55 -20.58 24.89
N LYS C 30 0.78 -21.37 25.64
CA LYS C 30 0.19 -22.60 25.16
C LYS C 30 -1.27 -22.70 25.60
N LEU C 31 -2.10 -23.27 24.75
CA LEU C 31 -3.47 -23.64 25.11
C LEU C 31 -3.49 -25.17 25.21
N HYP C 32 -3.35 -25.69 26.41
CA HYP C 32 -3.11 -27.18 26.58
C HYP C 32 -4.27 -28.07 26.16
O HYP C 32 -4.10 -29.29 25.98
CB HYP C 32 -2.83 -27.39 28.05
CG HYP C 32 -2.30 -26.05 28.54
CD HYP C 32 -3.26 -25.13 27.79
OD1 HYP C 32 -0.99 -25.81 28.29
HA HYP C 32 -2.35 -27.44 26.03
HB2 HYP C 32 -2.18 -28.08 28.23
HB3 HYP C 32 -3.62 -27.64 28.56
HG HYP C 32 -2.31 -25.92 29.50
HD22 HYP C 32 -4.13 -25.10 28.23
HD23 HYP C 32 -2.93 -24.22 27.78
HD1 HYP C 32 -0.78 -25.04 28.61
N THR C 33 -5.44 -27.47 26.01
CA THR C 33 -6.65 -28.20 25.69
C THR C 33 -6.87 -28.36 24.21
N ALA C 34 -6.06 -27.68 23.43
CA ALA C 34 -6.19 -27.71 21.98
C ALA C 34 -4.85 -28.09 21.35
N ASN C 35 -4.93 -28.66 20.19
CA ASN C 35 -3.69 -28.92 19.49
C ASN C 35 -3.36 -27.76 18.56
N PRO C 36 -2.10 -27.65 18.14
CA PRO C 36 -1.68 -26.48 17.38
C PRO C 36 -2.50 -26.19 16.14
N PHE C 37 -2.96 -27.21 15.42
CA PHE C 37 -3.79 -26.96 14.24
C PHE C 37 -5.13 -26.35 14.60
N GLN C 38 -5.71 -26.73 15.75
CA GLN C 38 -6.93 -26.08 16.22
C GLN C 38 -6.66 -24.63 16.57
N VAL C 39 -5.53 -24.36 17.22
CA VAL C 39 -5.17 -23.01 17.55
C VAL C 39 -4.94 -22.20 16.29
N LEU C 40 -4.38 -22.84 15.27
CA LEU C 40 -4.10 -22.13 14.02
C LEU C 40 -5.38 -21.65 13.33
N LYS C 41 -6.48 -22.36 13.50
CA LYS C 41 -7.75 -21.90 12.98
C LYS C 41 -8.13 -20.57 13.58
N ALA C 42 -7.91 -20.39 14.86
CA ALA C 42 -8.26 -19.14 15.51
C ALA C 42 -7.31 -18.02 15.10
N VAL C 43 -6.02 -18.34 15.01
CA VAL C 43 -5.03 -17.37 14.55
C VAL C 43 -5.40 -16.91 13.15
N ASP C 44 -5.80 -17.84 12.30
CA ASP C 44 -6.24 -17.47 10.97
C ASP C 44 -7.31 -16.39 11.02
N LYS C 45 -8.34 -16.59 11.83
CA LYS C 45 -9.41 -15.60 11.93
C LYS C 45 -8.88 -14.25 12.41
N MET C 46 -7.89 -14.27 13.31
CA MET C 46 -7.37 -13.01 13.85
C MET C 46 -6.50 -12.30 12.82
N ILE C 47 -5.71 -13.05 12.05
CA ILE C 47 -4.96 -12.46 10.94
C ILE C 47 -5.91 -11.79 9.93
N VAL C 48 -6.99 -12.48 9.59
CA VAL C 48 -7.99 -11.93 8.66
C VAL C 48 -8.62 -10.67 9.23
N MET C 49 -8.98 -10.70 10.50
CA MET C 49 -9.51 -9.51 11.14
C MET C 49 -8.51 -8.38 11.08
N GLY C 50 -7.24 -8.67 11.31
CA GLY C 50 -6.22 -7.63 11.30
C GLY C 50 -6.00 -7.05 9.94
N ALA C 51 -6.06 -7.89 8.90
CA ALA C 51 -5.95 -7.39 7.54
C ALA C 51 -7.16 -6.57 7.11
N ALA C 52 -8.26 -6.63 7.86
CA ALA C 52 -9.42 -5.82 7.61
C ALA C 52 -9.39 -4.49 8.34
N MET C 53 -8.44 -4.30 9.24
CA MET C 53 -8.35 -3.06 10.01
C MET C 53 -7.73 -1.94 9.19
N ASP C 54 -8.13 -0.71 9.51
CA ASP C 54 -7.49 0.44 8.91
C ASP C 54 -6.03 0.49 9.33
N SER C 55 -5.14 0.64 8.36
CA SER C 55 -3.75 0.87 8.68
C SER C 55 -3.57 1.95 9.73
N ALA C 56 -4.32 3.03 9.63
CA ALA C 56 -4.14 4.12 10.57
C ALA C 56 -4.48 3.67 11.98
N ALA C 57 -5.55 2.91 12.13
CA ALA C 57 -5.91 2.39 13.44
C ALA C 57 -4.86 1.43 13.96
N LEU C 58 -4.36 0.54 13.10
CA LEU C 58 -3.33 -0.41 13.50
C LEU C 58 -2.09 0.29 14.00
N LYS C 59 -1.64 1.33 13.29
CA LYS C 59 -0.41 2.02 13.68
C LYS C 59 -0.61 2.74 15.01
N ALA C 60 -1.79 3.28 15.27
CA ALA C 60 -2.07 3.90 16.55
C ALA C 60 -2.15 2.85 17.65
N GLY C 61 -2.73 1.69 17.36
CA GLY C 61 -2.68 0.59 18.30
C GLY C 61 -1.27 0.16 18.62
N ALA C 62 -0.44 0.03 17.60
CA ALA C 62 0.96 -0.32 17.82
C ALA C 62 1.67 0.70 18.69
N GLU C 63 1.43 1.99 18.43
CA GLU C 63 2.05 3.05 19.21
C GLU C 63 1.57 3.03 20.65
N ALA C 64 0.29 2.75 20.87
CA ALA C 64 -0.23 2.69 22.22
C ALA C 64 0.45 1.59 23.04
N HIS C 65 0.68 0.42 22.43
CA HIS C 65 1.28 -0.68 23.15
C HIS C 65 2.77 -0.46 23.37
N HIS C 66 3.45 0.14 22.42
CA HIS C 66 4.84 0.52 22.63
C HIS C 66 4.96 1.50 23.81
N LYS C 67 4.10 2.51 23.85
CA LYS C 67 4.05 3.40 25.00
C LYS C 67 3.76 2.63 26.28
N ALA C 68 2.78 1.72 26.24
CA ALA C 68 2.43 0.93 27.42
C ALA C 68 3.61 0.14 27.92
N ILE C 69 4.38 -0.45 27.01
CA ILE C 69 5.52 -1.27 27.41
C ILE C 69 6.54 -0.43 28.15
N GLY C 70 6.72 0.81 27.71
CA GLY C 70 7.72 1.68 28.32
C GLY C 70 7.45 2.03 29.77
N SER C 71 6.21 1.91 30.23
CA SER C 71 5.80 2.39 31.55
C SER C 71 5.34 1.27 32.46
N ILE C 72 5.64 0.01 32.15
CA ILE C 72 5.29 -1.09 33.05
C ILE C 72 6.03 -0.95 34.37
N ASP C 73 5.40 -1.44 35.44
CA ASP C 73 6.01 -1.48 36.76
C ASP C 73 6.83 -2.76 36.92
N ALA C 74 7.33 -3.01 38.13
CA ALA C 74 8.12 -4.19 38.40
C ALA C 74 7.31 -5.47 38.25
N LYS C 75 5.99 -5.38 38.32
CA LYS C 75 5.09 -6.51 38.11
C LYS C 75 4.70 -6.66 36.65
N GLY C 76 5.22 -5.81 35.77
CA GLY C 76 4.85 -5.82 34.37
C GLY C 76 3.57 -5.12 34.02
N VAL C 77 2.95 -4.39 34.94
CA VAL C 77 1.67 -3.74 34.70
C VAL C 77 1.91 -2.31 34.25
N THR C 78 1.38 -1.96 33.08
CA THR C 78 1.44 -0.61 32.57
C THR C 78 0.55 0.32 33.41
N THR C 79 0.67 1.61 33.15
CA THR C 79 -0.14 2.58 33.86
C THR C 79 -1.59 2.58 33.34
N LEU C 80 -2.47 3.10 34.17
CA LEU C 80 -3.88 3.20 33.81
C LEU C 80 -4.08 4.13 32.62
N ALA C 81 -3.30 5.20 32.52
CA ALA C 81 -3.45 6.10 31.40
C ALA C 81 -3.07 5.42 30.08
N ASP C 82 -1.99 4.65 30.11
CA ASP C 82 -1.53 3.96 28.91
C ASP C 82 -2.44 2.78 28.58
N TYR C 83 -2.93 2.10 29.59
CA TYR C 83 -3.97 1.10 29.38
C TYR C 83 -5.16 1.73 28.68
N GLU C 84 -5.54 2.95 29.04
CA GLU C 84 -6.71 3.55 28.42
C GLU C 84 -6.45 3.87 26.96
N ALA C 85 -5.27 4.35 26.66
CA ALA C 85 -4.87 4.59 25.28
C ALA C 85 -4.91 3.30 24.48
N VAL C 86 -4.42 2.21 25.06
CA VAL C 86 -4.54 0.90 24.43
C VAL C 86 -5.99 0.57 24.13
N ASN C 87 -6.87 0.69 25.13
CA ASN C 87 -8.26 0.34 24.89
C ASN C 87 -8.88 1.23 23.83
N ALA C 88 -8.63 2.53 23.89
CA ALA C 88 -9.16 3.42 22.86
C ALA C 88 -8.69 3.00 21.48
N ALA C 89 -7.41 2.70 21.35
CA ALA C 89 -6.85 2.29 20.07
C ALA C 89 -7.43 0.98 19.59
N ILE C 90 -7.52 -0.03 20.48
CA ILE C 90 -8.11 -1.30 20.12
C ILE C 90 -9.57 -1.12 19.71
N GLY C 91 -10.32 -0.29 20.43
CA GLY C 91 -11.68 0.01 20.04
C GLY C 91 -11.78 0.55 18.63
N HIS C 92 -10.88 1.46 18.25
CA HIS C 92 -10.89 1.99 16.90
C HIS C 92 -10.42 0.93 15.88
N MET C 93 -9.46 0.09 16.25
CA MET C 93 -9.14 -1.04 15.40
C MET C 93 -10.31 -1.98 15.17
N VAL C 94 -10.98 -2.41 16.24
CA VAL C 94 -12.10 -3.34 16.10
C VAL C 94 -13.20 -2.70 15.27
N ALA C 95 -13.49 -1.41 15.53
CA ALA C 95 -14.48 -0.70 14.74
C ALA C 95 -14.19 -0.81 13.26
N SER C 96 -12.93 -0.64 12.86
CA SER C 96 -12.58 -0.63 11.44
C SER C 96 -12.64 -2.02 10.81
N ALA C 97 -12.40 -3.07 11.58
CA ALA C 97 -12.46 -4.43 11.05
C ALA C 97 -13.88 -4.89 10.77
N GLY C 98 -14.87 -4.33 11.45
CA GLY C 98 -16.24 -4.73 11.26
C GLY C 98 -16.66 -5.84 12.19
N GLU C 99 -17.99 -6.09 12.21
CA GLU C 99 -18.58 -7.04 13.11
C GLU C 99 -18.35 -8.48 12.67
N SER C 100 -18.50 -8.76 11.39
CA SER C 100 -18.40 -10.13 10.91
C SER C 100 -17.06 -10.77 11.27
N LYS C 101 -15.96 -10.06 10.99
CA LYS C 101 -14.63 -10.61 11.17
C LYS C 101 -14.22 -10.65 12.63
N THR C 102 -14.75 -9.74 13.44
CA THR C 102 -14.59 -9.82 14.88
C THR C 102 -15.35 -11.00 15.46
N MET C 103 -16.61 -11.18 15.06
CA MET C 103 -17.34 -12.33 15.55
C MET C 103 -16.72 -13.64 15.09
N ASP C 104 -16.12 -13.67 13.91
CA ASP C 104 -15.45 -14.89 13.48
C ASP C 104 -14.35 -15.29 14.45
N VAL C 105 -13.71 -14.32 15.11
CA VAL C 105 -12.70 -14.62 16.13
C VAL C 105 -13.35 -15.23 17.36
N TYR C 106 -14.37 -14.58 17.89
CA TYR C 106 -15.14 -15.17 18.98
C TYR C 106 -15.58 -16.57 18.63
N ASN C 107 -16.17 -16.75 17.45
CA ASN C 107 -16.70 -18.06 17.08
C ASN C 107 -15.61 -19.11 17.06
N ALA C 108 -14.42 -18.78 16.58
CA ALA C 108 -13.32 -19.74 16.57
C ALA C 108 -12.88 -20.12 18.00
N PHE C 109 -12.76 -19.14 18.89
CA PHE C 109 -12.40 -19.46 20.27
C PHE C 109 -13.51 -20.22 21.00
N ALA C 110 -14.75 -20.04 20.57
CA ALA C 110 -15.86 -20.80 21.13
C ALA C 110 -15.66 -22.29 20.96
N GLY C 111 -14.92 -22.69 19.95
CA GLY C 111 -14.66 -24.11 19.75
C GLY C 111 -13.77 -24.75 20.77
N PHE C 112 -13.05 -23.94 21.57
CA PHE C 112 -12.19 -24.47 22.60
C PHE C 112 -12.92 -24.72 23.91
N ASN C 113 -14.15 -24.26 24.06
CA ASN C 113 -14.91 -24.46 25.28
C ASN C 113 -14.11 -24.02 26.50
N LEU C 114 -13.56 -22.81 26.42
CA LEU C 114 -12.68 -22.27 27.43
C LEU C 114 -13.38 -22.08 28.77
N GLY C 115 -14.70 -22.00 28.79
CA GLY C 115 -15.41 -21.89 30.05
C GLY C 115 -15.36 -23.13 30.90
N LYS C 116 -14.90 -24.25 30.34
CA LYS C 116 -14.85 -25.49 31.08
C LYS C 116 -13.60 -25.64 31.91
N ASP C 117 -12.57 -24.84 31.65
CA ASP C 117 -11.28 -25.03 32.28
C ASP C 117 -10.42 -23.77 32.30
N VAL C 118 -10.04 -23.27 31.14
CA VAL C 118 -9.11 -22.16 31.04
C VAL C 118 -9.69 -20.92 31.69
N GLY C 119 -10.94 -20.60 31.36
CA GLY C 119 -11.62 -19.47 31.95
C GLY C 119 -11.62 -19.56 33.47
N PRO C 120 -12.21 -20.62 34.02
CA PRO C 120 -12.18 -20.78 35.47
C PRO C 120 -10.79 -20.80 36.08
N TYR C 121 -9.82 -21.40 35.40
CA TYR C 121 -8.46 -21.42 35.92
C TYR C 121 -7.87 -20.02 35.99
N MET C 122 -7.96 -19.25 34.90
CA MET C 122 -7.50 -17.88 34.91
C MET C 122 -8.18 -17.06 36.00
N MET C 123 -9.50 -17.21 36.13
CA MET C 123 -10.22 -16.45 37.15
C MET C 123 -9.80 -16.83 38.56
N SER C 124 -9.40 -18.08 38.77
CA SER C 124 -8.98 -18.50 40.08
C SER C 124 -7.72 -17.81 40.56
N LYS C 125 -6.97 -17.20 39.67
CA LYS C 125 -5.73 -16.52 39.99
C LYS C 125 -5.90 -15.03 40.30
N VAL C 126 -7.09 -14.48 40.12
CA VAL C 126 -7.38 -13.08 40.40
C VAL C 126 -8.62 -13.00 41.28
N ASN C 127 -9.17 -11.80 41.46
CA ASN C 127 -10.38 -11.61 42.24
C ASN C 127 -11.59 -11.77 41.34
N ALA C 128 -12.50 -12.64 41.73
CA ALA C 128 -13.61 -12.99 40.86
C ALA C 128 -14.54 -11.81 40.67
N ALA C 129 -14.72 -10.99 41.70
CA ALA C 129 -15.54 -9.80 41.55
C ALA C 129 -14.90 -8.84 40.56
N ASP C 130 -13.58 -8.67 40.64
CA ASP C 130 -12.87 -7.75 39.76
C ASP C 130 -12.85 -8.25 38.33
N ALA C 131 -12.70 -9.57 38.14
CA ALA C 131 -12.82 -10.14 36.80
C ALA C 131 -14.23 -9.92 36.23
N SER C 132 -15.26 -10.10 37.06
N SER C 132 -15.25 -10.08 37.07
CA SER C 132 -16.62 -9.90 36.59
CA SER C 132 -16.61 -9.90 36.60
C SER C 132 -16.86 -8.44 36.25
C SER C 132 -16.88 -8.45 36.27
N ALA C 133 -16.33 -7.52 37.06
CA ALA C 133 -16.48 -6.11 36.76
C ALA C 133 -15.81 -5.76 35.42
N ALA C 134 -14.68 -6.39 35.12
CA ALA C 134 -14.01 -6.18 33.85
C ALA C 134 -14.87 -6.66 32.69
N TYR C 135 -15.53 -7.79 32.86
CA TYR C 135 -16.34 -8.35 31.81
C TYR C 135 -17.59 -7.52 31.57
N LYS C 136 -18.29 -7.12 32.65
N LYS C 136 -18.27 -7.10 32.64
CA LYS C 136 -19.41 -6.22 32.52
CA LYS C 136 -19.43 -6.24 32.48
C LYS C 136 -19.00 -4.95 31.80
C LYS C 136 -19.03 -4.92 31.83
N ALA C 137 -17.86 -4.38 32.19
CA ALA C 137 -17.37 -3.19 31.55
C ALA C 137 -17.07 -3.43 30.08
N PHE C 138 -16.55 -4.61 29.76
CA PHE C 138 -16.32 -4.97 28.37
C PHE C 138 -17.62 -4.97 27.58
N LEU C 139 -18.70 -5.50 28.16
CA LEU C 139 -19.96 -5.55 27.46
C LEU C 139 -20.51 -4.15 27.18
N GLU C 140 -20.21 -3.20 28.05
CA GLU C 140 -20.64 -1.83 27.79
C GLU C 140 -19.80 -1.19 26.71
N PHE C 141 -18.49 -1.38 26.78
CA PHE C 141 -17.55 -0.85 25.79
C PHE C 141 -17.92 -1.27 24.38
N LYS C 142 -18.24 -2.55 24.17
CA LYS C 142 -18.43 -3.05 22.81
C LYS C 142 -19.57 -2.37 22.09
N ASP C 143 -20.56 -1.87 22.83
CA ASP C 143 -21.68 -1.15 22.23
C ASP C 143 -21.21 0.16 21.61
N ALA C 144 -20.23 0.82 22.22
CA ALA C 144 -19.66 2.02 21.61
C ALA C 144 -18.95 1.66 20.31
N VAL C 145 -18.22 0.55 20.29
CA VAL C 145 -17.54 0.11 19.10
C VAL C 145 -18.55 -0.30 18.03
N LYS C 146 -19.61 -0.98 18.44
CA LYS C 146 -20.63 -1.39 17.49
C LYS C 146 -21.29 -0.17 16.87
N ALA C 147 -21.47 0.89 17.65
CA ALA C 147 -22.08 2.12 17.12
C ALA C 147 -21.21 2.75 16.07
N SER C 148 -19.90 2.75 16.25
CA SER C 148 -19.00 3.27 15.22
C SER C 148 -19.09 2.46 13.93
N GLN C 149 -19.43 1.18 14.01
CA GLN C 149 -19.43 0.29 12.85
C GLN C 149 -20.64 0.51 11.98
N ASP D 1 9.06 -7.23 -9.03
CA ASP D 1 10.26 -6.39 -8.84
C ASP D 1 11.38 -7.29 -8.35
N LYS D 2 12.51 -6.70 -7.98
CA LYS D 2 13.65 -7.49 -7.53
C LYS D 2 13.40 -8.16 -6.16
N ILE D 3 12.55 -7.60 -5.33
CA ILE D 3 12.16 -8.32 -4.12
C ILE D 3 11.34 -9.56 -4.47
N ASP D 4 10.41 -9.44 -5.42
CA ASP D 4 9.63 -10.60 -5.86
C ASP D 4 10.52 -11.71 -6.39
N ASP D 5 11.45 -11.35 -7.27
CA ASP D 5 12.37 -12.33 -7.83
C ASP D 5 13.25 -12.92 -6.75
N ALA D 6 13.69 -12.09 -5.82
CA ALA D 6 14.56 -12.59 -4.76
C ALA D 6 13.84 -13.57 -3.85
N ALA D 7 12.54 -13.38 -3.63
CA ALA D 7 11.76 -14.27 -2.78
C ALA D 7 11.52 -15.63 -3.43
N LYS D 8 11.37 -15.68 -4.76
CA LYS D 8 11.24 -16.96 -5.45
C LYS D 8 12.49 -17.80 -5.22
N LYS D 9 13.66 -17.16 -5.24
CA LYS D 9 14.93 -17.83 -5.02
C LYS D 9 15.10 -18.23 -3.56
N LEU D 10 14.87 -17.30 -2.64
CA LEU D 10 14.96 -17.63 -1.21
C LEU D 10 14.01 -18.76 -0.86
N SER D 11 12.77 -18.72 -1.35
CA SER D 11 11.77 -19.67 -0.91
C SER D 11 12.09 -21.09 -1.36
N ALA D 12 12.46 -21.26 -2.62
CA ALA D 12 12.80 -22.58 -3.10
C ALA D 12 14.05 -23.13 -2.42
N ALA D 13 15.00 -22.28 -2.09
CA ALA D 13 16.23 -22.72 -1.46
C ALA D 13 16.04 -23.09 0.01
N SER D 14 15.09 -22.47 0.69
CA SER D 14 14.86 -22.69 2.10
C SER D 14 13.67 -23.59 2.38
N TYR D 15 12.98 -24.07 1.36
CA TYR D 15 11.82 -24.92 1.59
C TYR D 15 12.19 -26.23 2.26
N PRO D 16 13.33 -26.85 1.96
CA PRO D 16 13.69 -28.07 2.71
C PRO D 16 13.81 -27.81 4.21
N PHE D 17 14.51 -26.75 4.61
CA PHE D 17 14.55 -26.32 6.01
C PHE D 17 13.14 -26.13 6.58
N LEU D 18 12.28 -25.42 5.86
CA LEU D 18 10.93 -25.20 6.31
C LEU D 18 10.17 -26.51 6.49
N LYS D 19 10.29 -27.43 5.54
N LYS D 19 10.29 -27.43 5.54
CA LYS D 19 9.56 -28.69 5.61
CA LYS D 19 9.56 -28.69 5.60
C LYS D 19 10.00 -29.55 6.79
C LYS D 19 10.01 -29.58 6.75
N GLU D 20 11.23 -29.40 7.25
CA GLU D 20 11.78 -30.25 8.28
C GLU D 20 11.43 -29.78 9.68
N ILE D 21 11.05 -28.53 9.84
CA ILE D 21 10.71 -28.02 11.16
C ILE D 21 9.48 -28.73 11.68
N ASP D 22 9.47 -29.02 12.99
CA ASP D 22 8.34 -29.66 13.65
C ASP D 22 7.36 -28.60 14.06
N TRP D 23 6.40 -28.32 13.18
CA TRP D 23 5.44 -27.25 13.40
C TRP D 23 4.41 -27.59 14.46
N SER D 24 4.36 -28.83 14.93
CA SER D 24 3.44 -29.25 15.97
C SER D 24 4.04 -29.14 17.35
N SER D 25 5.33 -28.87 17.47
CA SER D 25 5.95 -28.79 18.79
C SER D 25 5.51 -27.52 19.51
N ASP D 26 5.51 -27.58 20.83
CA ASP D 26 5.23 -26.40 21.62
C ASP D 26 6.49 -25.74 22.16
N VAL D 27 7.67 -26.14 21.69
CA VAL D 27 8.92 -25.55 22.17
C VAL D 27 8.96 -24.05 21.88
N TYR D 28 8.26 -23.60 20.83
CA TYR D 28 8.32 -22.21 20.39
C TYR D 28 7.56 -21.26 21.29
N ALA D 29 6.75 -21.75 22.19
CA ALA D 29 5.94 -20.88 23.03
C ALA D 29 6.74 -20.22 24.13
N LYS D 30 7.96 -20.69 24.40
N LYS D 30 7.96 -20.69 24.41
CA LYS D 30 8.75 -20.21 25.53
CA LYS D 30 8.75 -20.20 25.52
C LYS D 30 10.20 -20.09 25.12
C LYS D 30 10.21 -20.07 25.11
N LEU D 31 10.81 -18.96 25.45
CA LEU D 31 12.25 -18.80 25.37
C LEU D 31 12.77 -18.99 26.81
N HYP D 32 13.38 -20.10 27.09
CA HYP D 32 13.71 -20.43 28.51
C HYP D 32 14.86 -19.58 29.06
O HYP D 32 14.99 -19.43 30.28
CB HYP D 32 14.10 -21.92 28.51
CG HYP D 32 13.41 -22.51 27.32
CD HYP D 32 13.68 -21.36 26.34
OD1 HYP D 32 12.09 -22.85 27.46
HA HYP D 32 12.95 -20.27 29.08
HB2 HYP D 32 13.81 -22.37 29.32
HB3 HYP D 32 15.05 -22.07 28.45
HG HYP D 32 13.74 -23.37 27.02
HD22 HYP D 32 14.60 -21.38 26.03
HD23 HYP D 32 13.13 -21.44 25.54
HD1 HYP D 32 11.83 -23.31 26.80
N THR D 33 15.64 -18.99 28.17
CA THR D 33 16.87 -18.36 28.55
C THR D 33 16.72 -16.90 28.90
N ALA D 34 15.54 -16.33 28.69
CA ALA D 34 15.26 -14.95 29.08
C ALA D 34 13.95 -14.87 29.82
N GLY D 35 13.87 -13.89 30.72
CA GLY D 35 12.65 -13.63 31.45
C GLY D 35 11.65 -12.94 30.59
N PRO D 36 10.37 -13.09 30.93
CA PRO D 36 9.32 -12.53 30.05
C PRO D 36 9.42 -11.05 29.83
N PHE D 37 9.91 -10.28 30.81
CA PHE D 37 10.04 -8.85 30.62
C PHE D 37 11.22 -8.50 29.74
N ASP D 38 12.18 -9.41 29.59
CA ASP D 38 13.29 -9.21 28.64
C ASP D 38 12.91 -9.64 27.23
N VAL D 39 12.06 -10.67 27.11
CA VAL D 39 11.44 -10.96 25.82
C VAL D 39 10.54 -9.80 25.38
N LEU D 40 9.79 -9.22 26.32
CA LEU D 40 8.93 -8.09 25.99
C LEU D 40 9.70 -6.92 25.38
N LYS D 41 10.98 -6.77 25.71
CA LYS D 41 11.78 -5.71 25.12
C LYS D 41 11.96 -5.93 23.62
N ALA D 42 12.19 -7.17 23.21
CA ALA D 42 12.32 -7.48 21.80
C ALA D 42 10.98 -7.32 21.09
N ILE D 43 9.90 -7.70 21.75
CA ILE D 43 8.58 -7.52 21.21
C ILE D 43 8.32 -6.04 20.97
N ASP D 44 8.71 -5.20 21.91
CA ASP D 44 8.57 -3.75 21.73
C ASP D 44 9.19 -3.32 20.42
N LYS D 45 10.42 -3.77 20.15
CA LYS D 45 11.06 -3.39 18.91
C LYS D 45 10.27 -3.87 17.70
N MET D 46 9.70 -5.08 17.77
CA MET D 46 8.95 -5.57 16.62
C MET D 46 7.64 -4.82 16.46
N ILE D 47 7.03 -4.40 17.57
CA ILE D 47 5.86 -3.54 17.51
C ILE D 47 6.18 -2.22 16.81
N VAL D 48 7.32 -1.61 17.17
CA VAL D 48 7.71 -0.35 16.57
C VAL D 48 8.02 -0.51 15.09
N MET D 49 8.72 -1.60 14.73
CA MET D 49 9.03 -1.86 13.33
C MET D 49 7.76 -2.09 12.52
N GLY D 50 6.80 -2.81 13.07
CA GLY D 50 5.53 -3.01 12.40
C GLY D 50 4.77 -1.72 12.22
N ALA D 51 4.83 -0.83 13.20
CA ALA D 51 4.18 0.45 13.10
C ALA D 51 4.76 1.29 11.98
N ALA D 52 6.00 1.03 11.58
CA ALA D 52 6.66 1.75 10.50
C ALA D 52 6.39 1.15 9.13
N MET D 53 5.75 0.00 9.07
CA MET D 53 5.46 -0.64 7.80
C MET D 53 4.34 0.08 7.08
N ASP D 54 4.44 0.12 5.75
CA ASP D 54 3.34 0.61 4.94
C ASP D 54 2.11 -0.25 5.19
N GLY D 55 0.97 0.40 5.34
CA GLY D 55 -0.23 -0.30 5.70
C GLY D 55 -0.60 -1.37 4.71
N ALA D 56 -0.43 -1.05 3.42
CA ALA D 56 -0.77 -2.01 2.38
C ALA D 56 0.20 -3.17 2.33
N ALA D 57 1.46 -2.92 2.61
CA ALA D 57 2.43 -4.02 2.63
C ALA D 57 2.11 -4.99 3.75
N LEU D 58 1.75 -4.47 4.92
CA LEU D 58 1.41 -5.32 6.04
C LEU D 58 0.14 -6.11 5.75
N LYS D 59 -0.85 -5.46 5.16
CA LYS D 59 -2.10 -6.12 4.83
C LYS D 59 -1.87 -7.24 3.83
N ALA D 60 -1.00 -7.01 2.85
CA ALA D 60 -0.65 -8.06 1.90
C ALA D 60 0.03 -9.23 2.61
N GLY D 61 0.93 -8.94 3.55
CA GLY D 61 1.55 -9.99 4.31
C GLY D 61 0.53 -10.80 5.08
N ALA D 62 -0.48 -10.15 5.62
CA ALA D 62 -1.50 -10.90 6.35
C ALA D 62 -2.30 -11.79 5.44
N GLU D 63 -2.74 -11.25 4.30
N GLU D 63 -2.73 -11.27 4.30
CA GLU D 63 -3.53 -12.06 3.37
CA GLU D 63 -3.54 -12.10 3.41
C GLU D 63 -2.72 -13.25 2.87
C GLU D 63 -2.73 -13.25 2.84
N ALA D 64 -1.42 -13.06 2.63
CA ALA D 64 -0.56 -14.15 2.20
C ALA D 64 -0.49 -15.27 3.24
N HIS D 65 -0.48 -14.92 4.53
CA HIS D 65 -0.46 -15.93 5.56
C HIS D 65 -1.82 -16.61 5.69
N HIS D 66 -2.90 -15.87 5.53
CA HIS D 66 -4.22 -16.47 5.51
C HIS D 66 -4.32 -17.52 4.41
N LYS D 67 -3.85 -17.19 3.21
CA LYS D 67 -3.85 -18.18 2.15
C LYS D 67 -2.95 -19.35 2.49
N ALA D 68 -1.76 -19.08 3.02
CA ALA D 68 -0.85 -20.16 3.36
C ALA D 68 -1.48 -21.12 4.35
N LEU D 69 -2.23 -20.58 5.31
CA LEU D 69 -2.86 -21.41 6.32
C LEU D 69 -3.86 -22.36 5.73
N GLY D 70 -4.40 -22.04 4.55
CA GLY D 70 -5.33 -22.87 3.84
C GLY D 70 -4.72 -23.93 2.97
N SER D 71 -3.40 -24.06 2.94
CA SER D 71 -2.74 -25.05 2.11
C SER D 71 -1.79 -25.96 2.89
N ILE D 72 -1.83 -25.92 4.22
CA ILE D 72 -0.88 -26.70 5.01
C ILE D 72 -1.18 -28.19 4.89
N ASP D 73 -0.14 -29.00 4.97
CA ASP D 73 -0.27 -30.44 4.87
C ASP D 73 -0.48 -30.99 6.28
N ALA D 74 -0.51 -32.32 6.40
CA ALA D 74 -0.76 -32.96 7.67
C ALA D 74 0.33 -32.68 8.69
N LYS D 75 1.51 -32.27 8.24
CA LYS D 75 2.57 -31.85 9.14
C LYS D 75 2.58 -30.34 9.36
N GLY D 76 1.62 -29.62 8.81
CA GLY D 76 1.49 -28.20 9.02
C GLY D 76 2.28 -27.33 8.10
N VAL D 77 2.80 -27.88 7.01
CA VAL D 77 3.71 -27.16 6.14
C VAL D 77 2.96 -26.63 4.93
N THR D 78 2.98 -25.32 4.74
CA THR D 78 2.26 -24.67 3.64
C THR D 78 2.95 -24.98 2.32
N SER D 79 2.22 -24.76 1.23
CA SER D 79 2.76 -25.04 -0.08
C SER D 79 3.88 -24.06 -0.42
N LEU D 80 4.76 -24.46 -1.32
CA LEU D 80 5.84 -23.58 -1.72
C LEU D 80 5.31 -22.32 -2.38
N ALA D 81 4.23 -22.44 -3.15
CA ALA D 81 3.61 -21.25 -3.73
C ALA D 81 3.25 -20.26 -2.63
N ASP D 82 2.66 -20.74 -1.56
CA ASP D 82 2.20 -19.86 -0.50
C ASP D 82 3.36 -19.32 0.31
N TYR D 83 4.36 -20.17 0.55
CA TYR D 83 5.57 -19.72 1.20
C TYR D 83 6.23 -18.61 0.40
N THR D 84 6.24 -18.74 -0.91
CA THR D 84 6.90 -17.73 -1.74
C THR D 84 6.20 -16.41 -1.62
N ALA D 85 4.88 -16.42 -1.59
CA ALA D 85 4.13 -15.18 -1.45
C ALA D 85 4.35 -14.55 -0.09
N ILE D 86 4.55 -15.37 0.95
CA ILE D 86 4.88 -14.86 2.28
C ILE D 86 6.18 -14.10 2.25
N ASN D 87 7.22 -14.68 1.66
CA ASN D 87 8.53 -14.05 1.68
C ASN D 87 8.57 -12.78 0.84
N ALA D 88 7.94 -12.77 -0.33
CA ALA D 88 7.84 -11.53 -1.07
C ALA D 88 7.16 -10.44 -0.27
N ALA D 89 6.08 -10.79 0.43
CA ALA D 89 5.36 -9.82 1.24
C ALA D 89 6.21 -9.33 2.42
N ILE D 90 6.88 -10.23 3.11
CA ILE D 90 7.72 -9.82 4.24
C ILE D 90 8.87 -8.95 3.74
N GLY D 91 9.46 -9.33 2.61
CA GLY D 91 10.48 -8.49 2.00
C GLY D 91 10.01 -7.08 1.80
N HIS D 92 8.79 -6.91 1.28
CA HIS D 92 8.27 -5.56 1.07
C HIS D 92 7.90 -4.88 2.39
N MET D 93 7.43 -5.63 3.37
CA MET D 93 7.23 -5.04 4.70
C MET D 93 8.53 -4.56 5.29
N VAL D 94 9.59 -5.36 5.18
CA VAL D 94 10.86 -4.98 5.77
C VAL D 94 11.41 -3.74 5.09
N ALA D 95 11.40 -3.72 3.77
CA ALA D 95 11.90 -2.54 3.07
C ALA D 95 11.17 -1.28 3.53
N SER D 96 9.84 -1.37 3.64
CA SER D 96 9.07 -0.19 4.03
C SER D 96 9.38 0.26 5.44
N ALA D 97 9.67 -0.67 6.34
CA ALA D 97 9.97 -0.30 7.72
C ALA D 97 11.32 0.38 7.84
N GLY D 98 12.29 -0.05 7.04
CA GLY D 98 13.59 0.57 6.99
C GLY D 98 14.63 -0.21 7.76
N GLU D 99 15.88 0.19 7.59
CA GLU D 99 17.00 -0.54 8.14
C GLU D 99 17.14 -0.33 9.65
N SER D 100 17.08 0.92 10.09
CA SER D 100 17.19 1.20 11.51
C SER D 100 16.19 0.38 12.32
N LYS D 101 14.91 0.45 11.97
CA LYS D 101 13.90 -0.24 12.74
C LYS D 101 14.08 -1.75 12.72
N THR D 102 14.64 -2.28 11.63
CA THR D 102 14.87 -3.71 11.47
C THR D 102 16.07 -4.18 12.26
N MET D 103 17.14 -3.39 12.26
CA MET D 103 18.32 -3.72 13.05
C MET D 103 18.06 -3.58 14.53
N ASP D 104 17.16 -2.71 14.94
CA ASP D 104 16.81 -2.65 16.37
C ASP D 104 16.17 -3.96 16.83
N VAL D 105 15.42 -4.64 15.96
CA VAL D 105 14.89 -5.95 16.30
C VAL D 105 16.04 -6.94 16.47
N TYR D 106 16.95 -6.97 15.50
CA TYR D 106 18.10 -7.86 15.61
C TYR D 106 18.85 -7.61 16.91
N ASN D 107 19.14 -6.35 17.22
CA ASN D 107 19.96 -6.02 18.37
C ASN D 107 19.29 -6.43 19.68
N ALA D 108 17.97 -6.39 19.73
CA ALA D 108 17.27 -6.81 20.93
C ALA D 108 17.36 -8.31 21.10
N PHE D 109 17.26 -9.05 20.01
CA PHE D 109 17.42 -10.50 20.08
C PHE D 109 18.87 -10.88 20.33
N ASP D 110 19.81 -10.00 19.98
CA ASP D 110 21.20 -10.21 20.33
C ASP D 110 21.39 -10.25 21.83
N SER D 111 20.60 -9.48 22.58
CA SER D 111 20.73 -9.47 24.02
C SER D 111 20.46 -10.81 24.65
N PHE D 112 19.92 -11.78 23.91
CA PHE D 112 19.57 -13.11 24.41
C PHE D 112 20.62 -14.16 24.10
N SER D 113 21.63 -13.82 23.32
CA SER D 113 22.72 -14.74 22.97
C SER D 113 22.20 -16.12 22.56
N LEU D 114 21.30 -16.12 21.58
CA LEU D 114 20.67 -17.36 21.13
C LEU D 114 21.64 -18.35 20.49
N GLY D 115 22.77 -17.91 19.97
CA GLY D 115 23.66 -18.82 19.29
C GLY D 115 24.35 -19.80 20.21
N LYS D 116 24.32 -19.54 21.51
CA LYS D 116 24.95 -20.45 22.47
C LYS D 116 24.11 -21.70 22.72
N ASP D 117 22.79 -21.61 22.63
CA ASP D 117 21.94 -22.68 23.08
C ASP D 117 20.77 -22.89 22.13
N VAL D 118 19.93 -21.87 21.99
CA VAL D 118 18.68 -22.00 21.24
C VAL D 118 18.97 -22.30 19.78
N GLY D 119 19.84 -21.53 19.18
CA GLY D 119 20.20 -21.73 17.80
C GLY D 119 20.69 -23.13 17.53
N PRO D 120 21.72 -23.57 18.25
CA PRO D 120 22.18 -24.95 18.08
C PRO D 120 21.09 -26.01 18.33
N TYR D 121 20.24 -25.81 19.32
CA TYR D 121 19.16 -26.77 19.53
C TYR D 121 18.21 -26.81 18.35
N MET D 122 17.74 -25.66 17.91
CA MET D 122 16.84 -25.63 16.77
C MET D 122 17.50 -26.30 15.57
N MET D 123 18.77 -26.04 15.33
CA MET D 123 19.44 -26.62 14.17
C MET D 123 19.60 -28.13 14.30
N SER D 124 19.71 -28.65 15.52
CA SER D 124 19.91 -30.09 15.70
C SER D 124 18.71 -30.90 15.26
N LYS D 125 17.53 -30.29 15.19
CA LYS D 125 16.30 -30.97 14.85
C LYS D 125 16.04 -31.03 13.35
N VAL D 126 16.83 -30.34 12.55
CA VAL D 126 16.70 -30.34 11.11
C VAL D 126 18.04 -30.73 10.49
N SER D 127 18.10 -30.71 9.17
CA SER D 127 19.37 -30.83 8.48
C SER D 127 20.19 -29.54 8.63
N ALA D 128 21.41 -29.68 9.16
CA ALA D 128 22.25 -28.51 9.35
C ALA D 128 22.69 -27.90 8.02
N ASN D 129 22.80 -28.72 6.97
CA ASN D 129 23.15 -28.17 5.66
C ASN D 129 22.00 -27.35 5.10
N ASP D 130 20.78 -27.87 5.21
CA ASP D 130 19.62 -27.15 4.75
C ASP D 130 19.38 -25.88 5.55
N ALA D 131 19.66 -25.91 6.85
CA ALA D 131 19.57 -24.70 7.66
C ALA D 131 20.58 -23.66 7.21
N SER D 132 21.80 -24.10 6.89
CA SER D 132 22.80 -23.16 6.40
C SER D 132 22.48 -22.72 4.98
N LYS D 133 21.94 -23.64 4.17
CA LYS D 133 21.44 -23.31 2.84
C LYS D 133 20.36 -22.24 2.92
N ALA D 134 19.48 -22.33 3.92
CA ALA D 134 18.48 -21.30 4.10
C ALA D 134 19.12 -19.99 4.55
N TYR D 135 20.14 -20.06 5.41
CA TYR D 135 20.74 -18.84 5.92
C TYR D 135 21.47 -18.11 4.82
N LYS D 136 22.21 -18.84 3.98
N LYS D 136 22.21 -18.84 3.98
CA LYS D 136 22.94 -18.18 2.90
CA LYS D 136 22.93 -18.19 2.90
C LYS D 136 21.97 -17.58 1.90
C LYS D 136 21.96 -17.57 1.91
N ALA D 137 20.84 -18.24 1.66
CA ALA D 137 19.82 -17.68 0.78
C ALA D 137 19.18 -16.46 1.41
N PHE D 138 18.94 -16.50 2.71
CA PHE D 138 18.48 -15.32 3.42
C PHE D 138 19.45 -14.17 3.21
N LEU D 139 20.75 -14.47 3.23
CA LEU D 139 21.76 -13.43 3.07
C LEU D 139 21.72 -12.81 1.68
N GLU D 140 21.54 -13.63 0.65
CA GLU D 140 21.28 -13.09 -0.67
C GLU D 140 20.01 -12.25 -0.68
N PHE D 141 18.92 -12.80 -0.15
CA PHE D 141 17.63 -12.11 -0.16
C PHE D 141 17.71 -10.73 0.47
N LYS D 142 18.35 -10.64 1.64
CA LYS D 142 18.36 -9.38 2.37
C LYS D 142 19.07 -8.26 1.62
N ASP D 143 19.92 -8.61 0.65
CA ASP D 143 20.57 -7.60 -0.15
C ASP D 143 19.59 -6.96 -1.13
N ALA D 144 18.68 -7.76 -1.69
CA ALA D 144 17.63 -7.19 -2.53
C ALA D 144 16.70 -6.29 -1.73
N VAL D 145 16.37 -6.69 -0.49
CA VAL D 145 15.51 -5.87 0.35
C VAL D 145 16.17 -4.53 0.65
N LYS D 146 17.45 -4.55 1.04
CA LYS D 146 18.13 -3.31 1.37
C LYS D 146 18.27 -2.42 0.15
N ALA D 147 18.63 -3.00 -0.99
CA ALA D 147 18.69 -2.23 -2.23
C ALA D 147 17.36 -1.55 -2.56
N SER D 148 16.24 -2.14 -2.15
CA SER D 148 14.95 -1.54 -2.44
C SER D 148 14.63 -0.34 -1.56
N GLN D 149 15.39 -0.11 -0.52
CA GLN D 149 15.07 0.87 0.50
C GLN D 149 15.43 2.26 0.01
MG CLA E . 5.46 8.95 -22.21
CHA CLA E . 4.24 6.70 -24.55
CHB CLA E . 4.83 11.50 -24.45
CHC CLA E . 5.79 11.32 -19.71
CHD CLA E . 4.98 6.50 -19.69
NA CLA E . 4.69 9.05 -24.23
C1A CLA E . 4.30 7.99 -25.04
C2A CLA E . 3.97 8.48 -26.43
C3A CLA E . 4.23 10.02 -26.39
C4A CLA E . 4.63 10.22 -24.92
CMA CLA E . 5.30 10.52 -27.35
CAA CLA E . 2.53 8.16 -26.80
CBA CLA E . 2.19 8.52 -28.22
CGA CLA E . 3.02 7.72 -29.19
O1A CLA E . 3.06 6.53 -29.30
O2A CLA E . 3.80 8.50 -29.98
NB CLA E . 5.32 11.01 -22.10
C1B CLA E . 5.19 11.85 -23.14
C2B CLA E . 5.45 13.25 -22.72
C3B CLA E . 5.75 13.22 -21.38
C4B CLA E . 5.65 11.79 -20.96
CMB CLA E . 5.35 14.41 -23.60
CAB CLA E . 6.04 14.33 -20.53
CBB CLA E . 6.89 14.33 -19.53
NC CLA E . 5.36 8.91 -20.09
C1C CLA E . 5.64 9.98 -19.30
C2C CLA E . 5.75 9.55 -17.91
C3C CLA E . 5.50 8.19 -17.91
C4C CLA E . 5.27 7.79 -19.27
CMC CLA E . 6.02 10.44 -16.78
CAC CLA E . 5.48 7.30 -16.74
CBC CLA E . 6.85 6.91 -16.28
ND CLA E . 4.77 7.04 -22.08
C1D CLA E . 4.72 6.13 -21.00
C2D CLA E . 4.42 4.78 -21.54
C3D CLA E . 4.26 4.95 -22.89
C4D CLA E . 4.43 6.36 -23.18
CMD CLA E . 4.37 3.56 -20.73
CAD CLA E . 3.98 4.32 -24.14
OBD CLA E . 3.90 3.13 -24.38
CBD CLA E . 3.83 5.42 -25.22
CGD CLA E . 4.56 5.11 -26.49
O1D CLA E . 5.54 5.62 -26.97
O2D CLA E . 3.98 4.09 -27.14
CED CLA E . 4.67 3.60 -28.26
C1 CLA E . 4.91 7.92 -30.69
C2 CLA E . 5.98 7.53 -29.74
C3 CLA E . 7.12 8.20 -29.50
C4 CLA E . 7.49 9.49 -30.15
C5 CLA E . 8.08 7.68 -28.49
C6 CLA E . 9.43 7.24 -29.05
C7 CLA E . 9.34 6.23 -30.20
C8 CLA E . 8.76 4.86 -29.88
C9 CLA E . 9.61 4.14 -28.88
C10 CLA E . 8.57 4.01 -31.14
C11 CLA E . 7.56 4.58 -32.10
C12 CLA E . 7.22 3.65 -33.25
C13 CLA E . 6.28 4.27 -34.27
C14 CLA E . 6.99 5.33 -35.09
C15 CLA E . 5.02 4.88 -33.66
C16 CLA E . 4.21 3.93 -32.81
C17 CLA E . 3.40 2.97 -33.65
C18 CLA E . 3.11 1.60 -33.04
C19 CLA E . 1.79 1.05 -33.49
C20 CLA E . 3.18 1.53 -31.54
HHB CLA E . 4.72 12.33 -25.17
HHC CLA E . 6.03 12.03 -18.90
HHD CLA E . 4.95 5.70 -18.92
H2A CLA E . 4.68 7.99 -27.16
H3A CLA E . 3.28 10.56 -26.64
HMA1 CLA E . 5.35 11.64 -27.32
HMA2 CLA E . 5.07 10.21 -28.39
HMA3 CLA E . 6.30 10.13 -27.08
HAA1 CLA E . 1.84 8.71 -26.10
HAA2 CLA E . 2.35 7.07 -26.64
HBA1 CLA E . 2.39 9.61 -28.39
HBA2 CLA E . 1.11 8.33 -28.42
HMB1 CLA E . 6.00 15.23 -23.23
HMB2 CLA E . 4.29 14.78 -23.63
HMB3 CLA E . 5.67 14.13 -24.64
HAB CLA E . 5.48 15.25 -20.78
HBB1 CLA E . 7.47 13.44 -19.25
HBB2 CLA E . 7.08 15.22 -18.91
HMC1 CLA E . 6.20 9.84 -15.84
HMC2 CLA E . 5.15 11.11 -16.59
HMC3 CLA E . 6.92 11.07 -16.96
HAC1 CLA E . 4.91 6.37 -16.98
HAC2 CLA E . 4.95 7.80 -15.88
HBC1 CLA E . 6.80 6.32 -15.34
HBC2 CLA E . 7.46 7.83 -16.09
HBC3 CLA E . 7.36 6.30 -17.06
HMD1 CLA E . 4.21 2.66 -21.38
HMD2 CLA E . 3.52 3.61 -20.00
HMD3 CLA E . 5.32 3.42 -20.15
HBD CLA E . 2.74 5.48 -25.52
HED1 CLA E . 4.00 2.79 -28.64
HED2 CLA E . 5.64 3.26 -27.85
HED3 CLA E . 4.74 4.49 -28.93
H11 CLA E . 5.28 8.67 -31.43
H12 CLA E . 4.53 7.02 -31.25
H2 CLA E . 5.78 6.59 -29.21
H41 CLA E . 8.57 9.72 -30.01
H42 CLA E . 6.91 10.34 -29.74
H43 CLA E . 7.29 9.45 -31.25
H51 CLA E . 7.61 6.80 -27.97
H52 CLA E . 8.25 8.47 -27.71
H61 CLA E . 10.04 6.78 -28.21
H62 CLA E . 9.99 8.14 -29.40
H71 CLA E . 10.38 6.08 -30.61
H72 CLA E . 8.74 6.70 -31.01
H8 CLA E . 7.74 5.03 -29.43
H91 CLA E . 9.38 3.04 -28.90
H92 CLA E . 9.41 4.52 -27.85
H93 CLA E . 10.69 4.28 -29.10
H101 CLA E . 8.24 2.98 -30.84
H102 CLA E . 9.56 3.91 -31.67
H111 CLA E . 7.95 5.56 -32.51
H112 CLA E . 6.62 4.83 -31.54
H121 CLA E . 6.77 2.72 -32.84
H122 CLA E . 8.18 3.37 -33.75
H13 CLA E . 5.96 3.41 -34.93
H141 CLA E . 6.81 5.17 -36.17
H142 CLA E . 8.09 5.29 -34.90
H143 CLA E . 6.62 6.35 -34.82
H151 CLA E . 4.35 5.26 -34.48
H152 CLA E . 5.30 5.77 -33.03
H161 CLA E . 3.52 4.51 -32.15
H162 CLA E . 4.90 3.35 -32.14
H171 CLA E . 3.94 2.80 -34.62
H172 CLA E . 2.42 3.45 -33.88
H18 CLA E . 3.96 0.96 -33.42
H191 CLA E . 1.64 0.02 -33.09
H192 CLA E . 1.74 1.00 -34.60
H193 CLA E . 0.95 1.70 -33.13
H201 CLA E . 2.66 0.62 -31.16
H202 CLA E . 2.68 2.42 -31.08
H203 CLA E . 4.23 1.50 -31.19
C1 PID F . 2.76 4.84 -40.16
C2 PID F . 2.74 3.88 -41.30
C3 PID F . 3.57 2.70 -41.08
C4 PID F . 4.92 3.07 -40.66
C5 PID F . 4.99 3.77 -39.32
C6 PID F . 3.86 4.79 -39.17
C7 PID F . 4.16 5.98 -38.34
C8 PID F . 3.49 6.31 -37.25
C9 PID F . 3.73 7.44 -36.43
C10 PID F . 4.64 8.54 -36.73
C11 PID F . 3.14 7.75 -35.24
C12 PID F . 3.64 8.97 -34.77
C13 PID F . 3.32 9.61 -33.57
C14 PID F . 3.80 10.81 -33.00
C15 PID F . 3.38 11.10 -31.73
C16 PID F . 3.67 12.24 -30.94
C17 PID F . 3.28 12.42 -29.65
C18 PID F . 3.53 13.60 -28.92
C19 PID F . 3.01 13.95 -27.71
C20 PID F . 3.24 15.18 -27.10
C21 PID F . 2.58 15.77 -26.10
C22 PID F . 2.97 17.14 -25.72
C23 PID F . 2.27 17.96 -24.94
C24 PID F . 1.62 18.83 -24.21
C25 PID F . 2.00 19.05 -22.74
C26 PID F . 0.73 19.28 -21.90
C27 PID F . -0.18 20.33 -22.44
C28 PID F . -0.61 19.95 -23.80
C29 PID F . 0.56 19.74 -24.81
C30 PID F . -2.03 21.49 -21.55
C31 PID F . -3.21 21.34 -20.66
CM1 PID F . 1.98 6.08 -40.37
CM2 PID F . 6.37 4.38 -39.21
CM3 PID F . 4.88 2.81 -38.17
CM4 PID F . 4.73 11.68 -33.75
CM5 PID F . 1.50 15.12 -25.33
CM6 PID F . 2.70 17.84 -22.21
CM7 PID F . 2.93 20.26 -22.61
CM8 PID F . -0.02 19.20 -26.08
O1 PID F . 2.57 4.22 -38.90
O2 PID F . 3.61 2.00 -42.35
O3 PID F . 5.36 8.76 -37.67
O4 PID F . 4.53 9.44 -35.68
O5 PID F . 1.14 21.05 -25.05
O6 PID F . -1.35 20.38 -21.60
O7 PID F . -1.73 22.48 -22.14
H21 PID F . 3.04 4.31 -42.11
H22A PID F . 1.83 3.58 -41.48
H3 PID F . 3.14 2.15 -40.41
H41 PID F . 5.32 3.63 -41.33
H42 PID F . 5.49 2.28 -40.63
H7 PID F . 4.86 6.51 -38.63
H8 PID F . 2.79 5.78 -36.93
H11 PID F . 2.50 7.28 -34.76
H13 PID F . 2.68 9.15 -33.09
H15 PID F . 2.82 10.47 -31.31
H16 PID F . 4.17 12.90 -31.37
H17 PID F . 2.82 11.75 -29.20
H18 PID F . 4.13 14.20 -29.30
H19 PID F . 2.45 13.35 -27.25
H20 PID F . 3.95 15.65 -27.46
H22 PID F . 3.78 17.47 -26.03
H261 PID F . 0.23 18.45 -21.82
H262 PID F . 0.96 19.51 -20.99
H27 PID F . 0.25 21.21 -22.46
H281 PID F . -1.19 20.64 -24.17
H282 PID F . -1.14 19.15 -23.78
H311 PID F . -3.44 20.42 -20.45
H312 PID F . -4.03 21.71 -21.01
H313 PID F . -3.12 21.76 -19.79
HM11 PID F . 1.13 5.86 -40.79
HM12 PID F . 1.82 6.52 -39.53
HM13 PID F . 2.47 6.68 -40.96
HM21 PID F . 6.43 5.22 -39.69
HM22 PID F . 6.61 4.58 -38.29
HM23 PID F . 7.05 3.80 -39.55
HM31 PID F . 4.76 3.28 -37.33
HM32 PID F . 4.12 2.22 -38.27
HM33 PID F . 5.68 2.26 -38.09
HM41 PID F . 4.66 12.62 -33.54
HM42 PID F . 5.67 11.49 -33.61
HM43 PID F . 4.64 11.64 -34.71
HM51 PID F . 1.12 14.36 -25.78
HM52 PID F . 0.75 15.72 -25.15
HM53 PID F . 1.79 14.80 -24.46
HM61 PID F . 2.88 17.90 -21.25
HM62 PID F . 2.18 17.04 -22.34
HM63 PID F . 3.56 17.69 -22.65
HM71 PID F . 3.14 20.47 -21.69
HM72 PID F . 2.53 21.06 -23.00
HM73 PID F . 3.78 20.12 -23.07
HM81 PID F . -0.34 18.29 -25.98
HM82 PID F . 0.62 19.20 -26.80
HM83 PID F . -0.78 19.73 -26.37
HO2 PID F . 2.87 1.61 -42.45
HO5 PID F . 0.54 21.55 -25.34
C1 PID G . -5.61 17.63 -37.90
C2 PID G . -6.26 18.21 -39.14
C3 PID G . -7.41 17.39 -39.61
C4 PID G . -6.94 16.07 -39.92
C5 PID G . -6.42 15.29 -38.74
C6 PID G . -5.66 16.19 -37.72
C7 PID G . -4.69 15.48 -36.87
C8 PID G . -4.78 15.40 -35.55
C9 PID G . -3.89 14.68 -34.67
C10 PID G . -2.74 13.87 -35.06
C11 PID G . -3.97 14.58 -33.33
C12 PID G . -2.94 13.77 -32.86
C13 PID G . -2.68 13.41 -31.58
C14 PID G . -1.58 12.71 -30.98
C15 PID G . -1.60 12.61 -29.61
C16 PID G . -0.66 12.02 -28.74
C17 PID G . -0.78 12.07 -27.39
C18 PID G . 0.13 11.59 -26.43
C19 PID G . -0.01 11.85 -25.09
C20 PID G . 0.86 11.48 -24.06
C21 PID G . 0.77 11.81 -22.75
C22 PID G . 1.79 11.38 -21.80
C23 PID G . 1.90 11.78 -20.57
C24 PID G . 1.88 12.20 -19.34
C25 PID G . 1.42 11.29 -18.19
C26 PID G . 0.42 12.06 -17.29
C27 PID G . 0.91 13.40 -16.88
C28 PID G . 1.18 14.26 -18.06
C29 PID G . 2.22 13.68 -19.00
C30 PID G . 0.18 15.02 -15.25
C31 PID G . -0.97 15.48 -14.46
CM1 PID G . -4.58 18.44 -37.25
CM2 PID G . -5.53 14.13 -39.27
CM3 PID G . -7.57 14.64 -37.98
CM4 PID G . -0.50 12.12 -31.82
CM5 PID G . -0.38 12.59 -22.21
CM6 PID G . 0.75 10.04 -18.72
CM7 PID G . 2.59 10.88 -17.34
CM8 PID G . 2.34 14.57 -20.20
O1 PID G . -6.53 17.07 -37.01
O2 PID G . -7.97 18.02 -40.80
O3 PID G . -2.23 13.63 -36.14
O4 PID G . -2.20 13.34 -33.92
O5 PID G . 3.46 13.72 -18.28
O6 PID G . -0.14 13.97 -16.08
O7 PID G . 1.24 15.48 -15.18
H21 PID G . -5.62 18.28 -39.85
H22A PID G . -6.57 19.12 -38.97
H3 PID G . -8.07 17.41 -38.91
H41 PID G . -6.24 16.13 -40.61
H42 PID G . -7.65 15.57 -40.35
H7 PID G . -3.98 15.08 -37.31
H8 PID G . -5.46 15.83 -35.08
H11 PID G . -4.59 14.95 -32.75
H13 PID G . -3.35 13.68 -30.99
H15 PID G . -2.34 12.98 -29.17
H16 PID G . 0.07 11.58 -29.14
H17 PID G . -1.54 12.47 -27.03
H18 PID G . 0.86 11.09 -26.72
H19 PID G . -0.77 12.30 -24.81
H20 PID G . 1.58 10.96 -24.32
H22 PID G . 2.43 10.77 -22.10
H261 PID G . -0.43 12.15 -17.75
H262 PID G . 0.23 11.53 -16.49
H27 PID G . 1.74 13.36 -16.36
H281 PID G . 0.37 14.41 -18.57
H282 PID G . 1.48 15.14 -17.79
H311 PID G . -0.91 15.29 -13.51
H312 PID G . -1.13 16.44 -14.50
H313 PID G . -1.81 15.08 -14.71
HM11 PID G . -3.70 18.07 -37.44
HM12 PID G . -4.61 19.35 -37.58
HM13 PID G . -4.70 18.44 -36.29
HM21 PID G . -5.34 13.47 -38.59
HM22 PID G . -4.66 14.46 -39.59
HM23 PID G . -5.94 13.67 -40.02
HM31 PID G . -8.29 15.28 -37.79
HM32 PID G . -7.29 14.28 -37.13
HM33 PID G . -7.97 13.91 -38.49
HM41 PID G . -0.70 11.25 -32.20
HM42 PID G . -0.26 12.65 -32.59
HM43 PID G . 0.34 11.98 -31.37
HM51 PID G . -1.08 12.01 -21.85
HM52 PID G . -0.13 13.18 -21.49
HM53 PID G . -0.81 13.14 -22.87
HM61 PID G . 1.37 9.45 -19.18
HM62 PID G . 0.04 10.23 -19.35
HM63 PID G . 0.35 9.51 -18.01
HM71 PID G . 2.31 10.37 -16.56
HM72 PID G . 3.21 10.32 -17.84
HM73 PID G . 3.10 11.65 -17.03
HM81 PID G . 1.48 14.67 -20.65
HM82 PID G . 2.64 15.45 -19.97
HM83 PID G . 2.97 14.21 -20.85
HO2 PID G . -8.13 18.83 -40.60
HO5 PID G . 3.96 14.26 -18.67
C1 PID H . 0.03 -7.37 -33.29
C2 PID H . -0.03 -8.43 -34.36
C3 PID H . 1.19 -9.24 -34.41
C4 PID H . 2.40 -8.37 -34.62
C5 PID H . 2.65 -7.38 -33.56
C6 PID H . 1.35 -6.85 -32.89
C7 PID H . 1.49 -5.55 -32.17
C8 PID H . 1.21 -5.37 -30.89
C9 PID H . 1.38 -4.13 -30.15
C10 PID H . 1.92 -2.89 -30.67
C11 PID H . 1.10 -3.89 -28.83
C12 PID H . 1.44 -2.55 -28.53
C13 PID H . 1.30 -1.91 -27.30
C14 PID H . 1.59 -0.59 -26.88
C15 PID H . 1.15 -0.24 -25.65
C16 PID H . 1.30 1.02 -25.00
C17 PID H . 0.90 1.24 -23.72
C18 PID H . 0.99 2.43 -23.04
C19 PID H . 0.70 2.61 -21.74
C20 PID H . 0.75 3.83 -21.05
C21 PID H . 0.51 4.05 -19.75
C22 PID H . 0.59 5.39 -19.21
C23 PID H . 0.34 5.73 -17.97
C24 PID H . 0.11 5.97 -16.70
C25 PID H . 1.25 5.92 -15.68
C26 PID H . 0.75 5.12 -14.47
C27 PID H . -0.60 5.55 -13.93
C28 PID H . -1.64 5.50 -14.96
C29 PID H . -1.31 6.33 -16.21
C30 PID H . -1.77 4.88 -11.99
C31 PID H . -1.74 3.81 -10.91
CM1 PID H . -1.16 -6.56 -33.13
CM2 PID H . 3.44 -6.26 -34.20
CM3 PID H . 3.48 -7.96 -32.51
CM4 PID H . 2.33 0.35 -27.75
CM5 PID H . 0.17 2.98 -18.80
CM6 PID H . 2.46 5.20 -16.26
CM7 PID H . 1.68 7.32 -15.22
CM8 PID H . -2.38 6.09 -17.24
O1 PID H . 0.64 -7.82 -32.11
O2 PID H . 1.11 -10.20 -35.47
O3 PID H . 2.32 -2.56 -31.78
O4 PID H . 1.94 -1.97 -29.66
O5 PID H . -1.35 7.71 -15.83
O6 PID H . -0.89 4.59 -12.92
O7 PID H . -2.50 5.82 -12.00
H21 PID H . -0.80 -9.02 -34.21
H22A PID H . -0.18 -8.04 -35.23
H3 PID H . 1.20 -9.72 -33.55
H41 PID H . 3.17 -8.93 -34.73
H42 PID H . 2.30 -7.91 -35.46
H7 PID H . 1.80 -4.85 -32.69
H8 PID H . 0.87 -6.06 -30.36
H11 PID H . 0.75 -4.45 -28.18
H13 PID H . 0.95 -2.47 -26.65
H15 PID H . 0.71 -0.89 -25.15
H16 PID H . 1.68 1.71 -25.49
H17 PID H . 0.53 0.53 -23.24
H18 PID H . 1.27 3.18 -23.52
H19 PID H . 0.43 1.88 -21.23
H20 PID H . 0.98 4.56 -21.57
H22 PID H . 0.84 6.08 -19.79
H261 PID H . 1.41 5.16 -13.76
H262 PID H . 0.71 4.18 -14.71
H27 PID H . -0.59 6.46 -13.58
H281 PID H . -1.81 4.59 -15.23
H282 PID H . -2.48 5.82 -14.60
H311 PID H . -2.22 4.04 -10.11
H312 PID H . -0.84 3.61 -10.60
H313 PID H . -2.10 2.96 -11.18
HM11 PID H . -1.22 -5.90 -33.84
HM12 PID H . -1.13 -6.10 -32.27
HM13 PID H . -1.95 -7.12 -33.15
HM21 PID H . 4.09 -6.60 -34.84
HM22 PID H . 2.87 -5.64 -34.68
HM23 PID H . 3.94 -5.74 -33.54
HM31 PID H . 3.60 -7.35 -31.77
HM32 PID H . 3.09 -8.78 -32.17
HM33 PID H . 4.37 -8.18 -32.84
HM41 PID H . 2.09 1.28 -27.64
HM42 PID H . 3.30 0.35 -27.62
HM43 PID H . 2.23 0.20 -28.70
HM51 PID H . -0.58 3.21 -18.23
HM52 PID H . 0.90 2.75 -18.21
HM53 PID H . -0.07 2.15 -19.25
HM61 PID H . 2.26 4.31 -16.55
HM62 PID H . 3.19 5.12 -15.60
HM63 PID H . 2.84 5.68 -17.01
HM71 PID H . 0.97 7.78 -14.76
HM72 PID H . 1.95 7.88 -15.96
HM73 PID H . 2.44 7.28 -14.61
HM81 PID H . -2.25 6.65 -18.02
HM82 PID H . -2.38 5.17 -17.54
HM83 PID H . -3.26 6.28 -16.88
HO2 PID H . 1.63 -10.82 -35.29
HO5 PID H . -2.14 7.89 -15.66
C1 PID I . 3.85 -5.66 -27.63
C2 PID I . 3.42 -6.98 -28.19
C3 PID I . 3.10 -7.96 -27.13
C4 PID I . 4.22 -8.06 -26.15
C5 PID I . 4.48 -6.78 -25.37
C6 PID I . 4.34 -5.54 -26.24
C7 PID I . 5.24 -4.40 -25.92
C8 PID I . 4.83 -3.17 -25.69
C9 PID I . 5.69 -2.05 -25.45
C10 PID I . 7.11 -2.13 -25.24
C11 PID I . 5.37 -0.74 -25.45
C12 PID I . 6.53 0.01 -25.20
C13 PID I . 6.66 1.37 -25.14
C14 PID I . 7.83 2.19 -25.12
C15 PID I . 7.63 3.56 -25.20
C16 PID I . 8.61 4.59 -25.11
C17 PID I . 8.36 5.92 -25.25
C18 PID I . 9.31 6.92 -25.07
C19 PID I . 9.10 8.26 -25.08
C20 PID I . 10.08 9.27 -24.81
C21 PID I . 9.89 10.60 -24.66
C22 PID I . 11.02 11.44 -24.33
C23 PID I . 10.96 12.73 -24.04
C24 PID I . 10.79 14.01 -23.79
C25 PID I . 10.29 14.56 -22.42
C26 PID I . 9.04 15.39 -22.67
C27 PID I . 9.19 16.41 -23.77
C28 PID I . 9.63 15.82 -25.09
C29 PID I . 10.89 14.98 -24.97
C30 PID I . 7.78 18.21 -24.41
C31 PID I . 6.36 18.67 -24.49
CM1 PID I . 4.25 -4.67 -28.67
CM2 PID I . 5.89 -6.87 -24.75
CM3 PID I . 3.49 -6.66 -24.22
CM4 PID I . 9.18 1.58 -25.04
CM5 PID I . 8.56 11.28 -24.85
CM6 PID I . 9.90 13.43 -21.47
CM7 PID I . 11.35 15.36 -21.72
CM8 PID I . 11.18 14.30 -26.28
O1 PID I . 3.01 -5.19 -26.59
O2 PID I . 2.87 -9.24 -27.77
O3 PID I . 7.86 -3.08 -25.17
O4 PID I . 7.58 -0.87 -25.08
O5 PID I . 11.93 15.89 -24.67
O6 PID I . 7.87 17.00 -23.94
O7 PID I . 8.72 18.85 -24.69
H21 PID I . 4.11 -7.35 -28.76
H22A PID I . 2.65 -6.87 -28.77
H3 PID I . 2.28 -7.65 -26.72
H41 PID I . 5.03 -8.33 -26.60
H42 PID I . 4.04 -8.79 -25.52
H7 PID I . 6.15 -4.61 -25.89
H8 PID I . 3.92 -2.95 -25.68
H11 PID I . 4.55 -0.33 -25.58
H13 PID I . 5.84 1.81 -25.11
H15 PID I . 6.76 3.86 -25.31
H16 PID I . 9.48 4.32 -24.96
H17 PID I . 7.50 6.20 -25.46
H18 PID I . 10.20 6.63 -24.95
H19 PID I . 8.24 8.57 -25.26
H20 PID I . 10.94 8.95 -24.72
H22 PID I . 11.86 11.05 -24.31
H261 PID I . 8.29 14.81 -22.87
H262 PID I . 8.79 15.84 -21.85
H27 PID I . 9.86 17.09 -23.53
H281 PID I . 9.78 16.52 -25.74
H282 PID I . 8.92 15.26 -25.47
H311 PID I . 6.12 19.03 -25.36
H312 PID I . 6.14 19.37 -23.87
H313 PID I . 5.72 17.98 -24.33
HM11 PID I . 3.94 -3.79 -28.42
HM12 PID I . 3.87 -4.91 -29.53
HM13 PID I . 5.21 -4.65 -28.76
HM21 PID I . 6.59 -6.76 -25.42
HM22 PID I . 6.05 -6.19 -24.08
HM23 PID I . 6.06 -7.73 -24.33
HM31 PID I . 2.59 -6.53 -24.53
HM32 PID I . 3.49 -7.46 -23.66
HM33 PID I . 3.71 -5.91 -23.64
HM41 PID I . 9.91 2.13 -25.36
HM42 PID I . 9.28 0.75 -25.54
HM43 PID I . 9.46 1.33 -24.15
HM51 PID I . 7.95 10.75 -25.37
HM52 PID I . 8.63 12.13 -25.32
HM53 PID I . 8.11 11.47 -24.02
HM61 PID I . 9.56 13.76 -20.63
HM62 PID I . 9.21 12.85 -21.84
HM63 PID I . 10.65 12.85 -21.26
HM71 PID I . 12.10 14.81 -21.47
HM72 PID I . 11.70 16.06 -22.29
HM73 PID I . 11.01 15.79 -20.93
HM81 PID I . 11.99 13.78 -26.24
HM82 PID I . 11.28 14.95 -26.99
HM83 PID I . 10.46 13.71 -26.54
HO2 PID I . 2.35 -9.67 -27.27
HO5 PID I . 11.73 16.63 -25.00
C1A W4O J . -2.56 1.13 -35.71
C2A W4O J . -2.75 -0.15 -34.93
C3A W4O J . -3.59 0.04 -33.74
C4A W4O J . -3.23 0.52 -32.57
C5A W4O J . -1.94 0.99 -32.16
C6A W4O J . -1.84 2.42 -31.67
C7A W4O J . -1.09 2.87 -30.64
C8A W4O J . -0.19 2.04 -29.77
C9A W4O J . -0.84 2.19 -28.44
CAA W4O J . -0.58 3.12 -27.55
CBA W4O J . 0.42 4.21 -27.70
CCA W4O J . -0.28 5.43 -28.10
CDA W4O J . -0.85 6.28 -27.26
CEA W4O J . -0.88 6.12 -25.76
CFA W4O J . -0.92 7.50 -25.25
CGA W4O J . -0.33 7.93 -24.13
CHA W4O J . 0.44 7.10 -23.21
CIA W4O J . 1.38 7.93 -22.38
O1A W4O J . -3.04 2.19 -35.38
C1B W4O J . -0.16 4.57 -35.99
C2B W4O J . 0.44 5.16 -34.72
C3B W4O J . -0.36 6.29 -34.21
C4B W4O J . 0.01 6.68 -32.81
C5B W4O J . -0.52 8.05 -32.50
C6B W4O J . -0.35 8.46 -31.12
C7B W4O J . -1.34 8.76 -30.24
C8B W4O J . -2.82 8.72 -30.46
C9B W4O J . -3.64 9.84 -29.99
CAB W4O J . -4.00 10.05 -28.73
CBB W4O J . -3.63 9.22 -27.54
CCB W4O J . -4.85 9.22 -26.64
CDB W4O J . -5.02 9.85 -25.48
CEB W4O J . -4.05 10.76 -24.82
CFB W4O J . -3.62 10.31 -23.51
CGB W4O J . -4.00 10.86 -22.33
CHB W4O J . -4.91 12.00 -22.12
CIB W4O J . -4.27 13.15 -21.38
O1B W4O J . -0.79 5.18 -36.78
O1G W4O J . -1.78 1.02 -36.82
C1G W4O J . -1.56 2.18 -37.54
C2G W4O J . -0.09 2.69 -37.41
O2G W4O J . 0.10 3.24 -36.14
C3G W4O J . 0.92 1.49 -37.57
O3G W4O J . 0.66 0.76 -38.73
C1D W4O J . 1.23 -0.50 -38.74
C2D W4O J . 0.23 -1.55 -39.32
O2D W4O J . -0.79 -1.74 -38.36
C3D W4O J . 1.04 -2.87 -39.50
O3D W4O J . 0.17 -3.78 -40.11
C4D W4O J . 2.26 -2.63 -40.42
O4D W4O J . 1.86 -2.24 -41.68
C5D W4O J . 3.13 -1.47 -39.89
O5D W4O J . 5.34 -2.08 -40.55
C6D W4O J . 4.33 -1.09 -40.77
O6D W4O J . 2.35 -0.36 -39.58
C1E W4O J . 5.51 -2.99 -41.59
C2E W4O J . 6.37 -4.27 -41.24
O2E W4O J . 5.78 -4.89 -40.12
C3E W4O J . 7.87 -3.94 -40.98
O3E W4O J . 8.62 -5.10 -40.87
C4E W4O J . 8.42 -3.01 -42.14
O4E W4O J . 8.52 -3.78 -43.31
C5E W4O J . 7.42 -1.81 -42.31
O6E W4O J . 6.12 -2.26 -42.62
C6E W4O J . 7.83 -0.83 -43.49
O5E W4O J . 7.61 0.46 -42.93
HA21 W4O J . -1.76 -0.55 -34.63
HA22 W4O J . -3.20 -0.92 -35.59
HA31 W4O J . -4.63 -0.26 -33.87
HA41 W4O J . -3.99 0.58 -31.79
HA52 W4O J . -1.58 0.28 -31.36
HA51 W4O J . -1.25 0.82 -33.02
HA61 W4O J . -2.44 3.14 -32.22
HA71 W4O J . -1.07 3.92 -30.35
HA82 W4O J . 0.87 2.36 -29.73
HA81 W4O J . -0.13 0.97 -30.04
HA91 W4O J . -1.61 1.44 -28.21
HAT1 W4O J . -1.14 3.12 -26.61
HAE1 W4O J . 0.98 4.36 -26.75
HAE2 W4O J . 1.20 3.94 -28.45
HAW1 W4O J . -0.33 5.63 -29.18
HAH1 W4O J . -1.34 7.18 -27.65
HAF2 W4O J . 0.00 5.58 -25.37
HAF1 W4O J . -1.73 5.53 -25.39
HAN1 W4O J . -1.50 8.19 -25.88
HAS1 W4O J . -0.42 8.98 -23.86
HAV2 W4O J . 1.02 6.34 -23.77
HAV1 W4O J . -0.25 6.54 -22.54
HAG3 W4O J . 2.16 8.40 -22.99
HAG2 W4O J . 1.88 7.34 -21.61
HAG1 W4O J . 0.87 8.75 -21.86
HB22 W4O J . 0.52 4.39 -33.96
HB21 W4O J . 1.47 5.51 -34.93
HB32 W4O J . -0.26 7.17 -34.87
HB31 W4O J . -1.44 6.03 -34.24
HB42 W4O J . -0.38 5.95 -32.06
HB41 W4O J . 1.10 6.67 -32.66
HB51 W4O J . -0.06 8.84 -33.13
HB52 W4O J . -1.61 8.13 -32.71
HB61 W4O J . 0.69 8.54 -30.76
HB71 W4O J . -1.08 9.08 -29.23
HB81 W4O J . -3.08 8.62 -31.54
HB82 W4O J . -3.28 7.81 -29.99
HB91 W4O J . -3.97 10.54 -30.76
HBT1 W4O J . -4.64 10.91 -28.51
HBE1 W4O J . -2.71 9.65 -27.07
HBE2 W4O J . -3.30 8.22 -27.88
HBW1 W4O J . -5.67 8.61 -27.04
HBH1 W4O J . -5.96 9.70 -24.94
HBF1 W4O J . -4.52 11.78 -24.73
HBF2 W4O J . -3.17 10.91 -25.48
HBN1 W4O J . -2.92 9.48 -23.51
HBS1 W4O J . -3.61 10.42 -21.41
HBV1 W4O J . -5.30 12.36 -23.10
HBV2 W4O J . -5.82 11.67 -21.57
HBG2 W4O J . -3.18 13.10 -21.37
HBG3 W4O J . -4.58 13.21 -20.33
HBG1 W4O J . -4.52 14.13 -21.81
HG11 W4O J . -1.83 1.98 -38.60
HG12 W4O J . -2.30 2.94 -37.19
HG2 W4O J . 0.07 3.46 -38.21
HG31 W4O J . 0.84 0.82 -36.69
HG32 W4O J . 1.95 1.88 -37.61
HD1 W4O J . 1.62 -0.85 -37.75
HD2 W4O J . -0.20 -1.24 -40.31
HO2D W4O J . -1.59 -1.43 -38.77
HD3 W4O J . 1.40 -3.24 -38.51
HO3D W4O J . 0.53 -4.65 -39.93
HD4 W4O J . 2.85 -3.59 -40.47
HO4D W4O J . 2.37 -2.76 -42.31
HD5 W4O J . 3.59 -1.77 -38.90
HD61 W4O J . 4.68 -0.06 -40.49
HD62 W4O J . 4.00 -1.04 -41.83
HE1 W4O J . 4.54 -3.36 -42.03
HE2 W4O J . 6.29 -4.94 -42.14
HO2E W4O J . 5.54 -5.77 -40.39
HE3 W4O J . 8.03 -3.43 -39.99
HO3E W4O J . 9.26 -4.99 -40.16
HE4 W4O J . 9.43 -2.60 -41.87
HO4E W4O J . 9.35 -3.51 -43.75
HE5 W4O J . 7.44 -1.20 -41.37
HE61 W4O J . 8.89 -0.95 -43.80
HE62 W4O J . 7.25 -0.99 -44.41
HO5E W4O J . 6.74 0.75 -43.24
K K K . 22.05 5.64 -25.99
P PO4 L . 24.78 3.31 -22.70
O1 PO4 L . 24.27 4.03 -23.90
O2 PO4 L . 26.16 2.75 -22.92
O3 PO4 L . 23.84 2.18 -22.35
O4 PO4 L . 24.85 4.25 -21.54
MG CLA M . -7.76 13.21 -11.67
CHA CLA M . -6.96 16.30 -10.16
CHB CLA M . -9.49 14.95 -14.03
CHC CLA M . -7.80 10.44 -13.62
CHD CLA M . -5.09 11.81 -9.83
NA CLA M . -8.18 15.28 -11.99
C1A CLA M . -7.82 16.39 -11.22
C2A CLA M . -8.46 17.68 -11.75
C3A CLA M . -9.33 17.18 -12.92
C4A CLA M . -8.99 15.70 -13.00
CMA CLA M . -10.80 17.42 -12.69
CAA CLA M . -7.41 18.69 -12.21
CBA CLA M . -8.05 20.00 -12.61
CGA CLA M . -8.78 20.63 -11.44
O1A CLA M . -8.33 20.98 -10.39
O2A CLA M . -10.10 20.80 -11.67
NB CLA M . -8.50 12.77 -13.47
C1B CLA M . -9.26 13.57 -14.24
C2B CLA M . -9.88 12.81 -15.34
C3B CLA M . -9.42 11.55 -15.23
C4B CLA M . -8.53 11.49 -14.05
CMB CLA M . -10.72 13.43 -16.36
CAB CLA M . -9.71 10.46 -16.14
CBB CLA M . -9.82 9.18 -15.82
NC CLA M . -6.58 11.45 -11.76
C1C CLA M . -6.88 10.42 -12.56
C2C CLA M . -6.10 9.25 -12.17
C3C CLA M . -5.32 9.63 -11.10
C4C CLA M . -5.66 11.01 -10.84
CMC CLA M . -6.13 7.96 -12.86
CAC CLA M . -4.34 8.80 -10.36
CBC CLA M . -4.95 7.84 -9.37
ND CLA M . -6.39 13.83 -10.26
C1D CLA M . -5.40 13.10 -9.56
C2D CLA M . -4.82 13.98 -8.53
C3D CLA M . -5.42 15.20 -8.66
C4D CLA M . -6.35 15.06 -9.79
CMD CLA M . -3.79 13.56 -7.60
CAD CLA M . -5.51 16.56 -8.20
OBD CLA M . -5.02 17.08 -7.23
CBD CLA M . -6.39 17.34 -9.23
CGD CLA M . -7.39 18.20 -8.53
O1D CLA M . -8.60 18.06 -8.52
O2D CLA M . -6.83 19.25 -7.89
CED CLA M . -7.68 20.20 -7.31
C1 CLA M . -10.95 21.19 -10.59
C2 CLA M . -11.14 20.00 -9.75
C3 CLA M . -12.14 19.11 -9.82
C4 CLA M . -13.28 19.23 -10.80
C5 CLA M . -12.16 17.93 -8.91
C6 CLA M . -13.31 17.81 -7.92
C7 CLA M . -13.43 18.98 -6.98
C8 CLA M . -12.22 19.27 -6.10
C9 CLA M . -11.97 18.22 -5.04
C10 CLA M . -12.38 20.65 -5.44
C11 CLA M . -12.23 21.80 -6.40
C12 CLA M . -12.07 23.12 -5.68
C13 CLA M . -12.15 24.34 -6.62
C14 CLA M . -13.59 24.58 -7.06
C15 CLA M . -11.24 24.28 -7.84
C16 CLA M . -9.77 24.11 -7.49
C17 CLA M . -9.15 25.28 -6.79
C18 CLA M . -7.70 25.04 -6.43
C19 CLA M . -7.09 26.29 -5.82
C20 CLA M . -7.57 23.91 -5.45
HHB CLA M . -10.13 15.45 -14.76
HHC CLA M . -7.94 9.47 -14.14
HHD CLA M . -4.33 11.33 -9.21
H2A CLA M . -9.09 18.13 -10.92
H3A CLA M . -9.03 17.68 -13.88
HMA1 CLA M . -11.41 16.73 -13.33
HMA2 CLA M . -11.08 18.47 -12.95
HMA3 CLA M . -11.07 17.25 -11.62
HAA1 CLA M . -6.85 18.27 -13.08
HAA2 CLA M . -6.68 18.86 -11.39
HBA1 CLA M . -8.77 19.83 -13.44
HBA2 CLA M . -7.26 20.71 -12.97
HMB1 CLA M . -11.41 12.65 -16.81
HMB2 CLA M . -10.09 13.86 -17.19
HMB3 CLA M . -11.35 14.24 -15.92
HAB CLA M . -9.82 10.78 -17.19
HBB1 CLA M . -9.72 8.82 -14.79
HBB2 CLA M . -10.04 8.41 -16.57
HMC1 CLA M . -5.60 7.18 -12.26
HMC2 CLA M . -5.63 8.03 -13.85
HMC3 CLA M . -7.19 7.62 -13.02
HAC1 CLA M . -3.63 9.47 -9.81
HAC2 CLA M . -3.74 8.21 -11.09
HBC1 CLA M . -4.14 7.28 -8.85
HBC2 CLA M . -5.61 7.12 -9.90
HBC3 CLA M . -5.56 8.41 -8.62
HMD1 CLA M . -3.59 14.36 -6.84
HMD2 CLA M . -2.83 13.35 -8.14
HMD3 CLA M . -4.09 12.63 -7.05
HBD CLA M . -5.75 18.04 -9.83
HED1 CLA M . -7.00 21.04 -7.05
HED2 CLA M . -8.11 19.66 -6.43
HED3 CLA M . -8.41 20.43 -8.11
H11 CLA M . -11.93 21.55 -11.01
H12 CLA M . -10.46 22.02 -10.03
H2 CLA M . -10.33 19.86 -9.00
H41 CLA M . -14.11 18.52 -10.55
H42 CLA M . -12.95 19.00 -11.84
H43 CLA M . -13.71 20.26 -10.79
H51 CLA M . -11.19 17.94 -8.33
H52 CLA M . -12.15 17.00 -9.55
H61 CLA M . -13.17 16.88 -7.31
H62 CLA M . -14.27 17.71 -8.49
H71 CLA M . -14.32 18.81 -6.31
H72 CLA M . -13.67 19.90 -7.59
H8 CLA M . -11.32 19.27 -6.77
H91 CLA M . -10.97 18.36 -4.58
H92 CLA M . -12.02 17.20 -5.50
H93 CLA M . -12.74 18.28 -4.23
H101 CLA M . -11.62 20.76 -4.62
H102 CLA M . -13.40 20.72 -4.95
H111 CLA M . -13.13 21.84 -7.08
H112 CLA M . -11.33 21.61 -7.05
H121 CLA M . -11.08 23.12 -5.15
H122 CLA M . -12.87 23.20 -4.91
H13 CLA M . -11.79 25.20 -5.99
H141 CLA M . -13.77 25.66 -7.25
H142 CLA M . -14.31 24.24 -6.28
H143 CLA M . -13.81 24.01 -8.01
H151 CLA M . -11.34 25.22 -8.44
H152 CLA M . -11.54 23.44 -8.50
H161 CLA M . -9.19 23.91 -8.43
H162 CLA M . -9.65 23.19 -6.84
H171 CLA M . -9.73 25.49 -5.84
H172 CLA M . -9.23 26.18 -7.43
H18 CLA M . -7.16 24.79 -7.38
H191 CLA M . -5.99 26.14 -5.66
H192 CLA M . -7.57 26.51 -4.83
H193 CLA M . -7.24 27.17 -6.49
H201 CLA M . -6.58 23.95 -4.94
H202 CLA M . -7.67 22.93 -5.97
H203 CLA M . -8.37 23.98 -4.67
C1 PID N . -12.72 31.04 -8.54
C2 PID N . -12.91 32.21 -7.63
C3 PID N . -12.82 31.88 -6.19
C4 PID N . -13.72 30.75 -5.80
C5 PID N . -13.45 29.45 -6.51
C6 PID N . -12.98 29.68 -8.03
C7 PID N . -13.29 28.56 -8.96
C8 PID N . -12.41 27.89 -9.68
C9 PID N . -12.69 26.80 -10.59
C10 PID N . -14.00 26.43 -11.12
C11 PID N . -11.82 25.90 -11.13
C12 PID N . -12.53 25.00 -11.96
C13 PID N . -12.01 23.94 -12.66
C14 PID N . -12.62 22.96 -13.48
C15 PID N . -11.81 21.98 -14.02
C16 PID N . -12.17 20.93 -14.89
C17 PID N . -11.31 20.00 -15.37
C18 PID N . -11.65 19.02 -16.28
C19 PID N . -10.82 18.14 -16.94
C20 PID N . -11.26 17.23 -17.93
C21 PID N . -10.51 16.48 -18.79
C22 PID N . -11.19 15.68 -19.78
C23 PID N . -10.66 15.17 -20.87
C24 PID N . -10.21 14.62 -21.99
C25 PID N . -9.89 13.10 -22.05
C26 PID N . -8.62 12.89 -22.92
C27 PID N . -8.68 13.61 -24.25
C28 PID N . -8.86 15.07 -24.03
C29 PID N . -10.11 15.45 -23.25
C30 PID N . -7.36 13.33 -26.21
C31 PID N . -5.95 13.13 -26.68
CM1 PID N . -12.83 31.32 -9.97
CM2 PID N . -14.74 28.61 -6.37
CM3 PID N . -12.37 28.72 -5.81
CM4 PID N . -14.10 23.00 -13.69
CM5 PID N . -9.04 16.42 -18.76
CM6 PID N . -9.58 12.53 -20.70
CM7 PID N . -11.04 12.32 -22.61
CM8 PID N . -10.12 16.92 -22.99
O1 PID N . -11.65 30.22 -8.18
O2 PID N . -13.18 33.05 -5.43
O3 PID N . -15.11 26.90 -10.95
O4 PID N . -13.85 25.34 -11.94
O5 PID N . -11.21 15.11 -24.10
O6 PID N . -7.42 13.36 -24.90
O7 PID N . -8.30 13.46 -26.91
H21 PID N . -13.78 32.61 -7.80
H22A PID N . -12.27 32.90 -7.85
H3 PID N . -11.88 31.66 -6.05
H41 PID N . -13.67 30.61 -4.84
H42 PID N . -14.64 31.01 -5.96
H7 PID N . -14.19 28.37 -9.02
H8 PID N . -11.50 28.08 -9.63
H11 PID N . -10.90 25.82 -11.02
H13 PID N . -11.09 23.88 -12.58
H15 PID N . -10.92 22.01 -13.79
H16 PID N . -13.07 20.89 -15.13
H17 PID N . -10.42 20.00 -15.09
H18 PID N . -12.55 18.94 -16.48
H19 PID N . -9.92 18.13 -16.73
H20 PID N . -12.18 17.14 -17.98
H22 PID N . -12.09 15.50 -19.65
H261 PID N . -7.83 13.20 -22.44
H262 PID N . -8.47 11.95 -23.07
H27 PID N . -9.40 13.30 -24.82
H281 PID N . -8.09 15.43 -23.56
H282 PID N . -8.88 15.54 -24.88
H311 PID N . -5.74 13.54 -27.53
H312 PID N . -5.27 13.50 -26.08
H313 PID N . -5.69 12.21 -26.79
HM11 PID N . -13.75 31.55 -10.18
HM12 PID N . -12.26 32.06 -10.20
HM13 PID N . -12.58 30.54 -10.48
HM21 PID N . -14.61 27.70 -6.67
HM22 PID N . -15.46 28.98 -6.88
HM23 PID N . -15.04 28.56 -5.45
HM31 PID N . -12.69 28.27 -5.02
HM32 PID N . -11.97 28.04 -6.38
HM33 PID N . -11.65 29.32 -5.53
HM41 PID N . -14.41 22.55 -14.50
HM42 PID N . -14.48 23.88 -13.75
HM43 PID N . -14.62 22.57 -12.99
HM51 PID N . -8.64 16.45 -19.64
HM52 PID N . -8.70 15.61 -18.35
HM53 PID N . -8.65 17.15 -18.27
HM61 PID N . -8.91 13.05 -20.21
HM62 PID N . -9.25 11.63 -20.74
HM63 PID N . -10.37 12.51 -20.12
HM71 PID N . -11.32 12.64 -23.48
HM72 PID N . -10.82 11.37 -22.71
HM73 PID N . -11.82 12.37 -22.03
HM81 PID N . -10.94 17.20 -22.54
HM82 PID N . -9.38 17.18 -22.41
HM83 PID N . -10.04 17.43 -23.80
HO2 PID N . -12.47 33.51 -5.34
HO5 PID N . -11.08 15.45 -24.83
C1 PID O . -10.89 30.39 -23.39
C2 PID O . -11.45 31.57 -24.09
C3 PID O . -11.09 32.92 -23.55
C4 PID O . -9.81 32.97 -22.83
C5 PID O . -9.60 31.91 -21.76
C6 PID O . -9.98 30.54 -22.25
C7 PID O . -9.91 29.46 -21.27
C8 PID O . -9.28 28.32 -21.43
C9 PID O . -9.21 27.27 -20.45
C10 PID O . -9.96 27.20 -19.25
C11 PID O . -8.46 26.16 -20.48
C12 PID O . -8.70 25.42 -19.35
C13 PID O . -8.12 24.23 -18.99
C14 PID O . -8.36 23.34 -17.87
C15 PID O . -7.62 22.16 -17.84
C16 PID O . -7.65 21.08 -16.94
C17 PID O . -6.94 19.94 -17.16
C18 PID O . -6.95 18.77 -16.39
C19 PID O . -6.31 17.63 -16.72
C20 PID O . -6.36 16.39 -16.03
C21 PID O . -5.73 15.24 -16.36
C22 PID O . -5.95 14.03 -15.57
C23 PID O . -5.56 12.82 -15.95
C24 PID O . -5.12 11.66 -16.37
C25 PID O . -3.80 11.07 -15.86
C26 PID O . -2.96 10.61 -17.04
C27 PID O . -3.71 9.71 -17.99
C28 PID O . -4.91 10.41 -18.54
C29 PID O . -5.87 10.91 -17.44
C30 PID O . -3.10 8.38 -19.86
C31 PID O . -1.98 8.05 -20.79
CM1 PID O . -11.67 29.15 -23.49
CM2 PID O . -10.40 32.25 -20.50
CM3 PID O . -8.15 31.89 -21.34
CM4 PID O . -9.34 23.72 -16.80
CM5 PID O . -4.76 15.10 -17.51
CM6 PID O . -2.98 12.12 -15.10
CM7 PID O . -4.07 9.92 -14.92
CM8 PID O . -7.00 11.74 -18.08
O1 PID O . -9.49 30.24 -23.55
O2 PID O . -12.13 33.34 -22.65
O3 PID O . -10.78 27.94 -18.74
O4 PID O . -9.62 26.06 -18.62
O5 PID O . -6.42 9.75 -16.84
O6 PID O . -2.80 9.40 -19.05
O7 PID O . -4.13 7.82 -19.82
H21 PID O . -11.19 31.55 -25.02
H22A PID O . -12.43 31.52 -24.09
H3 PID O . -11.06 33.47 -24.36
H41 PID O . -9.71 33.85 -22.42
H42 PID O . -9.09 32.91 -23.47
H7 PID O . -10.36 29.65 -20.48
H8 PID O . -8.81 28.11 -22.21
H11 PID O . -7.86 25.86 -21.14
H13 PID O . -7.45 23.96 -19.58
H15 PID O . -7.01 22.05 -18.53
H16 PID O . -8.19 21.17 -16.18
H17 PID O . -6.37 19.90 -17.89
H18 PID O . -7.42 18.79 -15.58
H19 PID O . -5.77 17.62 -17.47
H20 PID O . -6.89 16.39 -15.26
H22 PID O . -6.38 14.12 -14.77
H261 PID O . -2.63 11.37 -17.53
H262 PID O . -2.17 10.13 -16.73
H27 PID O . -4.02 8.89 -17.57
H281 PID O . -5.40 9.82 -19.14
H282 PID O . -4.64 11.17 -19.08
H311 PID O . -1.71 7.12 -20.78
H312 PID O . -2.17 8.24 -21.72
H313 PID O . -1.16 8.53 -20.61
HM11 PID O . -12.20 29.02 -22.68
HM12 PID O . -11.08 28.38 -23.59
HM13 PID O . -12.26 29.18 -24.25
HM21 PID O . -10.34 33.20 -20.28
HM22 PID O . -11.34 32.05 -20.60
HM23 PID O . -10.09 31.77 -19.73
HM31 PID O . -7.57 31.69 -22.09
HM32 PID O . -7.88 32.74 -20.98
HM33 PID O . -7.99 31.22 -20.66
HM41 PID O . -10.13 24.18 -17.13
HM42 PID O . -9.70 22.98 -16.29
HM43 PID O . -8.99 24.31 -16.12
HM51 PID O . -5.06 14.47 -18.19
HM52 PID O . -3.89 14.79 -17.23
HM53 PID O . -4.60 15.93 -17.98
HM61 PID O . -2.11 11.80 -14.84
HM62 PID O . -2.84 12.92 -15.64
HM63 PID O . -3.43 12.41 -14.29
HM71 PID O . -4.54 10.21 -14.12
HM72 PID O . -3.26 9.48 -14.63
HM73 PID O . -4.62 9.24 -15.33
HM81 PID O . -7.43 11.26 -18.81
HM82 PID O . -6.68 12.58 -18.43
HM83 PID O . -7.69 11.95 -17.43
HO2 PID O . -12.72 33.74 -23.11
HO5 PID O . -7.24 9.87 -16.77
C1 PID P . -2.15 28.72 0.58
C2 PID P . -2.12 29.87 1.54
C3 PID P . -2.73 29.56 2.87
C4 PID P . -4.08 28.98 2.71
C5 PID P . -4.13 27.67 1.94
C6 PID P . -3.11 27.63 0.78
C7 PID P . -3.44 26.70 -0.31
C8 PID P . -2.66 25.72 -0.71
C9 PID P . -2.96 24.76 -1.74
C10 PID P . -4.18 24.69 -2.52
C11 PID P . -2.17 23.73 -2.14
C12 PID P . -2.83 23.01 -3.15
C13 PID P . -2.39 21.90 -3.83
C14 PID P . -3.00 21.08 -4.86
C15 PID P . -2.21 20.09 -5.40
C16 PID P . -2.52 19.18 -6.43
C17 PID P . -1.64 18.28 -6.92
C18 PID P . -1.90 17.40 -7.99
C19 PID P . -1.06 16.43 -8.42
C20 PID P . -1.26 15.56 -9.48
C21 PID P . -0.50 14.49 -9.85
C22 PID P . -0.88 13.71 -11.01
C23 PID P . -0.27 12.65 -11.43
C24 PID P . 0.39 11.56 -11.76
C25 PID P . -0.01 10.19 -11.16
C26 PID P . 1.21 9.46 -10.65
C27 PID P . 2.37 9.46 -11.61
C28 PID P . 2.75 10.82 -12.06
C29 PID P . 1.62 11.62 -12.67
C30 PID P . 3.88 7.64 -11.09
C31 PID P . 5.09 7.29 -10.31
CM1 PID P . -1.62 29.01 -0.74
CM2 PID P . -5.59 27.49 1.48
CM3 PID P . -3.84 26.52 2.86
CM4 PID P . -4.38 21.33 -5.29
CM5 PID P . 0.69 14.05 -9.11
CM6 PID P . -0.95 10.41 -9.98
CM7 PID P . -0.76 9.34 -12.18
CM8 PID P . 2.07 13.03 -12.95
O1 PID P . -1.76 27.49 1.19
O2 PID P . -2.80 30.80 3.62
O3 PID P . -5.21 25.35 -2.56
O4 PID P . -4.06 23.60 -3.37
O5 PID P . 1.28 10.93 -13.91
O6 PID P . 3.47 8.90 -10.89
O7 PID P . 3.32 6.89 -11.78
H21 PID P . -2.58 30.63 1.16
H22A PID P . -1.21 30.17 1.68
H3 PID P . -2.11 28.95 3.31
H41 PID P . -4.48 28.86 3.59
H42 PID P . -4.65 29.63 2.27
H7 PID P . -4.26 26.85 -0.70
H8 PID P . -1.82 25.58 -0.34
H11 PID P . -1.32 23.48 -1.84
H13 PID P . -1.55 21.63 -3.55
H15 PID P . -1.35 19.98 -5.05
H16 PID P . -3.37 19.23 -6.77
H17 PID P . -0.79 18.23 -6.55
H18 PID P . -2.71 17.49 -8.44
H19 PID P . -0.26 16.32 -7.96
H20 PID P . -2.00 15.76 -10.01
H22 PID P . -1.63 13.99 -11.51
H261 PID P . 0.99 8.55 -10.43
H262 PID P . 1.51 9.86 -9.81
H27 PID P . 2.16 8.95 -12.40
H281 PID P . 3.10 11.32 -11.31
H282 PID P . 3.47 10.77 -12.69
H311 PID P . 5.48 8.05 -9.84
H312 PID P . 4.93 6.63 -9.61
H313 PID P . 5.82 6.94 -10.83
HM11 PID P . -0.81 29.55 -0.67
HM12 PID P . -1.41 28.20 -1.21
HM13 PID P . -2.28 29.51 -1.25
HM21 PID P . -5.80 26.56 1.31
HM22 PID P . -5.77 27.96 0.64
HM23 PID P . -6.22 27.82 2.12
HM31 PID P . -2.92 26.55 3.19
HM32 PID P . -3.95 25.67 2.40
HM33 PID P . -4.42 26.52 3.63
HM41 PID P . -4.90 21.88 -4.68
HM42 PID P . -4.93 20.53 -5.39
HM43 PID P . -4.48 21.77 -6.14
HM51 PID P . 1.47 13.94 -9.68
HM52 PID P . 0.56 13.20 -8.66
HM53 PID P . 0.96 14.67 -8.42
HM61 PID P . -0.55 10.95 -9.28
HM62 PID P . -1.20 9.57 -9.55
HM63 PID P . -1.77 10.84 -10.23
HM71 PID P . -0.22 9.15 -12.96
HM72 PID P . -1.03 8.49 -11.80
HM73 PID P . -1.56 9.78 -12.50
HM81 PID P . 2.27 13.51 -12.13
HM82 PID P . 1.38 13.53 -13.42
HM83 PID P . 2.87 13.05 -13.50
HO2 PID P . -2.01 31.08 3.72
HO5 PID P . 0.63 11.33 -14.23
C1 PID Q . -2.88 21.75 0.78
C2 PID Q . -2.24 22.71 1.75
C3 PID Q . -1.08 22.17 2.44
C4 PID Q . -1.39 20.81 3.00
C5 PID Q . -1.74 19.75 1.97
C6 PID Q . -2.60 20.32 0.83
C7 PID Q . -3.61 19.41 0.20
C8 PID Q . -3.66 19.08 -1.09
C9 PID Q . -4.68 18.27 -1.71
C10 PID Q . -5.68 17.51 -0.99
C11 PID Q . -4.96 18.12 -3.04
C12 PID Q . -6.07 17.28 -3.18
C13 PID Q . -6.72 16.88 -4.30
C14 PID Q . -7.96 16.20 -4.48
C15 PID Q . -8.44 16.10 -5.74
C16 PID Q . -9.58 15.40 -6.16
C17 PID Q . -9.94 15.22 -7.47
C18 PID Q . -11.04 14.44 -7.90
C19 PID Q . -11.44 14.24 -9.17
C20 PID Q . -12.45 13.40 -9.57
C21 PID Q . -12.88 13.15 -10.83
C22 PID Q . -13.93 12.17 -11.05
C23 PID Q . -14.31 11.74 -12.23
C24 PID Q . -14.75 11.29 -13.37
C25 PID Q . -13.98 10.22 -14.14
C26 PID Q . -13.57 10.78 -15.51
C27 PID Q . -14.66 11.48 -16.27
C28 PID Q . -15.36 12.53 -15.45
C29 PID Q . -15.85 12.03 -14.11
C30 PID Q . -14.69 12.45 -18.46
C31 PID Q . -13.81 13.06 -19.48
CM1 PID Q . -4.13 22.22 0.20
CM2 PID Q . -2.46 18.67 2.72
CM3 PID Q . -0.46 19.12 1.40
CM4 PID Q . -8.71 15.63 -3.29
CM5 PID Q . -12.35 13.86 -12.02
CM6 PID Q . -12.72 9.87 -13.39
CM7 PID Q . -14.78 8.97 -14.26
CM8 PID Q . -16.40 13.19 -13.36
O1 PID Q . -1.95 21.16 -0.10
O2 PID Q . -0.78 23.09 3.50
O3 PID Q . -5.85 17.31 0.20
O4 PID Q . -6.49 16.91 -1.92
O5 PID Q . -16.91 11.09 -14.34
O6 PID Q . -14.00 12.13 -17.38
O7 PID Q . -15.85 12.22 -18.61
H21 PID Q . -1.98 23.52 1.29
H22A PID Q . -2.90 23.00 2.41
H3 PID Q . -0.35 22.13 1.82
H41 PID Q . -0.63 20.51 3.52
H42 PID Q . -2.12 20.89 3.63
H7 PID Q . -4.25 19.09 0.79
H8 PID Q . -3.01 19.36 -1.70
H11 PID Q . -4.53 18.49 -3.78
H13 PID Q . -6.26 17.11 -5.08
H15 PID Q . -7.96 16.53 -6.42
H16 PID Q . -10.11 15.04 -5.49
H17 PID Q . -9.45 15.63 -8.15
H18 PID Q . -11.55 14.03 -7.24
H19 PID Q . -11.01 14.71 -9.85
H20 PID Q . -12.89 12.96 -8.88
H22 PID Q . -14.36 11.82 -10.31
H261 PID Q . -13.23 10.05 -16.07
H262 PID Q . -12.82 11.38 -15.42
H27 PID Q . -15.34 10.86 -16.57
H281 PID Q . -14.77 13.28 -15.31
H282 PID Q . -16.11 12.88 -15.95
H311 PID Q . -12.91 13.24 -19.18
H312 PID Q . -13.71 12.54 -20.28
H313 PID Q . -14.12 13.93 -19.80
HM11 PID Q . -4.24 21.89 -0.70
HM12 PID Q . -4.15 23.19 0.18
HM13 PID Q . -4.87 21.91 0.74
HM21 PID Q . -3.36 18.93 2.97
HM22 PID Q . -2.01 18.42 3.54
HM23 PID Q . -2.55 17.86 2.20
HM31 PID Q . 0.07 19.78 0.91
HM32 PID Q . -0.67 18.40 0.78
HM33 PID Q . 0.09 18.76 2.10
HM41 PID Q . -8.14 15.22 -2.62
HM42 PID Q . -9.23 16.28 -2.80
HM43 PID Q . -9.35 14.94 -3.51
HM51 PID Q . -11.88 14.68 -11.80
HM52 PID Q . -11.72 13.32 -12.54
HM53 PID Q . -13.04 14.12 -12.65
HM61 PID Q . -12.91 9.46 -12.54
HM62 PID Q . -12.17 9.25 -13.88
HM63 PID Q . -12.17 10.65 -13.21
HM71 PID Q . -15.01 8.59 -13.39
HM72 PID Q . -14.31 8.28 -14.75
HM73 PID Q . -15.62 9.12 -14.73
HM81 PID Q . -15.73 13.86 -13.19
HM82 PID Q . -16.77 12.91 -12.51
HM83 PID Q . -17.12 13.62 -13.85
HO2 PID Q . -0.14 22.75 3.95
HO5 PID Q . -17.40 11.40 -14.94
C1A W4O R . -5.03 29.91 -7.99
C2A W4O R . -4.12 29.43 -6.92
C3A W4O R . -2.95 28.84 -7.54
C4A W4O R . -2.82 27.58 -7.93
C5A W4O R . -3.77 26.49 -7.87
C6A W4O R . -4.18 25.82 -9.15
C7A W4O R . -4.35 24.49 -9.34
C8A W4O R . -4.13 23.45 -8.28
C9A W4O R . -3.02 22.66 -8.80
CAA W4O R . -3.08 21.51 -9.42
CBA W4O R . -4.30 20.79 -9.78
CCA W4O R . -4.77 21.24 -11.13
CDA W4O R . -4.34 20.76 -12.30
CEA W4O R . -3.31 19.71 -12.45
CFA W4O R . -3.73 18.93 -13.62
CGA W4O R . -3.91 17.62 -13.61
CHA W4O R . -3.78 16.75 -12.39
CIA W4O R . -4.27 15.37 -12.61
O1A W4O R . -4.87 29.63 -9.15
C1B W4O R . -8.28 28.62 -9.92
C2B W4O R . -7.93 27.17 -10.22
C3B W4O R . -8.18 26.81 -11.66
C4B W4O R . -7.93 25.34 -11.93
C5B W4O R . -7.82 25.03 -13.43
C6B W4O R . -7.51 23.64 -13.76
C7B W4O R . -6.37 23.21 -14.30
C8B W4O R . -5.18 23.98 -14.68
C9B W4O R . -4.86 24.01 -16.07
CAB W4O R . -4.29 23.04 -16.77
CBB W4O R . -3.86 21.70 -16.36
CCB W4O R . -2.46 21.53 -16.88
CDB W4O R . -1.92 20.42 -17.33
CEB W4O R . -2.64 19.13 -17.43
CFB W4O R . -1.82 17.91 -17.25
CGB W4O R . -1.46 17.01 -18.17
CHB W4O R . -1.76 17.07 -19.60
CIB W4O R . -1.82 15.74 -20.23
O1B W4O R . -8.58 29.43 -10.73
O1G W4O R . -6.09 30.65 -7.56
C1G W4O R . -7.06 31.00 -8.44
C2G W4O R . -8.37 30.21 -8.20
O2G W4O R . -8.16 28.89 -8.60
C3G W4O R . -8.80 30.22 -6.70
O3G W4O R . -8.46 31.38 -6.09
C1D W4O R . -8.40 31.40 -4.70
C2D W4O R . -7.56 32.62 -4.25
O2D W4O R . -6.25 32.32 -4.58
C3D W4O R . -7.65 32.77 -2.73
O3D W4O R . -6.98 33.93 -2.38
C4D W4O R . -9.11 32.90 -2.34
O4D W4O R . -9.61 34.04 -2.89
C5D W4O R . -9.96 31.74 -2.89
O5D W4O R . -11.55 31.81 -1.19
C6D W4O R . -11.42 31.89 -2.59
O6D W4O R . -9.72 31.54 -4.24
C1E W4O R . -12.49 32.65 -0.55
C2E W4O R . -12.46 32.52 1.01
O2E W4O R . -11.16 32.77 1.43
C3E W4O R . -12.94 31.10 1.51
O3E W4O R . -12.94 30.99 2.90
C4E W4O R . -14.36 30.82 0.91
O4E W4O R . -15.26 31.69 1.54
C5E W4O R . -14.30 31.07 -0.66
O6E W4O R . -13.77 32.33 -1.01
C6E W4O R . -15.71 31.00 -1.28
O5E W4O R . -15.78 29.70 -1.81
HA21 W4O R . -4.63 28.70 -6.26
HA22 W4O R . -3.81 30.27 -6.27
HA31 W4O R . -2.10 29.51 -7.67
HA41 W4O R . -1.86 27.29 -8.38
HA52 W4O R . -3.34 25.75 -7.14
HA51 W4O R . -4.67 26.91 -7.33
HA61 W4O R . -4.36 26.49 -10.00
HA71 W4O R . -4.65 24.07 -10.31
HA82 W4O R . -3.89 23.84 -7.27
HA81 W4O R . -5.02 22.79 -8.08
HA91 W4O R . -2.05 23.11 -8.62
HAT1 W4O R . -2.14 21.04 -9.72
HAE1 W4O R . -5.10 20.95 -9.02
HAE2 W4O R . -4.13 19.69 -9.78
HAW1 W4O R . -5.52 22.04 -11.13
HAH1 W4O R . -4.76 21.15 -13.23
HAF2 W4O R . -2.29 20.12 -12.60
HAF1 W4O R . -3.21 19.06 -11.55
HAN1 W4O R . -3.88 19.51 -14.53
HAS1 W4O R . -4.17 17.10 -14.53
HAV2 W4O R . -2.71 16.71 -12.08
HAV1 W4O R . -4.34 17.19 -11.55
HAG3 W4O R . -4.00 14.97 -13.60
HAG2 W4O R . -5.36 15.30 -12.54
HAG1 W4O R . -3.86 14.66 -11.88
HB22 W4O R . -8.53 26.51 -9.59
HB21 W4O R . -6.89 26.98 -9.98
HB32 W4O R . -9.21 27.06 -11.95
HB31 W4O R . -7.53 27.42 -12.33
HB42 W4O R . -7.00 24.99 -11.42
HB41 W4O R . -8.72 24.71 -11.48
HB51 W4O R . -8.76 25.27 -13.97
HB52 W4O R . -7.05 25.66 -13.93
HB61 W4O R . -8.28 22.88 -13.53
HB71 W4O R . -6.26 22.14 -14.51
HB81 W4O R . -4.27 23.61 -14.17
HB82 W4O R . -5.25 25.05 -14.37
HB91 W4O R . -5.14 24.91 -16.60
HBT1 W4O R . -4.08 23.25 -17.83
HBE1 W4O R . -3.95 21.60 -15.25
HBE2 W4O R . -4.58 20.94 -16.74
HBW1 W4O R . -1.88 22.46 -16.84
HBH1 W4O R . -0.88 20.43 -17.68
HBF1 W4O R . -3.45 19.13 -16.66
HBF2 W4O R . -3.17 19.08 -18.41
HBN1 W4O R . -1.48 17.75 -16.22
HBS1 W4O R . -0.89 16.14 -17.85
HBV1 W4O R . -2.72 17.61 -19.77
HBV2 W4O R . -1.00 17.70 -20.13
HBG2 W4O R . -2.28 15.76 -21.22
HBG3 W4O R . -2.40 15.02 -19.63
HBG1 W4O R . -0.83 15.29 -20.36
HG11 W4O R . -6.67 30.86 -9.47
HG12 W4O R . -7.21 32.11 -8.34
HG2 W4O R . -9.18 30.72 -8.78
HG31 W4O R . -9.90 30.09 -6.63
HG32 W4O R . -8.33 29.37 -6.17
HD1 W4O R . -8.03 30.44 -4.23
HD2 W4O R . -7.96 33.57 -4.71
HO2D W4O R . -5.92 33.05 -5.10
HD3 W4O R . -7.19 31.87 -2.23
HO3D W4O R . -7.04 34.00 -1.42
HD4 W4O R . -9.19 32.91 -1.22
HO4D W4O R . -9.43 34.76 -2.27
HD5 W4O R . -9.64 30.75 -2.45
HD61 W4O R . -11.99 31.11 -3.12
HD62 W4O R . -11.77 32.87 -3.00
HE1 W4O R . -12.38 33.73 -0.84
HE2 W4O R . -13.16 33.30 1.41
HO2E W4O R . -11.04 33.72 1.42
HE3 W4O R . -12.21 30.30 1.23
HO3E W4O R . -13.44 31.72 3.28
HE4 W4O R . -14.66 29.75 1.08
HO4E W4O R . -15.75 31.15 2.17
HE5 W4O R . -13.66 30.26 -1.10
HE61 W4O R . -16.51 31.18 -0.54
HE62 W4O R . -15.86 31.76 -2.07
HO5E W4O R . -15.60 29.09 -1.11
K K S . -23.22 30.08 -14.07
CL CL T . -13.34 -5.11 -14.54
MG CLA U . -3.21 -7.36 23.18
CHA CLA U . -6.34 -8.99 23.40
CHB CLA U . -2.09 -9.38 25.68
CHC CLA U . 0.04 -6.47 22.45
CHD CLA U . -4.18 -6.16 20.01
NA CLA U . -4.09 -8.96 24.34
C1A CLA U . -5.41 -9.41 24.33
C2A CLA U . -5.66 -10.41 25.45
C3A CLA U . -4.29 -10.47 26.19
C4A CLA U . -3.43 -9.54 25.35
CMA CLA U . -4.30 -10.07 27.65
CAA CLA U . -6.05 -11.77 24.89
CBA CLA U . -6.49 -12.77 25.96
CGA CLA U . -7.65 -12.26 26.75
O1A CLA U . -8.75 -11.98 26.36
O2A CLA U . -7.36 -12.10 28.06
NB CLA U . -1.37 -7.82 23.92
C1B CLA U . -1.15 -8.60 25.01
C2B CLA U . 0.29 -8.53 25.40
C3B CLA U . 0.90 -7.70 24.50
C4B CLA U . -0.16 -7.25 23.54
CMB CLA U . 0.89 -9.28 26.49
CAB CLA U . 2.29 -7.35 24.42
CBB CLA U . 2.81 -6.16 24.22
NC CLA U . -2.25 -6.52 21.50
C1C CLA U . -0.96 -6.14 21.48
C2C CLA U . -0.67 -5.35 20.30
C3C CLA U . -1.87 -5.27 19.60
C4C CLA U . -2.85 -6.00 20.37
CMC CLA U . 0.64 -4.82 19.96
CAC CLA U . -2.11 -4.59 18.31
CBC CLA U . -2.17 -3.10 18.45
ND CLA U . -4.87 -7.44 21.98
C1D CLA U . -5.14 -6.83 20.73
C2D CLA U . -6.56 -7.02 20.42
C3D CLA U . -7.07 -7.80 21.43
C4D CLA U . -5.98 -8.09 22.34
CMD CLA U . -7.21 -6.44 19.23
CAD CLA U . -8.24 -8.47 21.95
OBD CLA U . -9.38 -8.39 21.56
CBD CLA U . -7.79 -9.34 23.16
CGD CLA U . -8.69 -9.17 24.35
O1D CLA U . -8.48 -8.60 25.40
O2D CLA U . -9.93 -9.73 24.18
CED CLA U . -10.85 -9.58 25.20
C1 CLA U . -8.31 -11.40 28.88
C2 CLA U . -8.21 -9.95 28.55
C3 CLA U . -7.49 -9.02 29.21
C4 CLA U . -6.63 -9.31 30.40
C5 CLA U . -7.49 -7.61 28.71
C6 CLA U . -8.13 -6.56 29.62
C7 CLA U . -9.57 -6.88 30.02
C8 CLA U . -10.56 -7.00 28.88
C9 CLA U . -10.76 -5.67 28.20
C10 CLA U . -11.89 -7.56 29.39
C11 CLA U . -11.78 -9.02 29.78
C12 CLA U . -13.13 -9.64 30.02
C13 CLA U . -13.03 -11.01 30.66
C14 CLA U . -12.58 -10.90 32.11
C15 CLA U . -12.14 -11.98 29.90
C16 CLA U . -12.54 -12.15 28.47
C17 CLA U . -13.95 -12.61 28.27
C18 CLA U . -14.30 -12.85 26.82
C19 CLA U . -15.58 -13.63 26.66
C20 CLA U . -14.45 -11.54 26.07
HHB CLA U . -1.72 -9.94 26.56
HHC CLA U . 1.04 -6.03 22.27
HHD CLA U . -4.50 -5.70 19.05
H2A CLA U . -6.47 -10.02 26.11
H3A CLA U . -3.93 -11.53 26.14
HMA1 CLA U . -3.27 -10.13 28.08
HMA2 CLA U . -4.96 -10.74 28.25
HMA3 CLA U . -4.66 -9.02 27.78
HAA1 CLA U . -5.19 -12.20 24.33
HAA2 CLA U . -6.89 -11.64 24.16
HBA1 CLA U . -5.64 -12.97 26.65
HBA2 CLA U . -6.78 -13.74 25.48
HMB1 CLA U . 1.64 -8.64 27.03
HMB2 CLA U . 1.41 -10.20 26.11
HMB3 CLA U . 0.11 -9.59 27.23
HAB CLA U . 2.97 -8.22 24.54
HBB1 CLA U . 2.17 -5.27 24.09
HBB2 CLA U . 3.89 -5.98 24.17
HMC1 CLA U . 0.58 -4.21 19.02
HMC2 CLA U . 1.36 -5.65 19.80
HMC3 CLA U . 1.03 -4.18 20.78
HAC1 CLA U . -3.06 -4.95 17.86
HAC2 CLA U . -1.29 -4.85 17.59
HBC1 CLA U . -2.37 -2.63 17.45
HBC2 CLA U . -1.21 -2.71 18.85
HBC3 CLA U . -2.99 -2.81 19.14
HMD1 CLA U . -8.31 -6.31 19.40
HMD2 CLA U . -7.07 -7.09 18.34
HMD3 CLA U . -6.77 -5.44 19.00
HBD CLA U . -7.86 -10.44 22.90
HED1 CLA U . -11.79 -10.03 24.78
HED2 CLA U . -10.91 -8.47 25.35
HED3 CLA U . -10.42 -10.14 26.06
H11 CLA U . -8.06 -11.60 29.96
H12 CLA U . -9.34 -11.80 28.67
H2 CLA U . -8.80 -9.66 27.68
H41 CLA U . -6.34 -8.38 30.93
H42 CLA U . -5.68 -9.83 30.10
H43 CLA U . -7.17 -9.98 31.12
H51 CLA U . -8.01 -7.61 27.72
H52 CLA U . -6.41 -7.31 28.53
H61 CLA U . -8.12 -5.58 29.09
H62 CLA U . -7.52 -6.45 30.55
H71 CLA U . -9.91 -6.06 30.72
H72 CLA U . -9.55 -7.84 30.61
H8 CLA U . -10.16 -7.72 28.11
H91 CLA U . -11.64 -5.71 27.51
H92 CLA U . -9.86 -5.42 27.58
H93 CLA U . -10.93 -4.87 28.95
H101 CLA U . -12.67 -7.46 28.58
H102 CLA U . -12.24 -6.97 30.27
H111 CLA U . -11.16 -9.10 30.70
H112 CLA U . -11.25 -9.58 28.96
H121 CLA U . -13.67 -9.72 29.04
H122 CLA U . -13.72 -8.96 30.68
H13 CLA U . -14.08 -11.45 30.63
H141 CLA U . -13.05 -11.70 32.72
H142 CLA U . -12.87 -9.91 32.54
H143 CLA U . -11.47 -11.00 32.17
H151 CLA U . -12.16 -12.98 30.40
H152 CLA U . -11.08 -11.61 29.94
H161 CLA U . -11.84 -12.89 27.99
H162 CLA U . -12.39 -11.17 27.93
H171 CLA U . -14.66 -11.85 28.70
H172 CLA U . -14.12 -13.56 28.84
H18 CLA U . -13.45 -13.44 26.36
H191 CLA U . -15.80 -13.79 25.58
H192 CLA U . -16.42 -13.08 27.13
H193 CLA U . -15.48 -14.62 27.15
H201 CLA U . -14.85 -11.71 25.04
H202 CLA U . -13.46 -11.02 25.98
H203 CLA U . -15.15 -10.86 26.62
C1 PID V . -15.41 -16.80 33.78
C2 PID V . -16.81 -17.13 34.22
C3 PID V . -17.79 -16.04 33.96
C4 PID V . -17.28 -14.77 34.47
C5 PID V . -16.03 -14.26 33.80
C6 PID V . -15.00 -15.38 33.57
C7 PID V . -13.58 -14.99 33.59
C8 PID V . -12.73 -15.19 32.58
C9 PID V . -11.34 -14.84 32.55
C10 PID V . -10.53 -14.40 33.64
C11 PID V . -10.51 -14.88 31.46
C12 PID V . -9.22 -14.47 31.85
C13 PID V . -8.10 -14.32 31.05
C14 PID V . -6.78 -13.91 31.33
C15 PID V . -5.93 -13.74 30.28
C16 PID V . -4.56 -13.36 30.33
C17 PID V . -3.75 -13.20 29.26
C18 PID V . -2.37 -12.91 29.34
C19 PID V . -1.46 -12.95 28.34
C20 PID V . -0.08 -12.72 28.50
C21 PID V . 0.96 -12.98 27.67
C22 PID V . 2.30 -12.76 28.14
C23 PID V . 3.40 -13.22 27.58
C24 PID V . 4.55 -13.66 27.09
C25 PID V . 5.47 -12.72 26.33
C26 PID V . 6.14 -13.50 25.17
C27 PID V . 6.80 -14.78 25.60
C28 PID V . 5.80 -15.69 26.25
C29 PID V . 5.05 -15.07 27.43
C30 PID V . 8.27 -16.26 24.51
C31 PID V . 8.60 -16.91 23.21
CM1 PID V . -14.42 -17.87 34.06
CM2 PID V . -15.46 -13.13 34.65
CM3 PID V . -16.34 -13.64 32.49
CM4 PID V . -6.36 -13.67 32.71
CM5 PID V . 0.81 -13.49 26.26
CM6 PID V . 4.69 -11.60 25.76
CM7 PID V . 6.50 -12.13 27.24
CM8 PID V . 3.94 -16.00 27.81
O1 PID V . -15.33 -16.24 32.48
O2 PID V . -19.02 -16.42 34.64
O3 PID V . -10.79 -14.21 34.80
O4 PID V . -9.27 -14.17 33.20
O5 PID V . 5.99 -14.95 28.53
O6 PID V . 7.29 -15.42 24.39
O7 PID V . 8.82 -16.47 25.52
H21 PID V . -17.12 -17.93 33.78
H22A PID V . -16.83 -17.32 35.17
H3 PID V . -17.95 -16.00 33.00
H41 PID V . -17.97 -14.10 34.40
H42 PID V . -17.11 -14.85 35.42
H7 PID V . -13.29 -14.57 34.36
H8 PID V . -13.02 -15.61 31.80
H11 PID V . -10.69 -15.13 30.59
H13 PID V . -8.27 -14.56 30.16
H15 PID V . -6.26 -13.89 29.42
H16 PID V . -4.23 -13.21 31.20
H17 PID V . -4.08 -13.29 28.40
H18 PID V . -2.06 -12.64 30.18
H19 PID V . -1.73 -13.15 27.47
H20 PID V . 0.14 -12.33 29.33
H22 PID V . 2.41 -12.24 28.90
H261 PID V . 6.80 -12.93 24.73
H262 PID V . 5.49 -13.68 24.48
H27 PID V . 7.53 -14.63 26.22
H281 PID V . 6.24 -16.49 26.56
H282 PID V . 5.15 -15.99 25.59
H311 PID V . 7.94 -16.78 22.51
H312 PID V . 9.43 -16.61 22.80
H313 PID V . 8.71 -17.87 23.25
HM11 PID V . -13.56 -17.65 33.67
HM12 PID V . -14.31 -17.98 35.02
HM13 PID V . -14.72 -18.71 33.70
HM21 PID V . -14.86 -12.55 34.16
HM22 PID V . -16.16 -12.55 35.00
HM23 PID V . -14.96 -13.45 35.42
HM31 PID V . -15.54 -13.44 31.98
HM32 PID V . -16.90 -14.21 31.95
HM33 PID V . -16.82 -12.79 32.61
HM41 PID V . -5.44 -13.94 32.91
HM42 PID V . -6.88 -14.13 33.39
HM43 PID V . -6.39 -12.74 32.99
HM51 PID V . 1.41 -14.22 26.06
HM52 PID V . 0.98 -12.81 25.59
HM53 PID V . -0.08 -13.83 26.08
HM61 PID V . 4.38 -10.98 26.43
HM62 PID V . 3.90 -11.90 25.29
HM63 PID V . 5.20 -11.08 25.12
HM71 PID V . 7.03 -12.81 27.69
HM72 PID V . 7.12 -11.56 26.76
HM73 PID V . 6.09 -11.58 27.93
HM81 PID V . 3.58 -15.78 28.68
HM82 PID V . 4.26 -16.92 27.86
HM83 PID V . 3.22 -15.98 27.17
HO2 PID V . -19.52 -16.78 34.06
HO5 PID V . 5.54 -14.80 29.22
C1 PID W . -2.89 -25.66 33.56
C2 PID W . -2.90 -26.90 34.37
C3 PID W . -3.79 -27.95 33.82
C4 PID W . -5.14 -27.42 33.71
C5 PID W . -5.28 -26.24 32.72
C6 PID W . -4.04 -25.34 32.72
C7 PID W . -4.30 -23.98 32.21
C8 PID W . -3.71 -23.46 31.16
C9 PID W . -3.97 -22.13 30.61
C10 PID W . -4.89 -21.14 31.10
C11 PID W . -3.43 -21.61 29.51
C12 PID W . -3.95 -20.34 29.31
C13 PID W . -3.67 -19.49 28.30
C14 PID W . -4.02 -18.13 28.08
C15 PID W . -3.47 -17.56 26.94
C16 PID W . -3.59 -16.22 26.46
C17 PID W . -2.90 -15.80 25.38
C18 PID W . -2.86 -14.49 24.87
C19 PID W . -1.97 -14.08 23.91
C20 PID W . -1.79 -12.78 23.40
C21 PID W . -0.88 -12.36 22.50
C22 PID W . -0.77 -10.95 22.14
C23 PID W . 0.16 -10.45 21.38
C24 PID W . 1.10 -9.93 20.64
C25 PID W . 0.88 -9.60 19.16
C26 PID W . 2.00 -10.25 18.35
C27 PID W . 3.36 -9.94 18.83
C28 PID W . 3.54 -10.43 20.22
C29 PID W . 2.54 -9.82 21.19
C30 PID W . 5.52 -10.30 17.96
C31 PID W . 6.28 -11.06 16.89
CM1 PID W . -2.00 -24.58 34.04
CM2 PID W . -6.51 -25.47 33.15
CM3 PID W . -5.55 -26.70 31.30
CM4 PID W . -4.92 -17.41 29.04
CM5 PID W . 0.02 -13.28 21.81
CM6 PID W . -0.47 -10.14 18.70
CM7 PID W . 0.87 -8.13 18.90
CM8 PID W . 2.71 -10.47 22.53
O1 PID W . -2.86 -25.94 32.19
O2 PID W . -3.80 -29.10 34.73
O3 PID W . -5.65 -21.12 32.05
O4 PID W . -4.83 -20.09 30.28
O5 PID W . 2.90 -8.44 21.28
O6 PID W . 4.23 -10.66 17.99
O7 PID W . 5.98 -9.47 18.66
H21 PID W . -2.00 -27.27 34.44
H22A PID W . -3.18 -26.71 35.28
H3 PID W . -3.39 -28.22 32.98
H41 PID W . -5.74 -28.14 33.44
H42 PID W . -5.45 -27.15 34.59
H7 PID W . -4.92 -23.49 32.70
H8 PID W . -3.06 -23.92 30.69
H11 PID W . -2.80 -21.96 28.92
H13 PID W . -3.14 -19.88 27.63
H15 PID W . -2.96 -18.12 26.40
H16 PID W . -4.16 -15.66 26.92
H17 PID W . -2.38 -16.42 24.91
H18 PID W . -3.47 -13.88 25.20
H19 PID W . -1.40 -14.71 23.53
H20 PID W . -2.39 -12.15 23.74
H22 PID W . -1.42 -10.36 22.46
H261 PID W . 1.93 -9.96 17.42
H262 PID W . 1.87 -11.21 18.33
H27 PID W . 3.57 -9.00 18.81
H281 PID W . 4.44 -10.23 20.53
H282 PID W . 3.46 -11.39 20.27
H311 PID W . 5.72 -11.58 16.30
H312 PID W . 6.80 -10.50 16.30
H313 PID W . 6.92 -11.70 17.24
HM11 PID W . -2.18 -24.37 34.96
HM12 PID W . -2.13 -23.77 33.50
HM13 PID W . -1.06 -24.85 33.96
HM21 PID W . -6.84 -24.88 32.45
HM22 PID W . -6.35 -24.90 33.92
HM23 PID W . -7.25 -26.05 33.39
HM31 PID W . -6.35 -27.25 31.25
HM32 PID W . -5.68 -25.95 30.70
HM33 PID W . -4.82 -27.23 30.95
HM41 PID W . -4.85 -16.44 29.03
HM42 PID W . -5.87 -17.57 28.89
HM43 PID W . -4.80 -17.64 29.97
HM51 PID W . 0.96 -13.11 22.00
HM52 PID W . -0.12 -14.21 22.04
HM53 PID W . -0.05 -13.24 20.85
HM61 PID W . -1.22 -9.70 19.14
HM62 PID W . -0.60 -10.03 17.75
HM63 PID W . -0.57 -11.09 18.89
HM71 PID W . 0.87 -7.93 17.96
HM72 PID W . 0.09 -7.70 19.29
HM73 PID W . 1.65 -7.69 19.28
HM81 PID W . 2.50 -11.41 22.50
HM82 PID W . 3.60 -10.38 22.87
HM83 PID W . 2.11 -10.07 23.19
HO2 PID W . -3.82 -29.79 34.24
HO5 PID W . 3.57 -8.38 21.76
C1 PID X . -22.66 -13.21 21.99
C2 PID X . -24.06 -13.50 22.36
C3 PID X . -24.84 -12.26 22.50
C4 PID X . -24.25 -11.44 23.55
C5 PID X . -22.87 -10.98 23.30
C6 PID X . -22.06 -11.96 22.43
C7 PID X . -20.58 -11.82 22.54
C8 PID X . -19.78 -11.62 21.52
C9 PID X . -18.36 -11.44 21.59
C10 PID X . -17.56 -11.46 22.80
C11 PID X . -17.49 -11.19 20.56
C12 PID X . -16.19 -11.06 21.08
C13 PID X . -15.03 -10.80 20.40
C14 PID X . -13.66 -10.66 20.79
C15 PID X . -12.75 -10.53 19.79
C16 PID X . -11.33 -10.39 19.88
C17 PID X . -10.51 -10.31 18.81
C18 PID X . -9.11 -10.20 18.85
C19 PID X . -8.32 -10.02 17.77
C20 PID X . -6.93 -9.92 17.78
C21 PID X . -6.12 -9.59 16.75
C22 PID X . -4.69 -9.56 16.96
C23 PID X . -3.80 -9.29 16.04
C24 PID X . -2.96 -8.98 15.05
C25 PID X . -2.54 -7.52 14.82
C26 PID X . -2.62 -7.22 13.31
C27 PID X . -2.01 -8.28 12.40
C28 PID X . -2.55 -9.61 12.66
C29 PID X . -2.41 -10.07 14.11
C30 PID X . -1.72 -8.21 10.05
C31 PID X . -2.24 -7.56 8.84
CM1 PID X . -21.79 -14.40 21.74
CM2 PID X . -22.21 -10.74 24.68
CM3 PID X . -22.87 -9.67 22.58
CM4 PID X . -13.27 -10.67 22.23
CM5 PID X . -6.63 -9.24 15.40
CM6 PID X . -3.48 -6.58 15.52
CM7 PID X . -1.18 -7.26 15.36
CM8 PID X . -3.08 -11.38 14.25
O1 PID X . -22.54 -12.14 21.09
O2 PID X . -26.24 -12.54 22.81
O3 PID X . -17.85 -11.63 23.96
O4 PID X . -16.25 -11.23 22.45
O5 PID X . -1.00 -10.26 14.34
O6 PID X . -2.39 -7.85 11.09
O7 PID X . -0.83 -8.94 10.09
H21 PID X . -24.48 -14.07 21.69
H22A PID X . -24.11 -14.00 23.19
H3 PID X . -24.83 -11.85 21.61
H41 PID X . -24.28 -11.93 24.39
H42 PID X . -24.82 -10.66 23.71
H7 PID X . -20.25 -11.88 23.40
H8 PID X . -20.10 -11.58 20.65
H11 PID X . -17.67 -11.11 19.65
H13 PID X . -15.19 -10.70 19.48
H15 PID X . -13.09 -10.51 18.92
H16 PID X . -10.98 -10.36 20.75
H17 PID X . -10.87 -10.32 17.96
H18 PID X . -8.70 -10.25 19.68
H19 PID X . -8.71 -9.97 16.93
H20 PID X . -6.54 -10.11 18.60
H22 PID X . -4.37 -9.73 17.81
H261 PID X . -2.19 -6.37 13.14
H262 PID X . -3.55 -7.09 13.06
H27 PID X . -1.04 -8.35 12.48
H281 PID X . -3.50 -9.63 12.43
H282 PID X . -2.13 -10.26 12.09
H311 PID X . -2.40 -6.61 8.93
H312 PID X . -1.66 -7.64 8.07
H313 PID X . -3.09 -7.92 8.53
HM11 PID X . -21.52 -14.79 22.58
HM12 PID X . -21.00 -14.13 21.24
HM13 PID X . -22.27 -15.06 21.23
HM21 PID X . -21.43 -10.17 24.62
HM22 PID X . -22.82 -10.32 25.31
HM23 PID X . -21.93 -11.57 25.09
HM31 PID X . -23.36 -8.99 23.09
HM32 PID X . -23.30 -9.74 21.71
HM33 PID X . -21.97 -9.34 22.43
HM41 PID X . -12.44 -11.14 22.42
HM42 PID X . -13.12 -9.79 22.61
HM43 PID X . -13.91 -11.08 22.83
HM51 PID X . -7.55 -9.49 15.26
HM52 PID X . -6.13 -9.67 14.69
HM53 PID X . -6.59 -8.29 15.21
HM61 PID X . -3.26 -5.66 15.34
HM62 PID X . -3.46 -6.69 16.48
HM63 PID X . -4.40 -6.70 15.24
HM71 PID X . -0.53 -7.86 14.99
HM72 PID X . -1.16 -7.36 16.33
HM73 PID X . -0.90 -6.35 15.17
HM81 PID X . -4.02 -11.34 14.04
HM82 PID X . -2.68 -12.05 13.67
HM83 PID X . -3.00 -11.72 15.16
HO2 PID X . -26.70 -11.91 22.53
HO5 PID X . -0.80 -11.01 14.07
C1 PID Y . -18.63 -7.75 20.13
C2 PID Y . -20.04 -8.04 19.75
C3 PID Y . -20.34 -7.66 18.36
C4 PID Y . -19.97 -6.25 18.11
C5 PID Y . -18.48 -6.01 18.21
C6 PID Y . -17.84 -6.76 19.36
C7 PID Y . -16.69 -6.12 20.04
C8 PID Y . -15.52 -6.71 20.28
C9 PID Y . -14.43 -6.12 21.00
C10 PID Y . -14.40 -4.78 21.52
C11 PID Y . -13.28 -6.71 21.41
C12 PID Y . -12.53 -5.77 22.12
C13 PID Y . -11.33 -5.93 22.72
C14 PID Y . -10.62 -5.10 23.67
C15 PID Y . -9.43 -5.58 24.15
C16 PID Y . -8.52 -4.92 25.02
C17 PID Y . -7.40 -5.47 25.53
C18 PID Y . -6.45 -4.77 26.30
C19 PID Y . -5.27 -5.25 26.80
C20 PID Y . -4.32 -4.52 27.50
C21 PID Y . -3.09 -4.89 27.87
C22 PID Y . -2.22 -3.95 28.52
C23 PID Y . -0.96 -4.18 28.84
C24 PID Y . 0.28 -4.50 29.13
C25 PID Y . 1.45 -4.42 28.12
C26 PID Y . 2.16 -5.76 28.09
C27 PID Y . 2.48 -6.29 29.46
C28 PID Y . 1.33 -6.37 30.36
C29 PID Y . 0.58 -5.06 30.50
C30 PID Y . 3.83 -8.15 30.05
C31 PID Y . 4.10 -9.59 29.66
CM1 PID Y . -18.28 -8.06 21.54
CM2 PID Y . -18.25 -4.51 18.34
CM3 PID Y . -17.80 -6.46 16.94
CM4 PID Y . -11.21 -3.81 24.13
CM5 PID Y . -2.54 -6.28 27.67
CM6 PID Y . 0.93 -4.10 26.73
CM7 PID Y . 2.46 -3.35 28.47
CM8 PID Y . -0.64 -5.20 31.38
O1 PID Y . -17.70 -8.17 19.15
O2 PID Y . -21.77 -7.84 18.17
O3 PID Y . -15.15 -3.84 21.46
O4 PID Y . -13.23 -4.63 22.16
O5 PID Y . 1.44 -4.16 31.12
O6 PID Y . 2.93 -7.61 29.23
O7 PID Y . 4.35 -7.56 30.91
H21 PID Y . -20.66 -7.56 20.33
H22A PID Y . -20.25 -8.98 19.87
H3 PID Y . -19.86 -8.27 17.77
H41 PID Y . -20.43 -5.67 18.73
H42 PID Y . -20.28 -5.98 17.23
H7 PID Y . -16.83 -5.25 20.32
H8 PID Y . -15.34 -7.56 19.97
H11 PID Y . -12.98 -7.58 21.29
H13 PID Y . -10.89 -6.71 22.47
H15 PID Y . -9.18 -6.43 23.89
H16 PID Y . -8.75 -4.05 25.25
H17 PID Y . -7.19 -6.36 25.36
H18 PID Y . -6.66 -3.88 26.50
H19 PID Y . -5.07 -6.14 26.66
H20 PID Y . -4.60 -3.65 27.73
H22 PID Y . -2.56 -3.11 28.73
H261 PID Y . 2.97 -5.69 27.57
H262 PID Y . 1.61 -6.41 27.62
H27 PID Y . 3.14 -5.73 29.91
H281 PID Y . 0.71 -7.05 30.05
H282 PID Y . 1.61 -6.66 31.25
H311 PID Y . 3.84 -10.23 30.34
H312 PID Y . 5.04 -9.78 29.49
H313 PID Y . 3.64 -9.88 28.86
HM11 PID Y . -17.41 -8.49 21.57
HM12 PID Y . -18.24 -7.24 22.05
HM13 PID Y . -18.94 -8.66 21.93
HM21 PID Y . -18.81 -4.00 17.73
HM22 PID Y . -17.32 -4.27 18.15
HM23 PID Y . -18.44 -4.18 19.24
HM31 PID Y . -17.97 -7.41 16.78
HM32 PID Y . -18.13 -5.98 16.17
HM33 PID Y . -16.85 -6.33 16.98
HM41 PID Y . -10.94 -3.03 23.62
HM42 PID Y . -11.00 -3.56 25.04
HM43 PID Y . -12.18 -3.77 24.10
HM51 PID Y . -1.96 -6.57 28.39
HM52 PID Y . -3.23 -6.96 27.61
HM53 PID Y . -2.02 -6.38 26.86
HM61 PID Y . 0.27 -4.74 26.43
HM62 PID Y . 0.51 -3.23 26.68
HM63 PID Y . 1.64 -4.10 26.07
HM71 PID Y . 2.89 -3.51 29.32
HM72 PID Y . 3.17 -3.29 27.80
HM73 PID Y . 2.05 -2.47 28.52
HM81 PID Y . -1.07 -4.35 31.53
HM82 PID Y . -1.30 -5.78 30.98
HM83 PID Y . -0.41 -5.57 32.25
HO2 PID Y . -21.91 -7.80 17.34
HO5 PID Y . 2.13 -4.58 31.34
C1A W4O Z . -16.34 -18.48 26.24
C2A W4O Z . -16.98 -17.78 25.07
C3A W4O Z . -16.31 -18.19 23.83
C4A W4O Z . -15.32 -17.55 23.21
C5A W4O Z . -14.67 -16.33 23.62
C6A W4O Z . -13.27 -16.41 24.17
C7A W4O Z . -12.40 -15.41 24.12
C8A W4O Z . -12.69 -14.08 23.51
C9A W4O Z . -12.01 -14.15 22.21
CAA W4O Z . -10.80 -13.72 21.90
CBA W4O Z . -9.86 -13.12 22.81
CCA W4O Z . -8.91 -14.15 23.27
CDA W4O Z . -7.75 -14.45 22.69
CEA W4O Z . -7.21 -13.80 21.47
CFA W4O Z . -5.75 -13.99 21.57
CGA W4O Z . -4.86 -13.04 21.31
CHA W4O Z . -5.22 -11.66 20.90
CIA W4O Z . -4.04 -10.77 20.78
O1A W4O Z . -15.28 -19.02 26.17
C1B W4O Z . -13.60 -17.37 28.95
C2B W4O Z . -12.55 -16.62 28.14
C3B W4O Z . -11.20 -17.03 28.49
C4B W4O Z . -10.16 -16.26 27.70
C5B W4O Z . -8.87 -17.05 27.63
C6B W4O Z . -7.80 -16.33 26.97
C7B W4O Z . -7.16 -16.74 25.86
C8B W4O Z . -7.38 -17.97 25.07
C9B W4O Z . -6.30 -18.93 24.94
CAB W4O Z . -5.32 -18.90 24.04
CBB W4O Z . -5.05 -17.87 23.03
CCB W4O Z . -4.63 -18.61 21.79
CDB W4O Z . -3.71 -18.18 20.92
CEB W4O Z . -3.01 -16.89 21.07
CFB W4O Z . -2.58 -16.30 19.84
CGB W4O Z . -1.40 -16.42 19.25
CHB W4O Z . -0.26 -17.22 19.71
CIB W4O Z . 1.05 -16.46 19.66
O1B W4O Z . -13.41 -18.35 29.58
O1G W4O Z . -17.03 -18.44 27.38
C1G W4O Z . -16.37 -18.73 28.58
C2G W4O Z . -15.96 -17.47 29.42
O2G W4O Z . -14.85 -16.81 28.81
C3G W4O Z . -17.11 -16.43 29.43
O3G W4O Z . -18.26 -16.99 29.89
C1D W4O Z . -19.45 -16.25 29.65
C2D W4O Z . -20.57 -17.18 29.07
O2D W4O Z . -20.27 -17.48 27.74
C3D W4O Z . -21.91 -16.37 29.07
O3D W4O Z . -22.92 -17.23 28.67
C4D W4O Z . -22.19 -15.88 30.50
O4D W4O Z . -22.34 -16.94 31.36
C5D W4O Z . -21.00 -15.05 31.01
O5D W4O Z . -22.32 -13.56 32.13
C6D W4O Z . -21.24 -14.47 32.36
O6D W4O Z . -19.81 -15.73 30.90
C1E W4O Z . -23.23 -13.37 33.14
C2E W4O Z . -24.42 -12.46 32.74
O2E W4O Z . -25.24 -13.13 31.82
C3E W4O Z . -23.90 -11.11 32.16
O3E W4O Z . -24.96 -10.23 31.95
C4E W4O Z . -22.74 -10.50 33.09
O4E W4O Z . -23.36 -9.77 34.09
C5E W4O Z . -21.81 -11.61 33.72
O6E W4O Z . -22.52 -12.76 34.15
C6E W4O Z . -21.06 -11.06 35.01
O5E W4O Z . -19.86 -11.81 35.13
HA21 W4O Z . -16.91 -16.69 25.20
HA22 W4O Z . -18.05 -18.02 25.02
HA31 W4O Z . -16.69 -19.11 23.39
HA41 W4O Z . -14.94 -17.97 22.27
HA52 W4O Z . -15.35 -15.86 24.37
HA51 W4O Z . -14.71 -15.65 22.75
HA61 W4O Z . -12.98 -17.36 24.63
HA71 W4O Z . -11.38 -15.49 24.53
HA82 W4O Z . -13.78 -13.86 23.37
HA81 W4O Z . -12.33 -13.20 24.09
HA91 W4O Z . -12.61 -14.62 21.42
HAT1 W4O Z . -10.46 -13.84 20.87
HAE1 W4O Z . -9.32 -12.28 22.32
HAE2 W4O Z . -10.38 -12.65 23.67
HAW1 W4O Z . -9.21 -14.72 24.16
HAH1 W4O Z . -7.11 -15.24 23.13
HAF2 W4O Z . -7.46 -12.72 21.39
HAF1 W4O Z . -7.60 -14.23 20.53
HAN1 W4O Z . -5.44 -14.99 21.89
HAS1 W4O Z . -3.79 -13.26 21.39
HAV2 W4O Z . -5.75 -11.69 19.92
HAV1 W4O Z . -5.94 -11.23 21.63
HAG3 W4O Z . -4.31 -9.75 20.48
HAG2 W4O Z . -3.49 -10.67 21.73
HAG1 W4O Z . -3.32 -11.12 20.05
HB22 W4O Z . -12.66 -15.54 28.31
HB21 W4O Z . -12.71 -16.78 27.07
HB32 W4O Z . -11.06 -18.12 28.32
HB31 W4O Z . -11.01 -16.88 29.57
HB42 W4O Z . -10.52 -16.04 26.68
HB41 W4O Z . -9.97 -15.27 28.15
HB51 W4O Z . -8.50 -17.33 28.64
HB52 W4O Z . -8.98 -18.01 27.10
HB61 W4O Z . -7.49 -15.37 27.41
HB71 W4O Z . -6.36 -16.11 25.45
HB81 W4O Z . -8.24 -18.55 25.45
HB82 W4O Z . -7.66 -17.72 24.01
HB91 W4O Z . -6.31 -19.75 25.67
HBT1 W4O Z . -4.62 -19.75 24.03
HBE1 W4O Z . -5.95 -17.23 22.89
HBE2 W4O Z . -4.27 -17.16 23.43
HBW1 W4O Z . -5.13 -19.57 21.64
HBH1 W4O Z . -3.45 -18.78 20.05
HBF1 W4O Z . -3.68 -16.17 21.61
HBF2 W4O Z . -2.13 -17.03 21.74
HBN1 W4O Z . -3.33 -15.66 19.36
HBS1 W4O Z . -1.23 -15.89 18.31
HBV1 W4O Z . -0.43 -17.58 20.75
HBV2 W4O Z . -0.17 -18.15 19.10
HBG2 W4O Z . 0.92 -15.38 19.85
HBG3 W4O Z . 1.78 -16.82 20.39
HBG1 W4O Z . 1.55 -16.52 18.68
HG11 W4O Z . -15.48 -19.35 28.32
HG12 W4O Z . -17.03 -19.40 29.16
HG2 W4O Z . -15.71 -17.85 30.44
HG31 W4O Z . -17.28 -16.03 28.41
HG32 W4O Z . -16.84 -15.58 30.08
HD1 W4O Z . -19.30 -15.37 28.94
HD2 W4O Z . -20.67 -18.08 29.73
HO2D W4O Z . -21.03 -17.94 27.39
HD3 W4O Z . -21.83 -15.50 28.38
HO3D W4O Z . -23.19 -16.94 27.80
HD4 W4O Z . -23.14 -15.27 30.50
HO4D W4O Z . -23.05 -16.73 31.96
HD5 W4O Z . -20.80 -14.18 30.32
HD61 W4O Z . -20.32 -14.00 32.75
HD62 W4O Z . -21.49 -15.29 33.08
HE1 W4O Z . -23.65 -14.31 33.60
HE2 W4O Z . -25.03 -12.27 33.67
HO2E W4O Z . -25.95 -12.52 31.58
HE3 W4O Z . -23.47 -11.25 31.13
HO3E W4O Z . -24.61 -9.40 31.61
HE4 W4O Z . -22.07 -9.88 32.42
HO4E W4O Z . -22.80 -9.04 34.31
HE5 W4O Z . -21.03 -11.88 32.96
HE61 W4O Z . -20.84 -9.96 34.95
HE62 W4O Z . -21.68 -11.18 35.93
HO5E W4O Z . -19.59 -11.78 36.04
MG CLA AA . 5.95 -15.13 10.56
CHA CLA AA . 9.33 -14.39 11.15
CHB CLA AA . 6.39 -18.07 12.23
CHC CLA AA . 2.58 -15.48 10.81
CHD CLA AA . 5.48 -11.69 9.84
NA CLA AA . 7.60 -16.09 11.49
C1A CLA AA . 8.94 -15.65 11.57
C2A CLA AA . 9.84 -16.72 12.17
C3A CLA AA . 8.88 -17.91 12.41
C4A CLA AA . 7.52 -17.33 12.01
CMA CLA AA . 9.25 -19.15 11.66
CAA CLA AA . 10.47 -16.21 13.47
CBA CLA AA . 11.42 -17.21 14.08
CGA CLA AA . 12.61 -17.45 13.19
O1A CLA AA . 13.42 -16.63 12.82
O2A CLA AA . 12.73 -18.73 12.79
NB CLA AA . 4.71 -16.52 11.36
C1B CLA AA . 5.08 -17.68 11.93
C2B CLA AA . 3.90 -18.54 12.17
C3B CLA AA . 2.83 -17.83 11.77
C4B CLA AA . 3.33 -16.53 11.25
CMB CLA AA . 3.95 -19.85 12.81
CAB CLA AA . 1.45 -18.25 11.89
CBB CLA AA . 0.43 -17.93 11.13
NC CLA AA . 4.33 -13.80 10.38
C1C CLA AA . 3.04 -14.19 10.43
C2C CLA AA . 2.16 -13.09 10.02
C3C CLA AA . 3.01 -12.02 9.76
C4C CLA AA . 4.36 -12.48 9.97
CMC CLA AA . 0.71 -13.10 9.99
CAC CLA AA . 2.59 -10.68 9.33
CBC CLA AA . 2.33 -10.57 7.85
ND CLA AA . 7.10 -13.43 10.42
C1D CLA AA . 6.76 -12.10 10.07
C2D CLA AA . 8.00 -11.30 9.96
C3D CLA AA . 9.02 -12.16 10.30
C4D CLA AA . 8.40 -13.44 10.63
CMD CLA AA . 8.06 -9.89 9.57
CAD CLA AA . 10.43 -12.31 10.49
OBD CLA AA . 11.33 -11.56 10.22
CBD CLA AA . 10.66 -13.69 11.17
CGD CLA AA . 11.77 -14.47 10.56
O1D CLA AA . 11.72 -15.51 9.92
O2D CLA AA . 12.99 -13.90 10.77
CED CLA AA . 14.12 -14.56 10.26
C1 CLA AA . 13.60 -19.06 11.71
C2 CLA AA . 12.92 -18.60 10.49
C3 CLA AA . 12.17 -19.38 9.68
C4 CLA AA . 11.90 -20.82 9.93
C5 CLA AA . 11.52 -18.77 8.47
C6 CLA AA . 11.98 -19.30 7.12
C7 CLA AA . 13.46 -19.21 6.87
C8 CLA AA . 14.09 -17.82 6.93
C9 CLA AA . 13.68 -16.91 5.79
C10 CLA AA . 15.63 -17.95 6.95
C11 CLA AA . 16.18 -18.64 8.19
C12 CLA AA . 17.65 -18.34 8.42
C13 CLA AA . 18.27 -19.07 9.63
C14 CLA AA . 18.24 -20.57 9.41
C15 CLA AA . 17.63 -18.74 10.97
C16 CLA AA . 17.60 -17.25 11.30
C17 CLA AA . 18.95 -16.62 11.32
C18 CLA AA . 18.94 -15.20 11.83
C19 CLA AA . 20.30 -14.77 12.35
C20 CLA AA . 18.49 -14.23 10.77
HHB CLA AA . 6.51 -19.06 12.71
HHC CLA AA . 1.50 -15.62 10.74
HHD CLA AA . 5.32 -10.65 9.53
H2A CLA AA . 10.65 -17.00 11.45
H3A CLA AA . 8.86 -18.16 13.51
HMA1 CLA AA . 8.37 -19.82 11.55
HMA2 CLA AA . 10.06 -19.71 12.19
HMA3 CLA AA . 9.63 -18.89 10.63
HAA1 CLA AA . 9.66 -15.96 14.20
HAA2 CLA AA . 11.03 -15.25 13.27
HBA1 CLA AA . 10.88 -18.18 14.25
HBA2 CLA AA . 11.78 -16.83 15.08
HMB1 CLA AA . 3.07 -20.47 12.49
HMB2 CLA AA . 3.91 -19.74 13.93
HMB3 CLA AA . 4.88 -20.39 12.52
HAB CLA AA . 1.28 -18.94 12.75
HBB1 CLA AA . 0.52 -17.26 10.26
HBB2 CLA AA . -0.59 -18.31 11.29
HMC1 CLA AA . 0.31 -12.10 9.72
HMC2 CLA AA . 0.29 -13.40 10.98
HMC3 CLA AA . 0.35 -13.84 9.22
HAC1 CLA AA . 3.38 -9.93 9.61
HAC2 CLA AA . 1.65 -10.38 9.88
HBC1 CLA AA . 1.83 -9.60 7.61
HBC2 CLA AA . 1.67 -11.41 7.52
HBC3 CLA AA . 3.29 -10.63 7.29
HMD1 CLA AA . 9.12 -9.55 9.49
HMD2 CLA AA . 7.54 -9.26 10.33
HMD3 CLA AA . 7.57 -9.73 8.58
HBD CLA AA . 10.98 -13.51 12.24
HED1 CLA AA . 14.98 -13.99 10.68
HED2 CLA AA . 14.00 -14.47 9.15
HED3 CLA AA . 14.02 -15.60 10.65
H11 CLA AA . 13.78 -20.18 11.70
H12 CLA AA . 14.59 -18.55 11.87
H2 CLA AA . 13.09 -17.53 10.26
H41 CLA AA . 11.40 -21.30 9.06
H42 CLA AA . 11.23 -20.97 10.81
H43 CLA AA . 12.85 -21.38 10.13
H51 CLA AA . 11.70 -17.67 8.50
H52 CLA AA . 10.41 -18.94 8.57
H61 CLA AA . 11.44 -18.74 6.32
H62 CLA AA . 11.68 -20.38 7.03
H71 CLA AA . 13.66 -19.64 5.85
H72 CLA AA . 13.98 -19.87 7.61
H8 CLA AA . 13.72 -17.32 7.87
H91 CLA AA . 14.20 -15.93 5.86
H92 CLA AA . 12.58 -16.73 5.83
H93 CLA AA . 13.93 -17.37 4.80
H101 CLA AA . 16.08 -16.92 6.89
H102 CLA AA . 15.96 -18.51 6.05
H111 CLA AA . 16.03 -19.74 8.09
H112 CLA AA . 15.59 -18.31 9.09
H121 CLA AA . 17.78 -17.24 8.55
H122 CLA AA . 18.21 -18.63 7.49
H13 CLA AA . 19.34 -18.70 9.69
H141 CLA AA . 19.21 -21.03 9.71
H142 CLA AA . 18.06 -20.80 8.33
H143 CLA AA . 17.43 -21.04 10.02
H151 CLA AA . 18.19 -19.26 11.79
H152 CLA AA . 16.58 -19.13 10.99
H161 CLA AA . 17.10 -17.11 12.29
H162 CLA AA . 16.97 -16.73 10.53
H171 CLA AA . 19.39 -16.63 10.30
H172 CLA AA . 19.63 -17.24 11.98
H18 CLA AA . 18.20 -15.17 12.68
H191 CLA AA . 20.23 -13.76 12.83
H192 CLA AA . 21.03 -14.72 11.51
H193 CLA AA . 20.68 -15.51 13.11
H201 CLA AA . 18.72 -13.18 11.07
H202 CLA AA . 17.40 -14.31 10.59
H203 CLA AA . 19.03 -14.43 9.81
C1 PID BA . 23.19 -21.62 13.77
C2 PID BA . 24.68 -21.67 13.57
C3 PID BA . 25.14 -20.92 12.35
C4 PID BA . 24.41 -21.36 11.13
C5 PID BA . 22.88 -21.11 11.18
C6 PID BA . 22.29 -21.39 12.61
C7 PID BA . 20.85 -21.84 12.64
C8 PID BA . 19.88 -21.24 13.31
C9 PID BA . 18.50 -21.67 13.37
C10 PID BA . 17.99 -22.92 12.88
C11 PID BA . 17.41 -21.01 13.87
C12 PID BA . 16.26 -21.80 13.70
C13 PID BA . 14.97 -21.49 14.03
C14 PID BA . 13.75 -22.19 13.91
C15 PID BA . 12.60 -21.52 14.22
C16 PID BA . 11.29 -22.02 14.23
C17 PID BA . 10.20 -21.28 14.57
C18 PID BA . 8.88 -21.79 14.66
C19 PID BA . 7.81 -21.20 15.26
C20 PID BA . 6.53 -21.80 15.42
C21 PID BA . 5.45 -21.39 16.11
C22 PID BA . 4.30 -22.27 16.16
C23 PID BA . 3.31 -22.20 17.03
C24 PID BA . 2.28 -22.20 17.85
C25 PID BA . 0.95 -21.61 17.41
C26 PID BA . 0.38 -20.79 18.57
C27 PID BA . 0.26 -21.58 19.84
C28 PID BA . 1.62 -22.00 20.26
C29 PID BA . 2.37 -22.83 19.22
C30 PID BA . -1.00 -21.20 21.81
C31 PID BA . -1.43 -20.13 22.76
CM1 PID BA . 22.72 -22.31 14.99
CM2 PID BA . 22.23 -22.02 10.11
CM3 PID BA . 22.53 -19.67 10.84
CM4 PID BA . 13.75 -23.58 13.45
CM5 PID BA . 5.35 -20.09 16.78
CM6 PID BA . 1.15 -20.66 16.22
CM7 PID BA . -0.06 -22.71 17.00
CM8 PID BA . 3.77 -23.04 19.68
O1 PID BA . 22.61 -20.34 13.53
O2 PID BA . 26.56 -21.16 12.20
O3 PID BA . 18.52 -23.86 12.33
O4 PID BA . 16.62 -22.96 13.10
O5 PID BA . 1.70 -24.08 19.16
O6 PID BA . -0.34 -20.69 20.82
O7 PID BA . -1.19 -22.35 21.93
H21 PID BA . 24.97 -22.60 13.49
H22A PID BA . 25.14 -21.33 14.35
H3 PID BA . 24.98 -20.00 12.56
H41 PID BA . 24.78 -20.89 10.36
H42 PID BA . 24.58 -22.29 10.96
H7 PID BA . 20.67 -22.60 12.13
H8 PID BA . 20.02 -20.46 13.81
H11 PID BA . 17.37 -20.17 14.27
H13 PID BA . 14.90 -20.64 14.42
H15 PID BA . 12.68 -20.63 14.46
H16 PID BA . 11.19 -22.91 13.99
H17 PID BA . 10.29 -20.37 14.75
H18 PID BA . 8.73 -22.63 14.28
H19 PID BA . 7.90 -20.34 15.61
H20 PID BA . 6.44 -22.61 14.96
H22 PID BA . 4.25 -22.94 15.53
H261 PID BA . 0.94 -20.01 18.72
H262 PID BA . -0.50 -20.44 18.33
H27 PID BA . -0.28 -22.37 19.77
H281 PID BA . 2.15 -21.23 20.48
H282 PID BA . 1.56 -22.53 21.08
H311 PID BA . -1.16 -20.28 23.67
H312 PID BA . -1.07 -19.25 22.55
H313 PID BA . -2.38 -20.00 22.80
HM11 PID BA . 23.28 -22.07 15.74
HM12 PID BA . 22.76 -23.27 14.86
HM13 PID BA . 21.80 -22.05 15.18
HM21 PID BA . 22.70 -22.00 9.26
HM22 PID BA . 21.31 -21.77 9.93
HM23 PID BA . 22.21 -22.96 10.39
HM31 PID BA . 22.63 -19.50 9.88
HM32 PID BA . 23.12 -19.05 11.30
HM33 PID BA . 21.62 -19.46 11.09
HM41 PID BA . 14.59 -24.06 13.60
HM42 PID BA . 13.59 -23.69 12.49
HM43 PID BA . 13.09 -24.15 13.86
HM51 PID BA . 4.71 -19.49 16.37
HM52 PID BA . 5.08 -20.16 17.71
HM53 PID BA . 6.20 -19.61 16.79
HM61 PID BA . 0.33 -20.22 15.96
HM62 PID BA . 1.79 -19.96 16.41
HM63 PID BA . 1.47 -21.13 15.43
HM71 PID BA . 0.21 -23.15 16.17
HM72 PID BA . -0.95 -22.35 16.86
HM73 PID BA . -0.14 -23.40 17.68
HM81 PID BA . 3.79 -23.42 20.57
HM82 PID BA . 4.26 -22.22 19.71
HM83 PID BA . 4.24 -23.64 19.09
HO2 PID BA . 26.94 -20.82 12.87
HO5 PID BA . 2.09 -24.55 18.61
C1 PID CA . 15.65 -26.86 25.28
C2 PID CA . 16.43 -27.81 26.11
C3 PID CA . 17.76 -27.33 26.57
C4 PID CA . 17.84 -25.85 26.76
C5 PID CA . 17.45 -25.01 25.55
C6 PID CA . 16.12 -25.50 25.00
C7 PID CA . 15.61 -24.73 23.86
C8 PID CA . 14.47 -24.09 23.83
C9 PID CA . 14.00 -23.33 22.69
C10 PID CA . 14.57 -23.39 21.39
C11 PID CA . 12.98 -22.48 22.62
C12 PID CA . 12.89 -21.99 21.33
C13 PID CA . 11.99 -21.07 20.84
C14 PID CA . 11.70 -20.64 19.49
C15 PID CA . 10.70 -19.73 19.33
C16 PID CA . 10.19 -19.15 18.15
C17 PID CA . 9.13 -18.32 18.15
C18 PID CA . 8.52 -17.76 17.03
C19 PID CA . 7.35 -17.10 17.07
C20 PID CA . 6.61 -16.58 15.97
C21 PID CA . 5.40 -15.97 16.03
C22 PID CA . 4.77 -15.53 14.84
C23 PID CA . 3.53 -15.08 14.79
C24 PID CA . 2.30 -14.64 14.81
C25 PID CA . 1.96 -13.14 14.75
C26 PID CA . 0.90 -12.83 15.82
C27 PID CA . -0.29 -13.74 15.79
C28 PID CA . 0.13 -15.18 15.93
C29 PID CA . 1.14 -15.63 14.88
C30 PID CA . -2.38 -13.65 16.91
C31 PID CA . -3.10 -13.07 18.07
CM1 PID CA . 14.68 -27.50 24.35
CM2 PID CA . 18.57 -25.08 24.49
CM3 PID CA . 17.32 -23.54 25.91
CM4 PID CA . 12.51 -21.15 18.36
CM5 PID CA . 4.68 -15.67 17.30
CM6 PID CA . 3.22 -12.27 15.05
CM7 PID CA . 1.48 -12.75 13.40
CM8 PID CA . 1.57 -17.04 15.17
O1 PID CA . 15.18 -25.76 26.03
O2 PID CA . 18.75 -27.74 25.58
O3 PID CA . 15.52 -23.99 20.94
O4 PID CA . 13.87 -22.55 20.60
O5 PID CA . 0.48 -15.58 13.65
O6 PID CA . -1.09 -13.36 16.92
O7 PID CA . -2.87 -14.28 16.07
H21 PID CA . 16.55 -28.64 25.62
H22A PID CA . 15.91 -28.05 26.89
H3 PID CA . 17.90 -27.79 27.41
H41 PID CA . 17.28 -25.61 27.51
H42 PID CA . 18.73 -25.62 27.03
H7 PID CA . 16.18 -24.73 23.11
H8 PID CA . 13.88 -24.06 24.55
H11 PID CA . 12.38 -22.21 23.28
H13 PID CA . 11.47 -20.68 21.51
H15 PID CA . 10.29 -19.43 20.11
H16 PID CA . 10.63 -19.38 17.36
H17 PID CA . 8.75 -18.07 18.96
H18 PID CA . 8.94 -17.85 16.21
H19 PID CA . 6.96 -16.96 17.90
H20 PID CA . 7.01 -16.68 15.15
H22 PID CA . 5.25 -15.54 14.05
H261 PID CA . 1.31 -12.85 16.70
H262 PID CA . 0.60 -11.90 15.71
H27 PID CA . -0.80 -13.65 14.98
H281 PID CA . 0.51 -15.34 16.80
H282 PID CA . -0.64 -15.76 15.87
H311 PID CA . -2.53 -12.78 18.79
H312 PID CA . -3.63 -12.28 17.86
H313 PID CA . -3.73 -13.67 18.48
HM11 PID CA . 14.23 -28.24 24.79
HM12 PID CA . 14.02 -26.86 24.05
HM13 PID CA . 15.16 -27.86 23.58
HM21 PID CA . 19.45 -24.98 24.89
HM22 PID CA . 18.48 -24.38 23.82
HM23 PID CA . 18.57 -25.92 24.01
HM31 PID CA . 17.28 -22.98 25.12
HM32 PID CA . 16.52 -23.37 26.44
HM33 PID CA . 18.08 -23.24 26.44
HM41 PID CA . 12.74 -22.10 18.42
HM42 PID CA . 13.36 -20.72 18.23
HM43 PID CA . 12.08 -21.08 17.49
HM51 PID CA . 4.37 -14.75 17.36
HM52 PID CA . 3.88 -16.22 17.42
HM53 PID CA . 5.21 -15.81 18.10
HM61 PID CA . 3.67 -12.54 15.87
HM62 PID CA . 3.88 -12.34 14.34
HM63 PID CA . 3.01 -11.34 15.14
HM71 PID CA . 1.26 -11.81 13.36
HM72 PID CA . 2.13 -12.92 12.71
HM73 PID CA . 0.67 -13.23 13.16
HM81 PID CA . 2.13 -17.10 15.97
HM82 PID CA . 2.08 -17.41 14.44
HM83 PID CA . 0.80 -17.62 15.31
HO2 PID CA . 19.25 -28.30 25.95
HO5 PID CA . 0.10 -16.30 13.54
C1 PID DA . 25.27 -8.14 11.04
C2 PID DA . 26.74 -7.99 10.82
C3 PID DA . 27.06 -7.74 9.42
C4 PID DA . 26.54 -8.85 8.62
C5 PID DA . 25.07 -8.93 8.58
C6 PID DA . 24.44 -8.65 9.96
C7 PID DA . 23.10 -9.27 10.16
C8 PID DA . 22.00 -8.58 10.49
C9 PID DA . 20.69 -9.10 10.64
C10 PID DA . 20.29 -10.47 10.51
C11 PID DA . 19.54 -8.39 10.86
C12 PID DA . 18.45 -9.27 10.91
C13 PID DA . 17.14 -8.96 11.12
C14 PID DA . 15.96 -9.76 11.28
C15 PID DA . 14.80 -9.07 11.58
C16 PID DA . 13.54 -9.58 11.82
C17 PID DA . 12.49 -8.82 12.23
C18 PID DA . 11.23 -9.32 12.52
C19 PID DA . 10.17 -8.56 12.77
C20 PID DA . 8.88 -9.04 13.09
C21 PID DA . 7.75 -8.35 13.25
C22 PID DA . 6.55 -9.03 13.60
C23 PID DA . 5.38 -8.48 13.72
C24 PID DA . 4.23 -7.83 13.81
C25 PID DA . 3.40 -7.56 12.53
C26 PID DA . 2.99 -6.08 12.48
C27 PID DA . 2.45 -5.55 13.78
C28 PID DA . 3.43 -5.72 14.87
C29 PID DA . 3.79 -7.17 15.12
C30 PID DA . 0.95 -3.68 13.26
C31 PID DA . 0.88 -2.20 13.26
CM1 PID DA . 24.87 -8.24 12.47
CM2 PID DA . 24.73 -10.33 8.05
CM3 PID DA . 24.48 -7.89 7.60
CM4 PID DA . 16.02 -11.24 11.09
CM5 PID DA . 7.72 -6.89 13.08
CM6 PID DA . 4.21 -7.88 11.31
CM7 PID DA . 2.18 -8.43 12.48
CM8 PID DA . 4.84 -7.27 16.16
O1 PID DA . 24.49 -7.25 10.27
O2 PID DA . 28.50 -7.67 9.28
O3 PID DA . 20.90 -11.51 10.31
O4 PID DA . 18.91 -10.52 10.68
O5 PID DA . 2.62 -7.80 15.58
O6 PID DA . 2.16 -4.12 13.61
O7 PID DA . 0.04 -4.39 12.99
H21 PID DA . 27.10 -7.28 11.35
H22A PID DA . 27.21 -8.79 11.11
H3 PID DA . 26.68 -6.88 9.18
H41 PID DA . 26.88 -8.78 7.71
H42 PID DA . 26.91 -9.69 8.95
H7 PID DA . 23.06 -10.19 10.04
H8 PID DA . 22.04 -7.66 10.64
H11 PID DA . 19.43 -7.47 10.97
H13 PID DA . 17.00 -8.03 11.18
H15 PID DA . 14.86 -8.15 11.65
H16 PID DA . 13.44 -10.50 11.69
H17 PID DA . 12.60 -7.91 12.33
H18 PID DA . 11.12 -10.24 12.54
H19 PID DA . 10.25 -7.64 12.75
H20 PID DA . 8.83 -9.97 13.19
H22 PID DA . 6.60 -9.94 13.76
H261 PID DA . 3.76 -5.54 12.22
H262 PID DA . 2.34 -5.93 11.78
H27 PID DA . 1.62 -6.00 14.02
H281 PID DA . 3.09 -5.34 15.70
H282 PID DA . 4.24 -5.23 14.68
H311 PID DA . 0.81 -1.80 12.37
H312 PID DA . 0.13 -1.82 13.75
H313 PID DA . 1.66 -1.76 13.65
HM11 PID DA . 23.90 -8.26 12.55
HM12 PID DA . 25.20 -7.46 12.96
HM13 PID DA . 25.23 -9.03 12.87
HM21 PID DA . 24.88 -11.02 8.72
HM22 PID DA . 25.27 -10.56 7.28
HM23 PID DA . 23.80 -10.40 7.79
HM31 PID DA . 24.76 -8.08 6.68
HM32 PID DA . 24.78 -7.00 7.81
HM33 PID DA . 23.51 -7.89 7.62
HM41 PID DA . 15.37 -11.74 11.62
HM42 PID DA . 15.86 -11.54 10.19
HM43 PID DA . 16.86 -11.64 11.32
HM51 PID DA . 7.12 -6.45 13.70
HM52 PID DA . 8.58 -6.47 13.19
HM53 PID DA . 7.41 -6.62 12.20
HM61 PID DA . 4.48 -8.82 11.28
HM62 PID DA . 5.03 -7.36 11.27
HM63 PID DA . 3.72 -7.71 10.48
HM71 PID DA . 2.39 -9.37 12.58
HM72 PID DA . 1.71 -8.34 11.63
HM73 PID DA . 1.54 -8.20 13.18
HM81 PID DA . 5.07 -8.20 16.35
HM82 PID DA . 5.65 -6.82 15.89
HM83 PID DA . 4.55 -6.87 16.99
HO2 PID DA . 28.78 -7.18 9.90
HO5 PID DA . 2.77 -8.61 15.66
C1 PID EA . 19.27 -7.20 7.43
C2 PID EA . 20.55 -6.41 7.38
C3 PID EA . 20.35 -4.94 7.22
C4 PID EA . 19.40 -4.64 6.07
C5 PID EA . 17.99 -5.24 6.23
C6 PID EA . 18.02 -6.64 6.92
C7 PID EA . 16.95 -7.63 6.49
C8 PID EA . 16.05 -8.20 7.30
C9 PID EA . 15.08 -9.17 6.90
C10 PID EA . 14.80 -9.52 5.52
C11 PID EA . 14.32 -9.99 7.68
C12 PID EA . 13.56 -10.82 6.84
C13 PID EA . 12.68 -11.80 7.19
C14 PID EA . 12.07 -12.81 6.39
C15 PID EA . 11.28 -13.72 7.03
C16 PID EA . 10.51 -14.76 6.49
C17 PID EA . 9.83 -15.68 7.23
C18 PID EA . 8.98 -16.67 6.66
C19 PID EA . 8.16 -17.50 7.33
C20 PID EA . 7.25 -18.43 6.76
C21 PID EA . 6.42 -19.29 7.40
C22 PID EA . 5.54 -20.11 6.65
C23 PID EA . 4.58 -20.84 7.18
C24 PID EA . 3.62 -21.59 7.64
C25 PID EA . 2.30 -21.02 8.11
C26 PID EA . 2.10 -21.38 9.62
C27 PID EA . 2.34 -22.81 9.95
C28 PID EA . 3.67 -23.30 9.45
C29 PID EA . 3.91 -23.03 7.95
C30 PID EA . 2.14 -24.00 11.98
C31 PID EA . 2.26 -23.88 13.47
CM1 PID EA . 19.45 -8.65 7.48
CM2 PID EA . 17.39 -5.31 4.84
CM3 PID EA . 17.13 -4.32 7.06
CM4 PID EA . 12.28 -12.88 4.89
CM5 PID EA . 6.38 -19.46 8.88
CM6 PID EA . 2.30 -19.51 8.02
CM7 PID EA . 1.13 -21.49 7.28
CM8 PID EA . 5.29 -23.46 7.63
O1 PID EA . 18.29 -6.64 8.33
O2 PID EA . 21.66 -4.35 6.95
O3 PID EA . 15.22 -9.09 4.46
O4 PID EA . 13.85 -10.50 5.51
O5 PID EA . 3.00 -23.83 7.17
O6 PID EA . 2.34 -22.84 11.39
O7 PID EA . 1.91 -24.99 11.36
H21 PID EA . 21.11 -6.72 6.66
H22A PID EA . 21.08 -6.55 8.19
H3 PID EA . 20.01 -4.62 8.06
H41 PID EA . 19.33 -3.68 5.96
H42 PID EA . 19.79 -4.95 5.25
H7 PID EA . 16.96 -7.84 5.58
H8 PID EA . 16.00 -7.99 8.20
H11 PID EA . 14.27 -10.05 8.60
H13 PID EA . 12.46 -11.80 8.09
H15 PID EA . 11.25 -13.65 7.96
H16 PID EA . 10.48 -14.79 5.56
H17 PID EA . 9.89 -15.68 8.15
H18 PID EA . 8.99 -16.74 5.73
H19 PID EA . 8.16 -17.49 8.26
H20 PID EA . 7.24 -18.44 5.83
H22 PID EA . 5.63 -20.14 5.73
H261 PID EA . 2.69 -20.83 10.15
H262 PID EA . 1.21 -21.14 9.90
H27 PID EA . 1.67 -23.40 9.58
H281 PID EA . 4.39 -22.89 9.95
H282 PID EA . 3.75 -24.26 9.61
H311 PID EA . 1.43 -24.02 13.95
H312 PID EA . 2.56 -23.01 13.77
H313 PID EA . 2.88 -24.51 13.86
HM11 PID EA . 19.48 -9.00 6.57
HM12 PID EA . 20.27 -8.88 7.93
HM13 PID EA . 18.70 -9.06 7.94
HM21 PID EA . 17.82 -5.98 4.29
HM22 PID EA . 16.45 -5.53 4.87
HM23 PID EA . 17.47 -4.47 4.38
HM31 PID EA . 17.13 -3.41 6.70
HM32 PID EA . 17.43 -4.27 7.97
HM33 PID EA . 16.20 -4.63 7.07
HM41 PID EA . 12.23 -13.77 4.52
HM42 PID EA . 13.13 -12.55 4.59
HM43 PID EA . 11.65 -12.37 4.37
HM51 PID EA . 7.19 -19.15 9.33
HM52 PID EA . 5.64 -18.99 9.30
HM53 PID EA . 6.27 -20.39 9.15
HM61 PID EA . 2.38 -19.20 7.10
HM62 PID EA . 3.05 -19.11 8.50
HM63 PID EA . 1.49 -19.11 8.39
HM71 PID EA . 1.25 -21.31 6.34
HM72 PID EA . 0.30 -21.07 7.54
HM73 PID EA . 0.98 -22.45 7.37
HM81 PID EA . 5.95 -22.92 8.09
HM82 PID EA . 5.45 -24.39 7.88
HM83 PID EA . 5.48 -23.40 6.68
HO2 PID EA . 21.74 -3.68 7.46
HO5 PID EA . 3.20 -24.63 7.29
C1A W4O FA . 22.27 -14.49 16.87
C2A W4O FA . 22.51 -13.05 16.56
C3A W4O FA . 21.42 -12.18 17.06
C4A W4O FA . 20.16 -12.08 16.64
C5A W4O FA . 19.49 -12.83 15.57
C6A W4O FA . 18.19 -13.55 15.94
C7A W4O FA . 16.98 -13.34 15.37
C8A W4O FA . 16.69 -12.38 14.27
C9A W4O FA . 15.61 -11.56 14.79
CAA W4O FA . 14.29 -11.75 14.71
CBA W4O FA . 13.62 -12.91 14.09
CCA W4O FA . 13.28 -13.91 15.15
CDA W4O FA . 12.21 -13.90 15.93
CEA W4O FA . 11.14 -12.88 15.90
CFA W4O FA . 9.93 -13.58 16.37
CGA W4O FA . 8.73 -13.52 15.77
CHA W4O FA . 8.45 -12.77 14.51
CIA W4O FA . 7.19 -13.22 13.82
O1A W4O FA . 21.41 -14.86 17.64
C1B W4O FA . 20.26 -17.91 15.95
C2B W4O FA . 18.81 -17.53 15.66
C3B W4O FA . 17.80 -18.40 16.39
C4B W4O FA . 16.36 -17.89 16.18
C5B W4O FA . 15.32 -18.58 17.10
C6B W4O FA . 13.96 -18.06 16.95
C7B W4O FA . 13.33 -17.21 17.74
C8B W4O FA . 13.82 -16.55 18.96
C9B W4O FA . 13.08 -16.86 20.18
CAB W4O FA . 11.86 -16.37 20.50
CBB W4O FA . 11.02 -15.44 19.73
CCB W4O FA . 10.51 -14.43 20.73
CDB W4O FA . 9.25 -14.09 20.97
CEB W4O FA . 8.07 -14.66 20.27
CFB W4O FA . 7.15 -13.66 19.74
CGB W4O FA . 5.94 -13.32 20.15
CHB W4O FA . 5.18 -13.87 21.29
CIB W4O FA . 3.85 -14.41 20.82
O1B W4O FA . 20.61 -18.60 16.85
O1G W4O FA . 23.08 -15.36 16.27
C1G W4O FA . 22.98 -16.74 16.52
C2G W4O FA . 22.52 -17.56 15.30
O2G W4O FA . 21.13 -17.33 15.09
C3G W4O FA . 23.23 -17.12 14.00
O3G W4O FA . 24.58 -17.07 14.16
C1D W4O FA . 25.31 -16.35 13.21
C2D W4O FA . 26.49 -15.59 13.87
O2D W4O FA . 25.94 -14.50 14.53
C3D W4O FA . 27.45 -15.05 12.75
O3D W4O FA . 28.62 -14.59 13.37
C4D W4O FA . 27.82 -16.16 11.81
O4D W4O FA . 28.60 -17.05 12.47
C5D W4O FA . 26.58 -16.91 11.34
O5D W4O FA . 27.24 -17.37 9.18
C6D W4O FA . 26.85 -18.02 10.37
O6D W4O FA . 25.80 -17.32 12.37
C1E W4O FA . 28.50 -17.68 8.73
C2E W4O FA . 29.05 -16.73 7.65
O2E W4O FA . 29.01 -15.47 8.18
C3E W4O FA . 28.21 -16.80 6.36
O3E W4O FA . 28.85 -16.11 5.32
C4E W4O FA . 27.92 -18.29 5.95
O4E W4O FA . 29.10 -18.81 5.43
C5E W4O FA . 27.49 -19.11 7.19
O6E W4O FA . 28.40 -18.98 8.24
C6E W4O FA . 27.41 -20.63 6.87
O5E W4O FA . 26.04 -20.89 6.84
HA21 W4O FA . 23.47 -12.73 17.01
HA22 W4O FA . 22.62 -12.91 15.47
HA31 W4O FA . 21.71 -11.53 17.90
HA41 W4O FA . 19.50 -11.36 17.13
HA52 W4O FA . 19.33 -12.10 14.73
HA51 W4O FA . 20.25 -13.56 15.17
HA61 W4O FA . 18.28 -14.30 16.72
HA71 W4O FA . 16.09 -13.89 15.70
HA82 W4O FA . 17.54 -11.74 13.98
HA81 W4O FA . 16.37 -12.85 13.31
HA91 W4O FA . 15.96 -10.67 15.33
HAT1 W4O FA . 13.64 -10.99 15.13
HAE1 W4O FA . 14.26 -13.38 13.30
HAE2 W4O FA . 12.70 -12.60 13.55
HAW1 W4O FA . 14.01 -14.73 15.28
HAH1 W4O FA . 12.07 -14.71 16.65
HAF2 W4O FA . 10.97 -12.44 14.89
HAF1 W4O FA . 11.36 -12.00 16.53
HAN1 W4O FA . 10.07 -14.18 17.28
HAS1 W4O FA . 7.88 -14.06 16.21
HAV2 W4O FA . 8.36 -11.68 14.73
HAV1 W4O FA . 9.30 -12.88 13.81
HAG3 W4O FA . 6.85 -12.51 13.05
HAG2 W4O FA . 6.35 -13.34 14.51
HAG1 W4O FA . 7.31 -14.18 13.32
HB22 W4O FA . 18.63 -17.60 14.57
HB21 W4O FA . 18.64 -16.48 15.92
HB32 W4O FA . 17.88 -19.45 16.05
HB31 W4O FA . 18.02 -18.42 17.47
HB42 W4O FA . 16.30 -16.80 16.34
HB41 W4O FA . 16.04 -18.03 15.12
HB51 W4O FA . 15.60 -18.50 18.17
HB52 W4O FA . 15.27 -19.68 16.92
HB61 W4O FA . 13.40 -18.43 16.10
HB71 W4O FA . 12.30 -16.91 17.49
HB81 W4O FA . 14.88 -16.80 19.17
HB82 W4O FA . 13.83 -15.44 18.88
HB91 W4O FA . 13.58 -17.55 20.88
HBT1 W4O FA . 11.42 -16.69 21.45
HBE1 W4O FA . 10.22 -16.01 19.21
HBE2 W4O FA . 11.61 -15.00 18.89
HBW1 W4O FA . 11.31 -13.98 21.30
HBH1 W4O FA . 9.04 -13.33 21.73
HBF1 W4O FA . 8.41 -15.32 19.45
HBF2 W4O FA . 7.52 -15.33 20.98
HBN1 W4O FA . 7.54 -13.12 18.87
HBS1 W4O FA . 5.40 -12.55 19.60
HBV1 W4O FA . 5.75 -14.67 21.80
HBV2 W4O FA . 5.02 -13.09 22.06
HBG2 W4O FA . 3.56 -15.34 21.32
HBG3 W4O FA . 3.83 -14.62 19.74
HBG1 W4O FA . 3.02 -13.70 21.00
HG11 W4O FA . 22.30 -16.86 17.38
HG12 W4O FA . 23.98 -17.08 16.88
HG2 W4O FA . 22.75 -18.64 15.53
HG31 W4O FA . 22.87 -16.12 13.69
HG32 W4O FA . 23.00 -17.83 13.18
HD1 W4O FA . 24.69 -15.62 12.61
HD2 W4O FA . 27.07 -16.30 14.51
HO2D W4O FA . 26.24 -14.56 15.44
HD3 W4O FA . 26.94 -14.21 12.21
HO3D W4O FA . 28.64 -13.63 13.26
HD4 W4O FA . 28.37 -15.75 10.91
HO4D W4O FA . 29.45 -17.11 12.00
HD5 W4O FA . 25.91 -16.19 10.79
HD61 W4O FA . 25.93 -18.65 10.26
HD62 W4O FA . 27.63 -18.69 10.79
HE1 W4O FA . 29.28 -17.76 9.54
HE2 W4O FA . 30.10 -17.06 7.41
HO2E W4O FA . 29.87 -15.32 8.57
HE3 W4O FA . 27.23 -16.26 6.50
HO3E W4O FA . 28.35 -15.32 5.10
HE4 W4O FA . 27.08 -18.31 5.20
HO4E W4O FA . 28.88 -19.23 4.60
HE5 W4O FA . 26.46 -18.78 7.51
HE61 W4O FA . 27.89 -20.89 5.90
HE62 W4O FA . 27.93 -21.26 7.62
HO5E W4O FA . 25.89 -21.68 7.37
#